data_2KVI
#
_entry.id   2KVI
#
_cell.length_a   1.000
_cell.length_b   1.000
_cell.length_c   1.000
_cell.angle_alpha   90.00
_cell.angle_beta   90.00
_cell.angle_gamma   90.00
#
_symmetry.space_group_name_H-M   'P 1'
#
_entity_poly.entity_id   1
_entity_poly.type   'polypeptide(L)'
_entity_poly.pdbx_seq_one_letter_code
;MTEMHNIPPKSRLFIGNLPLKNVSKEDLFRIFSPYGHIMQINIKNAFGFIQFDNPQSVRDAIECESQEMNFGKKLILEVS
SSNARPQFDHGDHGTN
;
_entity_poly.pdbx_strand_id   A
#
# COMPACT_ATOMS: atom_id res chain seq x y z
N PRO A 9 15.15 4.72 1.05
CA PRO A 9 14.48 5.78 0.25
C PRO A 9 13.05 6.04 0.72
N LYS A 10 12.37 7.04 0.14
CA LYS A 10 10.91 7.20 0.29
C LYS A 10 10.13 6.91 -1.00
N SER A 11 8.96 6.34 -0.82
CA SER A 11 8.06 5.78 -1.83
C SER A 11 6.61 5.89 -1.37
N ARG A 12 5.62 5.68 -2.24
CA ARG A 12 4.19 5.91 -1.96
C ARG A 12 3.31 4.77 -2.50
N LEU A 13 2.47 4.22 -1.62
CA LEU A 13 1.51 3.15 -1.90
C LEU A 13 0.09 3.65 -1.62
N PHE A 14 -0.82 3.47 -2.58
CA PHE A 14 -2.25 3.82 -2.48
C PHE A 14 -3.12 2.55 -2.46
N ILE A 15 -4.17 2.53 -1.63
CA ILE A 15 -5.15 1.44 -1.55
C ILE A 15 -6.58 2.01 -1.47
N GLY A 16 -7.53 1.38 -2.16
CA GLY A 16 -8.98 1.53 -1.98
C GLY A 16 -9.66 0.21 -1.65
N ASN A 17 -10.81 0.26 -1.00
CA ASN A 17 -11.72 -0.85 -0.68
C ASN A 17 -11.21 -2.00 0.23
N LEU A 18 -9.90 -2.16 0.40
CA LEU A 18 -9.27 -3.08 1.35
C LEU A 18 -9.16 -2.52 2.81
N PRO A 19 -8.69 -1.28 3.06
CA PRO A 19 -8.38 -0.78 4.41
C PRO A 19 -9.61 -0.25 5.19
N LEU A 20 -10.77 -0.88 4.99
CA LEU A 20 -12.07 -0.49 5.56
C LEU A 20 -12.33 -1.19 6.90
N LYS A 21 -11.82 -2.41 7.07
CA LYS A 21 -11.64 -3.07 8.37
C LYS A 21 -10.61 -2.30 9.20
N ASN A 22 -10.75 -2.29 10.52
CA ASN A 22 -9.88 -1.57 11.45
C ASN A 22 -8.39 -1.83 11.20
N VAL A 23 -7.58 -0.78 11.18
CA VAL A 23 -6.14 -0.83 10.87
C VAL A 23 -5.36 0.19 11.68
N SER A 24 -4.18 -0.20 12.13
CA SER A 24 -3.16 0.65 12.75
C SER A 24 -1.79 0.29 12.17
N LYS A 25 -0.73 1.05 12.48
CA LYS A 25 0.59 0.90 11.85
C LYS A 25 1.14 -0.52 11.88
N GLU A 26 0.97 -1.26 12.98
CA GLU A 26 1.48 -2.63 13.07
C GLU A 26 0.76 -3.63 12.16
N ASP A 27 -0.55 -3.44 11.93
CA ASP A 27 -1.35 -4.34 11.08
C ASP A 27 -0.84 -4.33 9.63
N LEU A 28 -0.75 -3.14 9.05
CA LEU A 28 -0.18 -2.95 7.71
C LEU A 28 1.32 -3.27 7.68
N PHE A 29 2.05 -3.01 8.76
CA PHE A 29 3.47 -3.35 8.85
C PHE A 29 3.68 -4.87 8.76
N ARG A 30 2.93 -5.69 9.51
CA ARG A 30 3.12 -7.16 9.49
C ARG A 30 2.55 -7.83 8.25
N ILE A 31 1.43 -7.34 7.69
CA ILE A 31 0.87 -7.91 6.45
C ILE A 31 1.70 -7.54 5.21
N PHE A 32 2.43 -6.41 5.21
CA PHE A 32 3.33 -6.03 4.11
C PHE A 32 4.82 -6.32 4.35
N SER A 33 5.28 -6.59 5.58
CA SER A 33 6.72 -6.80 5.91
C SER A 33 7.48 -7.74 4.97
N PRO A 34 6.98 -8.95 4.60
CA PRO A 34 7.71 -9.82 3.68
C PRO A 34 7.61 -9.37 2.21
N TYR A 35 6.66 -8.51 1.85
CA TYR A 35 6.44 -8.01 0.49
C TYR A 35 7.27 -6.75 0.18
N GLY A 36 7.50 -5.89 1.18
CA GLY A 36 8.20 -4.63 1.01
C GLY A 36 8.77 -4.00 2.29
N HIS A 37 9.54 -2.92 2.11
CA HIS A 37 10.47 -2.40 3.12
C HIS A 37 9.90 -1.28 4.01
N ILE A 38 8.76 -0.67 3.66
CA ILE A 38 7.87 0.21 4.48
C ILE A 38 8.52 1.47 5.10
N MET A 39 7.75 2.54 5.34
CA MET A 39 8.20 3.76 6.04
C MET A 39 7.19 4.29 7.07
N GLN A 40 6.06 4.85 6.64
CA GLN A 40 5.13 5.60 7.51
C GLN A 40 3.69 5.57 6.96
N ILE A 41 2.68 5.81 7.81
CA ILE A 41 1.25 5.64 7.44
C ILE A 41 0.50 6.97 7.26
N ASN A 42 -0.57 6.95 6.44
CA ASN A 42 -1.59 7.99 6.39
C ASN A 42 -2.93 7.44 5.85
N ILE A 43 -3.84 7.01 6.72
CA ILE A 43 -5.10 6.34 6.33
C ILE A 43 -6.34 7.15 6.72
N LYS A 44 -7.31 7.25 5.80
CA LYS A 44 -8.59 7.96 5.93
C LYS A 44 -9.60 7.48 4.88
N ASN A 45 -10.88 7.47 5.23
CA ASN A 45 -12.03 7.11 4.38
C ASN A 45 -11.98 5.63 3.92
N ALA A 46 -12.74 5.24 2.89
CA ALA A 46 -12.72 3.93 2.23
C ALA A 46 -11.43 3.67 1.40
N PHE A 47 -10.32 4.29 1.81
CA PHE A 47 -9.02 4.31 1.17
C PHE A 47 -7.91 4.32 2.24
N GLY A 48 -6.66 4.23 1.82
CA GLY A 48 -5.51 4.35 2.71
C GLY A 48 -4.22 4.57 1.93
N PHE A 49 -3.34 5.40 2.48
CA PHE A 49 -2.04 5.72 1.90
C PHE A 49 -0.94 5.27 2.87
N ILE A 50 0.14 4.71 2.33
CA ILE A 50 1.28 4.25 3.11
C ILE A 50 2.54 4.65 2.35
N GLN A 51 3.44 5.39 2.97
CA GLN A 51 4.76 5.62 2.43
C GLN A 51 5.67 4.42 2.74
N PHE A 52 6.53 4.10 1.80
CA PHE A 52 7.36 2.91 1.80
C PHE A 52 8.84 3.25 1.57
N ASP A 53 9.69 2.29 1.86
CA ASP A 53 11.05 2.23 1.30
C ASP A 53 11.02 1.35 0.04
N ASN A 54 11.73 1.78 -1.02
CA ASN A 54 11.84 1.16 -2.34
C ASN A 54 10.50 0.95 -3.14
N PRO A 55 10.38 1.46 -4.38
CA PRO A 55 9.14 1.38 -5.17
C PRO A 55 8.85 -0.01 -5.75
N GLN A 56 9.86 -0.86 -5.95
CA GLN A 56 9.63 -2.27 -6.31
C GLN A 56 8.91 -3.00 -5.15
N SER A 57 9.31 -2.67 -3.92
CA SER A 57 8.68 -3.12 -2.69
C SER A 57 7.24 -2.61 -2.55
N VAL A 58 6.93 -1.39 -3.01
CA VAL A 58 5.54 -0.90 -3.14
C VAL A 58 4.71 -1.74 -4.10
N ARG A 59 5.20 -2.00 -5.33
CA ARG A 59 4.40 -2.77 -6.29
C ARG A 59 4.25 -4.23 -5.90
N ASP A 60 5.24 -4.84 -5.27
CA ASP A 60 5.08 -6.21 -4.76
C ASP A 60 4.10 -6.28 -3.58
N ALA A 61 4.04 -5.24 -2.74
CA ALA A 61 3.04 -5.12 -1.68
C ALA A 61 1.62 -5.16 -2.25
N ILE A 62 1.15 -4.15 -2.99
CA ILE A 62 -0.24 -4.15 -3.47
C ILE A 62 -0.54 -5.15 -4.60
N GLU A 63 0.42 -5.54 -5.44
CA GLU A 63 0.12 -6.49 -6.52
C GLU A 63 0.09 -7.95 -6.08
N CYS A 64 0.68 -8.30 -4.93
CA CYS A 64 0.65 -9.65 -4.38
C CYS A 64 -0.26 -9.79 -3.15
N GLU A 65 -0.44 -8.74 -2.34
CA GLU A 65 -1.42 -8.73 -1.24
C GLU A 65 -2.82 -8.34 -1.73
N SER A 66 -2.96 -7.27 -2.53
CA SER A 66 -4.27 -6.75 -2.97
C SER A 66 -4.71 -7.38 -4.30
N GLN A 67 -4.27 -6.86 -5.45
CA GLN A 67 -4.41 -7.49 -6.76
C GLN A 67 -3.43 -6.84 -7.76
N GLU A 68 -2.96 -7.60 -8.75
CA GLU A 68 -2.01 -7.13 -9.77
C GLU A 68 -2.64 -6.27 -10.88
N MET A 69 -3.95 -6.01 -10.81
CA MET A 69 -4.66 -5.06 -11.67
C MET A 69 -5.81 -4.40 -10.89
N ASN A 70 -6.07 -3.13 -11.17
CA ASN A 70 -7.21 -2.37 -10.63
C ASN A 70 -8.55 -2.72 -11.33
N PHE A 71 -9.67 -2.45 -10.65
CA PHE A 71 -11.02 -2.56 -11.20
C PHE A 71 -11.91 -1.42 -10.67
N GLY A 72 -12.54 -0.66 -11.57
CA GLY A 72 -13.31 0.55 -11.25
C GLY A 72 -14.41 0.30 -10.21
N LYS A 73 -14.51 1.19 -9.21
CA LYS A 73 -15.44 1.10 -8.06
C LYS A 73 -15.49 -0.29 -7.37
N LYS A 74 -14.40 -1.07 -7.42
CA LYS A 74 -14.35 -2.43 -6.86
C LYS A 74 -13.04 -2.76 -6.14
N LEU A 75 -11.90 -2.46 -6.75
CA LEU A 75 -10.59 -2.55 -6.11
C LEU A 75 -9.60 -1.58 -6.76
N ILE A 76 -9.08 -0.63 -6.00
CA ILE A 76 -8.19 0.44 -6.49
C ILE A 76 -6.85 0.35 -5.77
N LEU A 77 -5.75 0.48 -6.51
CA LEU A 77 -4.40 0.60 -5.98
C LEU A 77 -3.56 1.53 -6.85
N GLU A 78 -2.42 2.00 -6.34
CA GLU A 78 -1.41 2.69 -7.13
C GLU A 78 0.00 2.52 -6.53
N VAL A 79 0.99 2.34 -7.40
CA VAL A 79 2.43 2.50 -7.10
C VAL A 79 2.87 3.93 -7.44
N SER A 80 3.69 4.55 -6.59
CA SER A 80 4.21 5.89 -6.80
C SER A 80 5.60 6.06 -6.16
N SER A 81 6.50 6.74 -6.88
CA SER A 81 7.83 7.13 -6.42
C SER A 81 7.96 8.66 -6.32
N SER A 82 9.11 9.13 -5.86
CA SER A 82 9.49 10.55 -5.78
C SER A 82 11.01 10.70 -5.91
N ASN A 83 11.48 11.90 -6.25
CA ASN A 83 12.91 12.19 -6.30
C ASN A 83 13.54 12.15 -4.88
N ALA A 84 14.74 11.59 -4.76
CA ALA A 84 15.49 11.55 -3.50
C ALA A 84 15.98 12.95 -3.09
N ARG A 85 16.23 13.14 -1.79
CA ARG A 85 16.66 14.40 -1.15
C ARG A 85 15.72 15.58 -1.45
N PRO A 9 15.16 5.43 0.30
CA PRO A 9 14.26 6.21 -0.57
C PRO A 9 12.87 6.42 0.06
N LYS A 10 12.16 7.47 -0.32
CA LYS A 10 10.72 7.61 -0.08
C LYS A 10 9.91 6.98 -1.22
N SER A 11 8.74 6.44 -0.88
CA SER A 11 7.89 5.66 -1.78
C SER A 11 6.45 5.71 -1.25
N ARG A 12 5.44 5.53 -2.11
CA ARG A 12 4.03 5.72 -1.74
C ARG A 12 3.10 4.68 -2.38
N LEU A 13 2.35 3.99 -1.53
CA LEU A 13 1.43 2.90 -1.83
C LEU A 13 0.00 3.36 -1.49
N PHE A 14 -0.81 3.65 -2.51
CA PHE A 14 -2.22 4.03 -2.36
C PHE A 14 -3.14 2.81 -2.51
N ILE A 15 -4.23 2.74 -1.72
CA ILE A 15 -5.18 1.62 -1.71
C ILE A 15 -6.62 2.12 -1.62
N GLY A 16 -7.51 1.61 -2.48
CA GLY A 16 -8.96 1.79 -2.36
C GLY A 16 -9.69 0.47 -2.11
N ASN A 17 -10.83 0.56 -1.42
CA ASN A 17 -11.68 -0.59 -1.04
C ASN A 17 -11.00 -1.63 -0.12
N LEU A 18 -10.01 -1.19 0.68
CA LEU A 18 -9.35 -1.97 1.74
C LEU A 18 -9.16 -1.17 3.05
N PRO A 19 -8.69 0.10 3.07
CA PRO A 19 -8.45 0.86 4.32
C PRO A 19 -9.75 1.33 5.04
N LEU A 20 -10.88 0.68 4.75
CA LEU A 20 -12.16 0.79 5.46
C LEU A 20 -12.14 -0.03 6.77
N LYS A 21 -11.24 -1.02 6.86
CA LYS A 21 -10.94 -1.80 8.08
C LYS A 21 -10.24 -0.93 9.14
N ASN A 22 -10.22 -1.39 10.38
CA ASN A 22 -9.52 -0.75 11.49
C ASN A 22 -8.06 -1.21 11.49
N VAL A 23 -7.13 -0.33 11.07
CA VAL A 23 -5.71 -0.66 10.81
C VAL A 23 -4.78 0.35 11.50
N SER A 24 -3.70 -0.17 12.10
CA SER A 24 -2.65 0.59 12.78
C SER A 24 -1.26 0.29 12.20
N LYS A 25 -0.23 1.05 12.63
CA LYS A 25 1.17 0.90 12.18
C LYS A 25 1.62 -0.55 12.23
N GLU A 26 1.47 -1.20 13.38
CA GLU A 26 1.89 -2.60 13.56
C GLU A 26 1.17 -3.59 12.64
N ASP A 27 -0.09 -3.32 12.28
CA ASP A 27 -0.90 -4.25 11.49
C ASP A 27 -0.55 -4.22 10.00
N LEU A 28 -0.49 -3.02 9.41
CA LEU A 28 0.01 -2.85 8.05
C LEU A 28 1.51 -3.20 7.93
N PHE A 29 2.27 -3.01 9.02
CA PHE A 29 3.67 -3.42 9.09
C PHE A 29 3.82 -4.95 9.10
N ARG A 30 3.14 -5.69 9.98
CA ARG A 30 3.29 -7.15 10.06
C ARG A 30 2.74 -7.87 8.82
N ILE A 31 1.70 -7.36 8.18
CA ILE A 31 1.19 -7.96 6.93
C ILE A 31 2.14 -7.70 5.74
N PHE A 32 2.64 -6.47 5.54
CA PHE A 32 3.55 -6.15 4.43
C PHE A 32 5.06 -6.31 4.72
N SER A 33 5.47 -6.64 5.94
CA SER A 33 6.89 -6.90 6.32
C SER A 33 7.65 -7.81 5.34
N PRO A 34 7.13 -8.97 4.91
CA PRO A 34 7.80 -9.82 3.93
C PRO A 34 7.68 -9.31 2.49
N TYR A 35 6.77 -8.36 2.22
CA TYR A 35 6.50 -7.81 0.88
C TYR A 35 7.34 -6.55 0.56
N GLY A 36 7.82 -5.79 1.56
CA GLY A 36 8.58 -4.56 1.29
C GLY A 36 9.16 -3.84 2.52
N HIS A 37 10.01 -2.86 2.27
CA HIS A 37 10.89 -2.25 3.29
C HIS A 37 10.24 -1.23 4.25
N ILE A 38 9.06 -0.67 3.90
CA ILE A 38 8.17 0.21 4.72
C ILE A 38 8.79 1.57 5.15
N MET A 39 7.95 2.60 5.29
CA MET A 39 8.26 3.90 5.93
C MET A 39 7.14 4.28 6.93
N GLN A 40 6.18 5.12 6.52
CA GLN A 40 5.18 5.79 7.36
C GLN A 40 3.74 5.43 6.96
N ILE A 41 2.75 5.87 7.73
CA ILE A 41 1.34 5.44 7.55
C ILE A 41 0.38 6.63 7.37
N ASN A 42 -0.66 6.48 6.56
CA ASN A 42 -1.75 7.45 6.42
C ASN A 42 -3.08 6.81 5.94
N ILE A 43 -3.72 6.01 6.80
CA ILE A 43 -5.07 5.50 6.56
C ILE A 43 -6.08 6.64 6.79
N LYS A 44 -6.80 7.01 5.74
CA LYS A 44 -7.90 8.00 5.69
C LYS A 44 -8.88 7.62 4.58
N ASN A 45 -10.17 7.96 4.74
CA ASN A 45 -11.24 7.69 3.77
C ASN A 45 -11.39 6.20 3.39
N ALA A 46 -12.19 5.89 2.37
CA ALA A 46 -12.15 4.59 1.68
C ALA A 46 -10.86 4.38 0.83
N PHE A 47 -9.95 5.36 0.86
CA PHE A 47 -8.88 5.61 -0.10
C PHE A 47 -7.61 6.12 0.61
N GLY A 48 -7.07 5.31 1.51
CA GLY A 48 -5.89 5.61 2.32
C GLY A 48 -4.59 5.20 1.64
N PHE A 49 -3.45 5.54 2.25
CA PHE A 49 -2.14 5.16 1.74
C PHE A 49 -1.11 4.84 2.83
N ILE A 50 -0.01 4.21 2.39
CA ILE A 50 1.14 3.84 3.21
C ILE A 50 2.39 4.34 2.48
N GLN A 51 3.32 4.97 3.19
CA GLN A 51 4.63 5.28 2.65
C GLN A 51 5.57 4.09 2.83
N PHE A 52 6.41 3.82 1.84
CA PHE A 52 7.35 2.71 1.81
C PHE A 52 8.77 3.19 1.55
N ASP A 53 9.74 2.32 1.83
CA ASP A 53 11.09 2.41 1.28
C ASP A 53 11.19 1.48 0.06
N ASN A 54 11.90 1.94 -0.98
CA ASN A 54 11.94 1.40 -2.34
C ASN A 54 10.59 1.43 -3.12
N PRO A 55 10.60 1.58 -4.46
CA PRO A 55 9.41 1.48 -5.31
C PRO A 55 9.00 0.04 -5.58
N GLN A 56 9.96 -0.89 -5.69
CA GLN A 56 9.64 -2.31 -5.89
C GLN A 56 8.82 -2.86 -4.72
N SER A 57 9.11 -2.44 -3.47
CA SER A 57 8.30 -2.72 -2.27
C SER A 57 6.83 -2.32 -2.42
N VAL A 58 6.56 -1.14 -2.99
CA VAL A 58 5.20 -0.60 -3.14
C VAL A 58 4.40 -1.50 -4.06
N ARG A 59 4.94 -1.82 -5.23
CA ARG A 59 4.23 -2.66 -6.21
C ARG A 59 4.19 -4.13 -5.78
N ASP A 60 5.25 -4.68 -5.19
CA ASP A 60 5.25 -6.07 -4.71
C ASP A 60 4.24 -6.32 -3.59
N ALA A 61 3.96 -5.32 -2.74
CA ALA A 61 2.91 -5.38 -1.73
C ALA A 61 1.51 -5.55 -2.34
N ILE A 62 1.00 -4.57 -3.10
CA ILE A 62 -0.38 -4.60 -3.61
C ILE A 62 -0.60 -5.35 -4.93
N GLU A 63 0.41 -5.51 -5.79
CA GLU A 63 0.31 -6.41 -6.96
C GLU A 63 0.26 -7.89 -6.53
N CYS A 64 0.60 -8.20 -5.28
CA CYS A 64 0.52 -9.54 -4.69
C CYS A 64 -0.68 -9.69 -3.71
N GLU A 65 -1.01 -8.66 -2.93
CA GLU A 65 -2.11 -8.70 -1.96
C GLU A 65 -3.47 -8.33 -2.57
N SER A 66 -3.51 -7.29 -3.42
CA SER A 66 -4.66 -6.84 -4.21
C SER A 66 -4.52 -7.29 -5.68
N GLN A 67 -3.93 -8.46 -5.87
CA GLN A 67 -3.49 -9.01 -7.15
C GLN A 67 -4.59 -9.04 -8.22
N GLU A 68 -4.24 -8.67 -9.45
CA GLU A 68 -5.13 -8.74 -10.62
C GLU A 68 -5.55 -10.20 -10.92
N MET A 69 -6.78 -10.40 -11.40
CA MET A 69 -7.39 -11.73 -11.61
C MET A 69 -7.50 -12.59 -10.32
N ASN A 70 -7.50 -11.94 -9.15
CA ASN A 70 -7.59 -12.60 -7.84
C ASN A 70 -8.34 -11.74 -6.79
N PHE A 71 -8.00 -10.45 -6.71
CA PHE A 71 -8.66 -9.41 -5.90
C PHE A 71 -8.84 -8.08 -6.66
N GLY A 72 -8.14 -7.88 -7.79
CA GLY A 72 -8.16 -6.65 -8.59
C GLY A 72 -9.53 -6.30 -9.19
N LYS A 73 -10.49 -7.23 -9.24
CA LYS A 73 -11.85 -6.97 -9.71
C LYS A 73 -12.67 -6.07 -8.76
N LYS A 74 -12.31 -6.01 -7.47
CA LYS A 74 -12.94 -5.12 -6.47
C LYS A 74 -11.98 -4.21 -5.72
N LEU A 75 -10.69 -4.52 -5.67
CA LEU A 75 -9.65 -3.67 -5.06
C LEU A 75 -9.06 -2.72 -6.10
N ILE A 76 -8.60 -1.54 -5.67
CA ILE A 76 -7.79 -0.63 -6.48
C ILE A 76 -6.51 -0.23 -5.75
N LEU A 77 -5.48 0.14 -6.51
CA LEU A 77 -4.19 0.58 -5.98
C LEU A 77 -3.52 1.65 -6.85
N GLU A 78 -2.51 2.33 -6.31
CA GLU A 78 -1.53 3.05 -7.12
C GLU A 78 -0.11 2.92 -6.55
N VAL A 79 0.86 2.67 -7.43
CA VAL A 79 2.32 2.72 -7.12
C VAL A 79 2.88 4.11 -7.44
N SER A 80 3.70 4.66 -6.56
CA SER A 80 4.26 6.01 -6.66
C SER A 80 5.50 6.19 -5.79
N SER A 81 6.26 7.27 -5.98
CA SER A 81 7.36 7.67 -5.07
C SER A 81 7.62 9.18 -4.95
N SER A 82 6.84 10.00 -5.66
CA SER A 82 6.87 11.46 -5.62
C SER A 82 5.54 12.03 -6.16
N ASN A 83 5.32 13.34 -6.01
CA ASN A 83 4.23 14.06 -6.68
C ASN A 83 4.63 14.40 -8.14
N ALA A 84 3.67 14.49 -9.06
CA ALA A 84 3.89 14.89 -10.45
C ALA A 84 3.54 16.36 -10.78
N ARG A 85 2.85 17.07 -9.88
CA ARG A 85 2.40 18.48 -10.06
C ARG A 85 2.50 19.28 -8.78
N PRO A 9 15.49 4.68 -0.07
CA PRO A 9 14.61 5.46 -0.97
C PRO A 9 13.32 5.91 -0.28
N LYS A 10 12.59 6.85 -0.90
CA LYS A 10 11.26 7.28 -0.45
C LYS A 10 10.21 7.03 -1.54
N SER A 11 9.16 6.29 -1.19
CA SER A 11 8.15 5.75 -2.09
C SER A 11 6.74 5.87 -1.52
N ARG A 12 5.70 5.76 -2.35
CA ARG A 12 4.30 6.01 -1.96
C ARG A 12 3.37 4.92 -2.50
N LEU A 13 2.61 4.32 -1.59
CA LEU A 13 1.64 3.26 -1.79
C LEU A 13 0.24 3.81 -1.53
N PHE A 14 -0.66 3.66 -2.50
CA PHE A 14 -2.11 3.85 -2.31
C PHE A 14 -2.87 2.57 -2.65
N ILE A 15 -3.72 2.12 -1.73
CA ILE A 15 -4.77 1.14 -1.99
C ILE A 15 -6.08 1.91 -2.19
N GLY A 16 -6.86 1.55 -3.22
CA GLY A 16 -8.25 1.97 -3.36
C GLY A 16 -9.15 1.38 -2.26
N ASN A 17 -10.47 1.32 -2.52
CA ASN A 17 -11.48 0.97 -1.53
C ASN A 17 -11.45 -0.52 -1.11
N LEU A 18 -10.45 -0.91 -0.32
CA LEU A 18 -10.30 -2.22 0.32
C LEU A 18 -10.04 -2.13 1.84
N PRO A 19 -9.28 -1.14 2.37
CA PRO A 19 -9.19 -0.85 3.81
C PRO A 19 -10.49 -0.35 4.48
N LEU A 20 -11.65 -0.94 4.18
CA LEU A 20 -12.95 -0.63 4.78
C LEU A 20 -13.03 -1.03 6.27
N LYS A 21 -12.12 -1.88 6.76
CA LYS A 21 -11.95 -2.23 8.19
C LYS A 21 -10.86 -1.37 8.84
N ASN A 22 -10.80 -1.38 10.16
CA ASN A 22 -9.71 -0.78 10.93
C ASN A 22 -8.36 -1.45 10.60
N VAL A 23 -7.36 -0.64 10.22
CA VAL A 23 -5.97 -1.06 9.97
C VAL A 23 -5.05 -0.15 10.76
N SER A 24 -4.24 -0.71 11.65
CA SER A 24 -3.25 0.04 12.44
C SER A 24 -1.83 -0.10 11.86
N LYS A 25 -0.87 0.69 12.36
CA LYS A 25 0.52 0.69 11.85
C LYS A 25 1.15 -0.72 11.84
N GLU A 26 0.90 -1.52 12.87
CA GLU A 26 1.39 -2.90 12.98
C GLU A 26 0.70 -3.87 12.01
N ASP A 27 -0.57 -3.66 11.64
CA ASP A 27 -1.29 -4.57 10.74
C ASP A 27 -0.73 -4.49 9.32
N LEU A 28 -0.66 -3.28 8.75
CA LEU A 28 -0.03 -3.05 7.45
C LEU A 28 1.47 -3.40 7.47
N PHE A 29 2.16 -3.20 8.60
CA PHE A 29 3.55 -3.60 8.74
C PHE A 29 3.71 -5.12 8.69
N ARG A 30 2.96 -5.90 9.48
CA ARG A 30 3.08 -7.37 9.50
C ARG A 30 2.64 -8.02 8.18
N ILE A 31 1.57 -7.53 7.54
CA ILE A 31 1.09 -8.13 6.28
C ILE A 31 2.02 -7.83 5.09
N PHE A 32 2.74 -6.69 5.11
CA PHE A 32 3.70 -6.32 4.06
C PHE A 32 5.17 -6.58 4.42
N SER A 33 5.50 -7.05 5.64
CA SER A 33 6.89 -7.22 6.12
C SER A 33 7.80 -7.97 5.14
N PRO A 34 7.46 -9.18 4.63
CA PRO A 34 8.28 -9.85 3.63
C PRO A 34 8.19 -9.25 2.22
N TYR A 35 7.13 -8.49 1.93
CA TYR A 35 6.85 -7.95 0.60
C TYR A 35 7.54 -6.59 0.37
N GLY A 36 7.93 -5.88 1.44
CA GLY A 36 8.48 -4.54 1.34
C GLY A 36 9.25 -3.97 2.53
N HIS A 37 9.84 -2.77 2.34
CA HIS A 37 10.80 -2.15 3.28
C HIS A 37 10.28 -0.93 4.07
N ILE A 38 9.07 -0.40 3.77
CA ILE A 38 8.25 0.54 4.59
C ILE A 38 8.86 1.93 4.90
N MET A 39 8.02 2.95 5.16
CA MET A 39 8.41 4.24 5.78
C MET A 39 7.39 4.75 6.81
N GLN A 40 6.17 5.09 6.38
CA GLN A 40 5.22 5.91 7.16
C GLN A 40 3.74 5.61 6.81
N ILE A 41 2.79 5.95 7.68
CA ILE A 41 1.36 5.57 7.55
C ILE A 41 0.45 6.80 7.48
N ASN A 42 -0.62 6.74 6.68
CA ASN A 42 -1.77 7.65 6.78
C ASN A 42 -3.06 7.04 6.18
N ILE A 43 -3.93 6.46 7.02
CA ILE A 43 -5.18 5.79 6.56
C ILE A 43 -6.43 6.58 6.98
N LYS A 44 -7.37 6.77 6.05
CA LYS A 44 -8.71 7.38 6.21
C LYS A 44 -9.67 6.82 5.14
N ASN A 45 -10.98 6.99 5.34
CA ASN A 45 -12.02 6.54 4.41
C ASN A 45 -11.96 5.01 4.14
N ALA A 46 -12.55 4.54 3.04
CA ALA A 46 -12.48 3.15 2.59
C ALA A 46 -11.12 2.76 1.98
N PHE A 47 -10.24 3.73 1.71
CA PHE A 47 -8.94 3.57 1.07
C PHE A 47 -7.78 3.67 2.08
N GLY A 48 -6.53 3.70 1.61
CA GLY A 48 -5.39 3.95 2.51
C GLY A 48 -4.12 4.39 1.79
N PHE A 49 -3.34 5.25 2.43
CA PHE A 49 -2.01 5.67 1.98
C PHE A 49 -0.93 5.19 2.96
N ILE A 50 0.17 4.70 2.41
CA ILE A 50 1.35 4.27 3.17
C ILE A 50 2.58 4.74 2.37
N GLN A 51 3.56 5.35 3.01
CA GLN A 51 4.85 5.61 2.37
C GLN A 51 5.82 4.48 2.69
N PHE A 52 6.76 4.23 1.78
CA PHE A 52 7.59 3.03 1.71
C PHE A 52 9.05 3.36 1.38
N ASP A 53 9.94 2.45 1.76
CA ASP A 53 11.28 2.35 1.21
C ASP A 53 11.25 1.32 0.05
N ASN A 54 11.98 1.59 -1.04
CA ASN A 54 11.94 0.93 -2.36
C ASN A 54 10.57 0.97 -3.11
N PRO A 55 10.49 1.40 -4.39
CA PRO A 55 9.25 1.30 -5.18
C PRO A 55 8.82 -0.13 -5.51
N GLN A 56 9.75 -1.09 -5.61
CA GLN A 56 9.36 -2.51 -5.80
C GLN A 56 8.68 -3.08 -4.55
N SER A 57 9.03 -2.59 -3.35
CA SER A 57 8.28 -2.89 -2.12
C SER A 57 6.84 -2.38 -2.16
N VAL A 58 6.58 -1.24 -2.83
CA VAL A 58 5.22 -0.71 -3.00
C VAL A 58 4.39 -1.62 -3.90
N ARG A 59 4.86 -1.93 -5.12
CA ARG A 59 4.10 -2.82 -6.02
C ARG A 59 3.90 -4.20 -5.42
N ASP A 60 4.93 -4.80 -4.81
CA ASP A 60 4.80 -6.15 -4.23
C ASP A 60 3.94 -6.22 -2.96
N ALA A 61 3.71 -5.10 -2.27
CA ALA A 61 2.69 -5.01 -1.24
C ALA A 61 1.27 -5.07 -1.86
N ILE A 62 0.92 -4.10 -2.71
CA ILE A 62 -0.46 -3.95 -3.22
C ILE A 62 -0.84 -5.08 -4.19
N GLU A 63 0.11 -5.54 -5.01
CA GLU A 63 -0.08 -6.61 -6.00
C GLU A 63 -0.08 -8.01 -5.38
N CYS A 64 0.20 -8.15 -4.07
CA CYS A 64 0.24 -9.45 -3.38
C CYS A 64 -0.84 -9.59 -2.31
N GLU A 65 -1.27 -8.52 -1.61
CA GLU A 65 -2.34 -8.60 -0.60
C GLU A 65 -3.62 -7.82 -0.94
N SER A 66 -3.53 -6.78 -1.77
CA SER A 66 -4.68 -5.96 -2.16
C SER A 66 -5.06 -6.15 -3.65
N GLN A 67 -4.65 -7.27 -4.23
CA GLN A 67 -5.01 -7.65 -5.59
C GLN A 67 -6.46 -8.17 -5.69
N GLU A 68 -7.01 -8.11 -6.90
CA GLU A 68 -8.39 -8.48 -7.22
C GLU A 68 -8.40 -9.37 -8.47
N MET A 69 -9.11 -10.49 -8.40
CA MET A 69 -9.04 -11.57 -9.38
C MET A 69 -10.40 -12.27 -9.62
N ASN A 70 -11.49 -11.79 -9.00
CA ASN A 70 -12.85 -12.28 -9.20
C ASN A 70 -13.54 -11.55 -10.38
N PHE A 71 -13.17 -10.30 -10.65
CA PHE A 71 -13.49 -9.53 -11.86
C PHE A 71 -12.24 -8.90 -12.49
N GLY A 72 -11.14 -8.78 -11.74
CA GLY A 72 -9.83 -8.25 -12.17
C GLY A 72 -9.74 -6.73 -12.28
N LYS A 73 -10.86 -6.01 -12.09
CA LYS A 73 -11.03 -4.57 -12.32
C LYS A 73 -11.94 -3.86 -11.30
N LYS A 74 -12.47 -4.58 -10.30
CA LYS A 74 -13.40 -4.05 -9.28
C LYS A 74 -12.67 -3.26 -8.18
N LEU A 75 -11.35 -3.46 -8.04
CA LEU A 75 -10.45 -2.66 -7.20
C LEU A 75 -9.34 -2.01 -8.02
N ILE A 76 -8.71 -0.96 -7.47
CA ILE A 76 -7.60 -0.22 -8.07
C ILE A 76 -6.57 0.21 -7.01
N LEU A 77 -5.40 0.62 -7.47
CA LEU A 77 -4.26 1.04 -6.67
C LEU A 77 -3.39 2.07 -7.40
N GLU A 78 -2.38 2.59 -6.70
CA GLU A 78 -1.36 3.44 -7.32
C GLU A 78 0.00 3.27 -6.61
N VAL A 79 1.01 2.84 -7.37
CA VAL A 79 2.43 2.86 -7.00
C VAL A 79 3.03 4.21 -7.43
N SER A 80 3.67 4.91 -6.49
CA SER A 80 4.09 6.31 -6.66
C SER A 80 5.33 6.65 -5.83
N SER A 81 5.74 7.92 -5.78
CA SER A 81 6.83 8.43 -4.93
C SER A 81 6.33 9.47 -3.91
N SER A 82 7.01 9.57 -2.77
CA SER A 82 6.64 10.44 -1.64
C SER A 82 6.70 11.94 -1.95
N ASN A 83 7.22 12.31 -3.12
CA ASN A 83 7.22 13.67 -3.66
C ASN A 83 5.80 14.17 -4.03
N ALA A 84 4.80 13.28 -4.07
CA ALA A 84 3.38 13.63 -4.16
C ALA A 84 2.69 13.60 -2.78
N ARG A 85 1.74 14.52 -2.58
CA ARG A 85 0.90 14.66 -1.38
C ARG A 85 -0.58 14.46 -1.71
N PRO A 9 15.21 4.97 0.73
CA PRO A 9 14.43 6.03 0.07
C PRO A 9 12.97 6.06 0.55
N LYS A 10 12.12 6.86 -0.08
CA LYS A 10 10.67 6.94 0.17
C LYS A 10 9.87 6.78 -1.14
N SER A 11 8.69 6.19 -1.01
CA SER A 11 7.80 5.76 -2.09
C SER A 11 6.37 5.74 -1.53
N ARG A 12 5.34 5.86 -2.38
CA ARG A 12 3.93 5.93 -1.94
C ARG A 12 3.11 4.76 -2.46
N LEU A 13 2.31 4.19 -1.56
CA LEU A 13 1.47 3.01 -1.69
C LEU A 13 0.02 3.42 -1.41
N PHE A 14 -0.77 3.61 -2.46
CA PHE A 14 -2.21 3.83 -2.32
C PHE A 14 -3.00 2.57 -2.64
N ILE A 15 -4.00 2.24 -1.81
CA ILE A 15 -5.04 1.25 -2.09
C ILE A 15 -6.39 1.98 -2.00
N GLY A 16 -7.29 1.71 -2.95
CA GLY A 16 -8.67 2.21 -2.92
C GLY A 16 -9.52 1.59 -1.82
N ASN A 17 -10.83 1.49 -2.05
CA ASN A 17 -11.82 1.11 -1.04
C ASN A 17 -11.74 -0.40 -0.72
N LEU A 18 -10.87 -0.73 0.22
CA LEU A 18 -10.43 -2.08 0.57
C LEU A 18 -10.11 -2.22 2.08
N PRO A 19 -9.27 -1.37 2.72
CA PRO A 19 -9.13 -1.33 4.16
C PRO A 19 -10.35 -0.65 4.81
N LEU A 20 -11.49 -1.35 4.82
CA LEU A 20 -12.74 -0.89 5.43
C LEU A 20 -12.72 -1.04 6.96
N LYS A 21 -12.11 -2.12 7.46
CA LYS A 21 -12.00 -2.43 8.90
C LYS A 21 -11.01 -1.53 9.63
N ASN A 22 -11.10 -1.48 10.96
CA ASN A 22 -10.12 -0.83 11.80
C ASN A 22 -8.75 -1.51 11.69
N VAL A 23 -7.71 -0.71 11.50
CA VAL A 23 -6.34 -1.13 11.17
C VAL A 23 -5.35 -0.11 11.75
N SER A 24 -4.12 -0.54 12.07
CA SER A 24 -3.09 0.29 12.70
C SER A 24 -1.73 0.13 12.00
N LYS A 25 -0.76 1.02 12.30
CA LYS A 25 0.61 0.97 11.76
C LYS A 25 1.26 -0.40 11.95
N GLU A 26 1.11 -1.02 13.12
CA GLU A 26 1.62 -2.36 13.38
C GLU A 26 0.90 -3.45 12.56
N ASP A 27 -0.38 -3.29 12.23
CA ASP A 27 -1.12 -4.28 11.44
C ASP A 27 -0.70 -4.25 9.96
N LEU A 28 -0.66 -3.08 9.33
CA LEU A 28 -0.16 -2.96 7.97
C LEU A 28 1.35 -3.30 7.87
N PHE A 29 2.13 -2.99 8.93
CA PHE A 29 3.52 -3.40 9.03
C PHE A 29 3.68 -4.92 9.16
N ARG A 30 2.93 -5.58 10.05
CA ARG A 30 3.06 -7.03 10.27
C ARG A 30 2.55 -7.87 9.09
N ILE A 31 1.58 -7.38 8.31
CA ILE A 31 1.10 -8.07 7.11
C ILE A 31 1.96 -7.78 5.87
N PHE A 32 2.45 -6.56 5.65
CA PHE A 32 3.30 -6.23 4.50
C PHE A 32 4.81 -6.41 4.73
N SER A 33 5.29 -6.68 5.95
CA SER A 33 6.73 -6.90 6.22
C SER A 33 7.43 -7.89 5.27
N PRO A 34 6.88 -9.07 4.92
CA PRO A 34 7.52 -9.96 3.93
C PRO A 34 7.34 -9.49 2.47
N TYR A 35 6.42 -8.55 2.21
CA TYR A 35 6.19 -7.99 0.87
C TYR A 35 7.10 -6.80 0.55
N GLY A 36 7.41 -5.94 1.53
CA GLY A 36 8.20 -4.74 1.27
C GLY A 36 8.86 -4.03 2.46
N HIS A 37 9.54 -2.93 2.16
CA HIS A 37 10.57 -2.32 3.02
C HIS A 37 10.07 -1.23 3.99
N ILE A 38 8.85 -0.69 3.82
CA ILE A 38 8.14 0.26 4.72
C ILE A 38 8.83 1.64 4.96
N MET A 39 8.05 2.68 5.28
CA MET A 39 8.52 4.00 5.71
C MET A 39 7.61 4.67 6.76
N GLN A 40 6.33 4.91 6.43
CA GLN A 40 5.37 5.70 7.22
C GLN A 40 3.92 5.39 6.77
N ILE A 41 2.88 5.87 7.47
CA ILE A 41 1.48 5.54 7.18
C ILE A 41 0.57 6.78 7.11
N ASN A 42 -0.52 6.67 6.35
CA ASN A 42 -1.71 7.53 6.41
C ASN A 42 -2.92 6.70 5.93
N ILE A 43 -4.06 6.80 6.62
CA ILE A 43 -5.29 6.03 6.33
C ILE A 43 -6.50 6.94 6.52
N LYS A 44 -7.46 6.91 5.61
CA LYS A 44 -8.70 7.73 5.69
C LYS A 44 -9.90 6.97 5.11
N ASN A 45 -11.07 7.14 5.72
CA ASN A 45 -12.32 6.50 5.30
C ASN A 45 -12.10 5.00 4.97
N ALA A 46 -12.45 4.54 3.77
CA ALA A 46 -12.35 3.15 3.31
C ALA A 46 -10.98 2.77 2.69
N PHE A 47 -9.99 3.67 2.68
CA PHE A 47 -8.81 3.58 1.82
C PHE A 47 -7.47 3.88 2.54
N GLY A 48 -6.37 3.39 1.96
CA GLY A 48 -5.03 3.44 2.56
C GLY A 48 -4.04 4.22 1.69
N PHE A 49 -3.23 5.08 2.31
CA PHE A 49 -2.23 5.92 1.65
C PHE A 49 -0.88 5.81 2.37
N ILE A 50 -0.31 4.60 2.34
CA ILE A 50 0.88 4.21 3.08
C ILE A 50 2.14 4.68 2.34
N GLN A 51 3.26 4.82 3.04
CA GLN A 51 4.56 5.18 2.48
C GLN A 51 5.55 4.04 2.75
N PHE A 52 6.30 3.63 1.73
CA PHE A 52 7.26 2.54 1.79
C PHE A 52 8.65 3.02 1.36
N ASP A 53 9.69 2.31 1.80
CA ASP A 53 10.99 2.35 1.12
C ASP A 53 10.92 1.45 -0.13
N ASN A 54 11.67 1.78 -1.17
CA ASN A 54 11.76 1.11 -2.49
C ASN A 54 10.43 0.94 -3.27
N PRO A 55 10.32 1.43 -4.53
CA PRO A 55 9.09 1.35 -5.31
C PRO A 55 8.73 -0.08 -5.73
N GLN A 56 9.72 -0.96 -5.89
CA GLN A 56 9.47 -2.40 -6.09
C GLN A 56 8.69 -3.01 -4.91
N SER A 57 8.91 -2.50 -3.70
CA SER A 57 8.31 -2.98 -2.47
C SER A 57 6.88 -2.46 -2.29
N VAL A 58 6.60 -1.25 -2.80
CA VAL A 58 5.23 -0.73 -2.98
C VAL A 58 4.42 -1.67 -3.88
N ARG A 59 4.88 -1.86 -5.13
CA ARG A 59 4.15 -2.65 -6.12
C ARG A 59 4.06 -4.13 -5.75
N ASP A 60 5.10 -4.73 -5.17
CA ASP A 60 5.01 -6.10 -4.71
C ASP A 60 4.06 -6.26 -3.51
N ALA A 61 3.95 -5.27 -2.62
CA ALA A 61 2.92 -5.26 -1.57
C ALA A 61 1.50 -5.18 -2.14
N ILE A 62 1.19 -4.18 -2.97
CA ILE A 62 -0.17 -4.02 -3.49
C ILE A 62 -0.53 -5.14 -4.46
N GLU A 63 0.31 -5.43 -5.45
CA GLU A 63 -0.07 -6.31 -6.55
C GLU A 63 -0.09 -7.79 -6.16
N CYS A 64 0.77 -8.20 -5.21
CA CYS A 64 0.80 -9.57 -4.72
C CYS A 64 -0.31 -9.83 -3.68
N GLU A 65 -0.61 -8.89 -2.77
CA GLU A 65 -1.64 -9.08 -1.74
C GLU A 65 -3.01 -8.46 -2.12
N SER A 66 -3.07 -7.14 -2.29
CA SER A 66 -4.33 -6.38 -2.45
C SER A 66 -4.94 -6.49 -3.85
N GLN A 67 -4.29 -5.92 -4.87
CA GLN A 67 -4.74 -5.90 -6.25
C GLN A 67 -3.62 -5.54 -7.25
N GLU A 68 -3.44 -6.35 -8.30
CA GLU A 68 -2.58 -6.06 -9.45
C GLU A 68 -3.24 -5.04 -10.40
N MET A 69 -2.46 -4.07 -10.91
CA MET A 69 -2.98 -2.90 -11.61
C MET A 69 -3.53 -3.24 -13.00
N ASN A 70 -2.80 -4.01 -13.81
CA ASN A 70 -3.08 -4.10 -15.23
C ASN A 70 -4.30 -5.00 -15.56
N PHE A 71 -4.62 -5.98 -14.70
CA PHE A 71 -5.79 -6.86 -14.88
C PHE A 71 -6.79 -6.80 -13.71
N GLY A 72 -6.68 -5.79 -12.85
CA GLY A 72 -7.70 -5.44 -11.85
C GLY A 72 -8.95 -4.79 -12.46
N LYS A 73 -10.12 -5.11 -11.91
CA LYS A 73 -11.46 -4.62 -12.35
C LYS A 73 -12.49 -4.43 -11.21
N LYS A 74 -12.13 -4.78 -9.97
CA LYS A 74 -12.97 -4.69 -8.76
C LYS A 74 -12.27 -3.99 -7.58
N LEU A 75 -11.02 -3.56 -7.79
CA LEU A 75 -10.20 -2.77 -6.87
C LEU A 75 -9.24 -1.88 -7.68
N ILE A 76 -8.77 -0.80 -7.05
CA ILE A 76 -7.84 0.19 -7.62
C ILE A 76 -6.69 0.50 -6.67
N LEU A 77 -5.59 1.02 -7.21
CA LEU A 77 -4.38 1.37 -6.46
C LEU A 77 -3.58 2.52 -7.09
N GLU A 78 -2.52 2.96 -6.42
CA GLU A 78 -1.45 3.75 -7.04
C GLU A 78 -0.07 3.44 -6.43
N VAL A 79 0.88 3.03 -7.28
CA VAL A 79 2.31 2.96 -6.94
C VAL A 79 3.01 4.23 -7.40
N SER A 80 3.78 4.88 -6.52
CA SER A 80 4.62 6.04 -6.86
C SER A 80 6.02 5.90 -6.26
N SER A 81 7.05 6.23 -7.05
CA SER A 81 8.47 6.10 -6.70
C SER A 81 9.02 7.33 -5.96
N SER A 82 10.35 7.46 -5.86
CA SER A 82 11.00 8.67 -5.32
C SER A 82 10.53 9.91 -6.06
N ASN A 83 9.89 10.84 -5.35
CA ASN A 83 9.42 12.12 -5.89
C ASN A 83 9.25 13.15 -4.74
N ALA A 84 9.22 14.45 -5.06
CA ALA A 84 8.82 15.48 -4.10
C ALA A 84 7.39 15.25 -3.59
N ARG A 85 7.08 15.78 -2.38
CA ARG A 85 5.80 15.66 -1.67
C ARG A 85 5.18 14.26 -1.72
N PRO A 9 15.18 4.94 0.28
CA PRO A 9 14.47 5.75 -0.74
C PRO A 9 12.98 5.90 -0.39
N LYS A 10 12.47 7.14 -0.33
CA LYS A 10 11.02 7.39 -0.16
C LYS A 10 10.24 6.78 -1.33
N SER A 11 9.12 6.16 -1.03
CA SER A 11 8.22 5.49 -1.96
C SER A 11 6.77 5.64 -1.45
N ARG A 12 5.75 5.32 -2.25
CA ARG A 12 4.34 5.59 -1.88
C ARG A 12 3.34 4.56 -2.41
N LEU A 13 2.57 3.97 -1.50
CA LEU A 13 1.55 2.95 -1.72
C LEU A 13 0.16 3.51 -1.40
N PHE A 14 -0.77 3.44 -2.35
CA PHE A 14 -2.19 3.76 -2.13
C PHE A 14 -3.08 2.54 -2.37
N ILE A 15 -4.12 2.41 -1.54
CA ILE A 15 -5.21 1.44 -1.70
C ILE A 15 -6.55 2.18 -1.53
N GLY A 16 -7.54 1.85 -2.35
CA GLY A 16 -8.88 2.45 -2.28
C GLY A 16 -10.01 1.43 -2.36
N ASN A 17 -11.08 1.67 -1.60
CA ASN A 17 -12.26 0.81 -1.52
C ASN A 17 -11.91 -0.66 -1.18
N LEU A 18 -10.87 -0.83 -0.35
CA LEU A 18 -10.41 -2.07 0.28
C LEU A 18 -10.25 -1.85 1.80
N PRO A 19 -9.53 -0.82 2.30
CA PRO A 19 -9.54 -0.48 3.72
C PRO A 19 -10.81 0.30 4.11
N LEU A 20 -11.86 -0.44 4.48
CA LEU A 20 -13.15 0.06 4.97
C LEU A 20 -13.29 -0.07 6.49
N LYS A 21 -12.41 -0.82 7.16
CA LYS A 21 -12.32 -0.97 8.62
C LYS A 21 -11.27 -0.03 9.22
N ASN A 22 -11.23 0.05 10.56
CA ASN A 22 -10.10 0.64 11.27
C ASN A 22 -8.85 -0.24 11.12
N VAL A 23 -7.68 0.40 10.94
CA VAL A 23 -6.38 -0.23 10.67
C VAL A 23 -5.30 0.58 11.39
N SER A 24 -4.32 -0.07 12.02
CA SER A 24 -3.16 0.59 12.64
C SER A 24 -1.86 0.26 11.90
N LYS A 25 -0.77 0.94 12.25
CA LYS A 25 0.58 0.75 11.67
C LYS A 25 1.05 -0.70 11.75
N GLU A 26 0.74 -1.41 12.83
CA GLU A 26 1.15 -2.82 12.97
C GLU A 26 0.41 -3.76 12.01
N ASP A 27 -0.84 -3.45 11.64
CA ASP A 27 -1.63 -4.28 10.71
C ASP A 27 -1.03 -4.24 9.30
N LEU A 28 -0.90 -3.04 8.74
CA LEU A 28 -0.28 -2.86 7.43
C LEU A 28 1.20 -3.27 7.45
N PHE A 29 1.92 -3.05 8.55
CA PHE A 29 3.32 -3.48 8.66
C PHE A 29 3.43 -5.00 8.68
N ARG A 30 2.66 -5.74 9.48
CA ARG A 30 2.77 -7.20 9.55
C ARG A 30 2.28 -7.89 8.27
N ILE A 31 1.24 -7.38 7.61
CA ILE A 31 0.71 -7.99 6.37
C ILE A 31 1.54 -7.65 5.12
N PHE A 32 2.16 -6.46 5.05
CA PHE A 32 3.05 -6.08 3.94
C PHE A 32 4.55 -6.37 4.20
N SER A 33 4.98 -6.67 5.43
CA SER A 33 6.38 -6.97 5.76
C SER A 33 7.07 -8.00 4.83
N PRO A 34 6.48 -9.15 4.49
CA PRO A 34 7.11 -10.10 3.58
C PRO A 34 7.10 -9.66 2.11
N TYR A 35 6.52 -8.49 1.79
CA TYR A 35 6.42 -7.91 0.45
C TYR A 35 7.19 -6.60 0.27
N GLY A 36 7.52 -5.86 1.35
CA GLY A 36 8.17 -4.57 1.23
C GLY A 36 8.61 -3.88 2.54
N HIS A 37 9.49 -2.88 2.40
CA HIS A 37 10.32 -2.36 3.50
C HIS A 37 9.65 -1.30 4.40
N ILE A 38 8.59 -0.61 3.95
CA ILE A 38 7.79 0.38 4.71
C ILE A 38 8.55 1.67 5.17
N MET A 39 7.83 2.79 5.37
CA MET A 39 8.35 4.01 6.02
C MET A 39 7.38 4.59 7.07
N GLN A 40 6.21 5.09 6.63
CA GLN A 40 5.32 5.93 7.43
C GLN A 40 3.86 5.81 6.95
N ILE A 41 2.87 6.18 7.77
CA ILE A 41 1.46 5.92 7.45
C ILE A 41 0.56 7.16 7.46
N ASN A 42 -0.52 7.08 6.67
CA ASN A 42 -1.74 7.86 6.78
C ASN A 42 -2.89 6.98 6.25
N ILE A 43 -4.04 6.95 6.93
CA ILE A 43 -5.23 6.17 6.55
C ILE A 43 -6.47 7.02 6.82
N LYS A 44 -7.28 7.27 5.80
CA LYS A 44 -8.44 8.18 5.84
C LYS A 44 -9.54 7.72 4.88
N ASN A 45 -10.79 8.06 5.18
CA ASN A 45 -11.95 7.74 4.35
C ASN A 45 -12.05 6.20 4.09
N ALA A 46 -12.42 5.76 2.89
CA ALA A 46 -12.36 4.35 2.45
C ALA A 46 -10.99 3.95 1.84
N PHE A 47 -9.92 4.69 2.18
CA PHE A 47 -8.63 4.69 1.48
C PHE A 47 -7.44 4.54 2.43
N GLY A 48 -6.24 4.32 1.88
CA GLY A 48 -4.97 4.28 2.61
C GLY A 48 -3.84 4.94 1.81
N PHE A 49 -2.96 5.68 2.50
CA PHE A 49 -1.95 6.60 1.95
C PHE A 49 -0.58 6.30 2.60
N ILE A 50 -0.03 5.12 2.32
CA ILE A 50 1.10 4.55 3.06
C ILE A 50 2.42 4.88 2.37
N GLN A 51 3.32 5.56 3.08
CA GLN A 51 4.66 5.86 2.60
C GLN A 51 5.59 4.67 2.86
N PHE A 52 6.40 4.31 1.87
CA PHE A 52 7.22 3.10 1.83
C PHE A 52 8.70 3.41 1.68
N ASP A 53 9.54 2.42 1.96
CA ASP A 53 10.89 2.33 1.42
C ASP A 53 10.89 1.41 0.19
N ASN A 54 11.64 1.80 -0.85
CA ASN A 54 11.77 1.15 -2.17
C ASN A 54 10.51 1.17 -3.08
N PRO A 55 10.68 1.29 -4.42
CA PRO A 55 9.57 1.25 -5.39
C PRO A 55 9.06 -0.18 -5.61
N GLN A 56 9.96 -1.15 -5.77
CA GLN A 56 9.63 -2.56 -5.98
C GLN A 56 8.85 -3.16 -4.80
N SER A 57 9.11 -2.64 -3.60
CA SER A 57 8.42 -2.98 -2.36
C SER A 57 7.00 -2.40 -2.24
N VAL A 58 6.65 -1.36 -2.99
CA VAL A 58 5.26 -0.89 -3.11
C VAL A 58 4.47 -1.77 -4.06
N ARG A 59 5.01 -1.98 -5.28
CA ARG A 59 4.36 -2.83 -6.27
C ARG A 59 4.21 -4.27 -5.78
N ASP A 60 5.22 -4.86 -5.16
CA ASP A 60 5.08 -6.23 -4.64
C ASP A 60 4.12 -6.33 -3.44
N ALA A 61 3.91 -5.25 -2.69
CA ALA A 61 2.88 -5.20 -1.66
C ALA A 61 1.46 -5.24 -2.28
N ILE A 62 1.03 -4.21 -3.03
CA ILE A 62 -0.34 -4.20 -3.56
C ILE A 62 -0.56 -5.13 -4.77
N GLU A 63 0.45 -5.50 -5.54
CA GLU A 63 0.30 -6.42 -6.69
C GLU A 63 0.52 -7.90 -6.32
N CYS A 64 0.82 -8.24 -5.06
CA CYS A 64 0.99 -9.63 -4.63
C CYS A 64 0.26 -9.97 -3.31
N GLU A 65 0.09 -9.02 -2.39
CA GLU A 65 -0.77 -9.17 -1.22
C GLU A 65 -2.24 -8.83 -1.57
N SER A 66 -2.49 -7.69 -2.21
CA SER A 66 -3.84 -7.18 -2.54
C SER A 66 -4.12 -7.09 -4.05
N GLN A 67 -3.62 -8.07 -4.83
CA GLN A 67 -3.58 -7.96 -6.29
C GLN A 67 -4.98 -7.78 -6.93
N GLU A 68 -5.04 -6.92 -7.94
CA GLU A 68 -6.26 -6.61 -8.68
C GLU A 68 -6.68 -7.77 -9.59
N MET A 69 -7.92 -8.23 -9.42
CA MET A 69 -8.63 -9.18 -10.29
C MET A 69 -9.95 -8.61 -10.81
N ASN A 70 -10.49 -7.57 -10.16
CA ASN A 70 -11.74 -6.90 -10.51
C ASN A 70 -11.48 -5.68 -11.42
N PHE A 71 -12.55 -5.09 -11.96
CA PHE A 71 -12.48 -3.88 -12.79
C PHE A 71 -13.49 -2.78 -12.44
N GLY A 72 -14.33 -3.00 -11.42
CA GLY A 72 -15.25 -2.01 -10.90
C GLY A 72 -14.56 -0.95 -10.02
N LYS A 73 -15.29 -0.40 -9.04
CA LYS A 73 -14.79 0.63 -8.12
C LYS A 73 -14.20 0.09 -6.82
N LYS A 74 -14.36 -1.20 -6.49
CA LYS A 74 -13.73 -1.82 -5.31
C LYS A 74 -12.33 -2.34 -5.61
N LEU A 75 -11.53 -2.50 -4.55
CA LEU A 75 -10.17 -3.08 -4.61
C LEU A 75 -9.26 -2.35 -5.62
N ILE A 76 -9.16 -1.02 -5.47
CA ILE A 76 -8.31 -0.13 -6.27
C ILE A 76 -6.92 -0.03 -5.63
N LEU A 77 -5.87 0.04 -6.44
CA LEU A 77 -4.50 0.31 -5.98
C LEU A 77 -3.77 1.35 -6.84
N GLU A 78 -2.65 1.87 -6.33
CA GLU A 78 -1.73 2.73 -7.07
C GLU A 78 -0.30 2.59 -6.51
N VAL A 79 0.70 2.45 -7.40
CA VAL A 79 2.14 2.51 -7.07
C VAL A 79 2.71 3.89 -7.44
N SER A 80 3.49 4.51 -6.54
CA SER A 80 4.02 5.86 -6.70
C SER A 80 5.40 6.00 -6.05
N SER A 81 6.14 7.01 -6.48
CA SER A 81 7.56 7.24 -6.20
C SER A 81 7.79 8.02 -4.88
N SER A 82 8.93 8.70 -4.78
CA SER A 82 9.28 9.67 -3.72
C SER A 82 8.44 10.96 -3.76
N ASN A 83 7.14 10.87 -4.06
CA ASN A 83 6.21 11.97 -4.32
C ASN A 83 5.87 12.80 -3.05
N ALA A 84 5.32 14.00 -3.24
CA ALA A 84 4.89 14.92 -2.18
C ALA A 84 3.35 15.03 -2.04
N ARG A 85 2.91 15.78 -1.02
CA ARG A 85 1.56 15.81 -0.44
C ARG A 85 1.10 14.41 -0.05
N PRO A 9 15.38 4.95 0.53
CA PRO A 9 14.72 5.89 -0.41
C PRO A 9 13.19 5.83 -0.29
N LYS A 10 12.53 6.97 -0.13
CA LYS A 10 11.06 7.06 0.04
C LYS A 10 10.29 6.66 -1.23
N SER A 11 9.07 6.19 -1.02
CA SER A 11 8.14 5.67 -2.01
C SER A 11 6.72 5.75 -1.43
N ARG A 12 5.64 5.65 -2.22
CA ARG A 12 4.27 5.66 -1.69
C ARG A 12 3.36 4.62 -2.32
N LEU A 13 2.75 3.82 -1.45
CA LEU A 13 1.69 2.86 -1.69
C LEU A 13 0.34 3.54 -1.45
N PHE A 14 -0.61 3.42 -2.39
CA PHE A 14 -2.02 3.73 -2.15
C PHE A 14 -2.90 2.55 -2.57
N ILE A 15 -3.88 2.21 -1.74
CA ILE A 15 -4.96 1.26 -2.04
C ILE A 15 -6.27 2.03 -2.10
N GLY A 16 -7.09 1.76 -3.12
CA GLY A 16 -8.49 2.17 -3.18
C GLY A 16 -9.37 1.40 -2.19
N ASN A 17 -10.68 1.30 -2.45
CA ASN A 17 -11.66 0.71 -1.53
C ASN A 17 -11.42 -0.81 -1.29
N LEU A 18 -10.62 -1.14 -0.26
CA LEU A 18 -10.28 -2.51 0.16
C LEU A 18 -9.92 -2.62 1.66
N PRO A 19 -9.05 -1.78 2.26
CA PRO A 19 -8.74 -1.83 3.70
C PRO A 19 -9.85 -1.20 4.56
N LEU A 20 -11.09 -1.68 4.44
CA LEU A 20 -12.24 -1.26 5.24
C LEU A 20 -12.22 -1.81 6.69
N LYS A 21 -11.22 -2.65 7.01
CA LYS A 21 -11.02 -3.34 8.29
C LYS A 21 -10.27 -2.45 9.30
N ASN A 22 -10.19 -2.86 10.56
CA ASN A 22 -9.41 -2.17 11.58
C ASN A 22 -7.90 -2.31 11.31
N VAL A 23 -7.15 -1.20 11.29
CA VAL A 23 -5.74 -1.19 10.86
C VAL A 23 -4.94 -0.05 11.50
N SER A 24 -3.80 -0.38 12.10
CA SER A 24 -2.78 0.55 12.59
C SER A 24 -1.40 0.20 12.03
N LYS A 25 -0.36 0.96 12.40
CA LYS A 25 1.04 0.81 11.98
C LYS A 25 1.52 -0.64 12.07
N GLU A 26 1.29 -1.31 13.20
CA GLU A 26 1.74 -2.70 13.39
C GLU A 26 1.01 -3.68 12.45
N ASP A 27 -0.27 -3.46 12.17
CA ASP A 27 -1.07 -4.31 11.27
C ASP A 27 -0.62 -4.16 9.82
N LEU A 28 -0.62 -2.93 9.30
CA LEU A 28 -0.19 -2.66 7.92
C LEU A 28 1.30 -2.99 7.70
N PHE A 29 2.13 -2.88 8.74
CA PHE A 29 3.52 -3.32 8.67
C PHE A 29 3.63 -4.84 8.59
N ARG A 30 3.00 -5.61 9.50
CA ARG A 30 3.14 -7.09 9.46
C ARG A 30 2.54 -7.68 8.18
N ILE A 31 1.41 -7.16 7.70
CA ILE A 31 0.72 -7.74 6.54
C ILE A 31 1.43 -7.43 5.21
N PHE A 32 2.18 -6.34 5.11
CA PHE A 32 3.00 -6.03 3.92
C PHE A 32 4.49 -6.37 4.07
N SER A 33 4.98 -6.67 5.28
CA SER A 33 6.39 -7.04 5.58
C SER A 33 7.02 -8.05 4.61
N PRO A 34 6.40 -9.20 4.25
CA PRO A 34 7.03 -10.17 3.35
C PRO A 34 7.16 -9.68 1.90
N TYR A 35 6.58 -8.53 1.56
CA TYR A 35 6.64 -7.93 0.23
C TYR A 35 7.50 -6.66 0.19
N GLY A 36 7.42 -5.79 1.20
CA GLY A 36 8.05 -4.47 1.17
C GLY A 36 8.58 -3.93 2.51
N HIS A 37 9.36 -2.84 2.42
CA HIS A 37 10.24 -2.33 3.47
C HIS A 37 9.62 -1.28 4.42
N ILE A 38 8.48 -0.67 4.06
CA ILE A 38 7.72 0.37 4.81
C ILE A 38 8.49 1.68 5.10
N MET A 39 7.78 2.80 5.30
CA MET A 39 8.30 4.08 5.80
C MET A 39 7.35 4.73 6.83
N GLN A 40 6.13 5.14 6.45
CA GLN A 40 5.23 5.98 7.26
C GLN A 40 3.75 5.84 6.81
N ILE A 41 2.74 6.29 7.59
CA ILE A 41 1.32 5.93 7.39
C ILE A 41 0.33 7.10 7.33
N ASN A 42 -0.75 6.96 6.53
CA ASN A 42 -1.97 7.77 6.60
C ASN A 42 -3.20 7.02 6.00
N ILE A 43 -3.95 6.31 6.84
CA ILE A 43 -5.19 5.60 6.45
C ILE A 43 -6.42 6.39 6.90
N LYS A 44 -7.43 6.49 6.03
CA LYS A 44 -8.73 7.12 6.27
C LYS A 44 -9.75 6.56 5.27
N ASN A 45 -11.03 6.43 5.67
CA ASN A 45 -12.10 5.89 4.83
C ASN A 45 -11.80 4.44 4.37
N ALA A 46 -12.45 3.96 3.30
CA ALA A 46 -12.28 2.63 2.73
C ALA A 46 -10.93 2.39 2.02
N PHE A 47 -10.14 3.46 1.83
CA PHE A 47 -8.86 3.48 1.13
C PHE A 47 -7.71 3.76 2.10
N GLY A 48 -6.46 3.86 1.61
CA GLY A 48 -5.34 4.22 2.48
C GLY A 48 -4.05 4.58 1.74
N PHE A 49 -3.29 5.52 2.32
CA PHE A 49 -1.95 5.89 1.90
C PHE A 49 -0.93 5.33 2.90
N ILE A 50 0.13 4.72 2.39
CA ILE A 50 1.27 4.25 3.19
C ILE A 50 2.54 4.58 2.43
N GLN A 51 3.42 5.39 3.00
CA GLN A 51 4.76 5.55 2.47
C GLN A 51 5.58 4.29 2.77
N PHE A 52 6.34 3.85 1.78
CA PHE A 52 7.24 2.70 1.82
C PHE A 52 8.66 3.14 1.49
N ASP A 53 9.64 2.30 1.81
CA ASP A 53 10.96 2.39 1.18
C ASP A 53 10.96 1.54 -0.11
N ASN A 54 11.56 2.10 -1.18
CA ASN A 54 11.70 1.58 -2.56
C ASN A 54 10.40 1.13 -3.33
N PRO A 55 10.27 1.45 -4.64
CA PRO A 55 9.02 1.26 -5.39
C PRO A 55 8.69 -0.19 -5.71
N GLN A 56 9.69 -1.06 -5.82
CA GLN A 56 9.47 -2.50 -6.01
C GLN A 56 8.78 -3.11 -4.78
N SER A 57 9.15 -2.62 -3.59
CA SER A 57 8.53 -2.94 -2.31
C SER A 57 7.10 -2.40 -2.21
N VAL A 58 6.80 -1.22 -2.76
CA VAL A 58 5.42 -0.72 -2.95
C VAL A 58 4.61 -1.68 -3.83
N ARG A 59 5.04 -1.91 -5.07
CA ARG A 59 4.21 -2.63 -6.05
C ARG A 59 4.00 -4.10 -5.68
N ASP A 60 5.00 -4.77 -5.11
CA ASP A 60 4.83 -6.17 -4.69
C ASP A 60 3.80 -6.31 -3.56
N ALA A 61 3.75 -5.35 -2.62
CA ALA A 61 2.77 -5.34 -1.55
C ALA A 61 1.33 -5.23 -2.08
N ILE A 62 1.06 -4.31 -3.00
CA ILE A 62 -0.28 -4.16 -3.58
C ILE A 62 -0.62 -5.32 -4.52
N GLU A 63 0.27 -5.62 -5.46
CA GLU A 63 0.01 -6.58 -6.54
C GLU A 63 -0.11 -8.01 -5.97
N CYS A 64 0.63 -8.35 -4.91
CA CYS A 64 0.68 -9.69 -4.36
C CYS A 64 -0.16 -9.90 -3.08
N GLU A 65 -0.62 -8.85 -2.38
CA GLU A 65 -1.48 -8.99 -1.18
C GLU A 65 -2.81 -8.21 -1.29
N SER A 66 -2.82 -6.98 -1.81
CA SER A 66 -4.09 -6.27 -2.08
C SER A 66 -4.85 -6.89 -3.26
N GLN A 67 -4.17 -7.50 -4.23
CA GLN A 67 -4.78 -8.23 -5.35
C GLN A 67 -4.51 -9.75 -5.36
N GLU A 68 -3.65 -10.27 -4.47
CA GLU A 68 -3.37 -11.72 -4.27
C GLU A 68 -2.90 -12.52 -5.52
N MET A 69 -2.52 -11.86 -6.61
CA MET A 69 -2.23 -12.50 -7.91
C MET A 69 -0.83 -12.21 -8.45
N ASN A 70 -0.27 -11.04 -8.13
CA ASN A 70 0.93 -10.46 -8.73
C ASN A 70 0.86 -10.33 -10.28
N PHE A 71 -0.33 -10.26 -10.86
CA PHE A 71 -0.59 -10.17 -12.30
C PHE A 71 -2.01 -9.64 -12.57
N GLY A 72 -2.20 -8.99 -13.72
CA GLY A 72 -3.46 -8.37 -14.12
C GLY A 72 -3.83 -7.12 -13.33
N LYS A 73 -5.02 -6.58 -13.61
CA LYS A 73 -5.62 -5.43 -12.92
C LYS A 73 -7.10 -5.69 -12.65
N LYS A 74 -7.50 -5.64 -11.37
CA LYS A 74 -8.88 -5.84 -10.91
C LYS A 74 -9.23 -4.94 -9.72
N LEU A 75 -8.29 -4.76 -8.79
CA LEU A 75 -8.42 -3.87 -7.63
C LEU A 75 -7.93 -2.46 -7.98
N ILE A 76 -8.42 -1.45 -7.26
CA ILE A 76 -8.07 -0.04 -7.47
C ILE A 76 -6.87 0.31 -6.57
N LEU A 77 -5.83 0.93 -7.14
CA LEU A 77 -4.58 1.25 -6.45
C LEU A 77 -3.77 2.37 -7.12
N GLU A 78 -2.71 2.82 -6.46
CA GLU A 78 -1.65 3.62 -7.10
C GLU A 78 -0.26 3.36 -6.49
N VAL A 79 0.68 2.94 -7.34
CA VAL A 79 2.13 2.85 -7.04
C VAL A 79 2.79 4.22 -7.21
N SER A 80 3.81 4.52 -6.40
CA SER A 80 4.66 5.71 -6.54
C SER A 80 6.07 5.49 -5.99
N SER A 81 7.07 5.98 -6.72
CA SER A 81 8.50 5.98 -6.39
C SER A 81 8.94 7.25 -5.67
N SER A 82 10.25 7.49 -5.58
CA SER A 82 10.86 8.66 -4.93
C SER A 82 10.66 9.99 -5.67
N ASN A 83 9.86 10.00 -6.74
CA ASN A 83 9.61 11.15 -7.61
C ASN A 83 8.36 11.97 -7.20
N ALA A 84 7.64 11.56 -6.17
CA ALA A 84 6.42 12.20 -5.66
C ALA A 84 6.15 11.85 -4.17
N ARG A 85 5.03 12.33 -3.63
CA ARG A 85 4.41 11.85 -2.37
C ARG A 85 2.91 11.70 -2.52
N PRO A 9 15.38 4.90 0.91
CA PRO A 9 14.72 5.87 0.01
C PRO A 9 13.23 6.05 0.34
N LYS A 10 12.52 6.92 -0.40
CA LYS A 10 11.07 7.15 -0.23
C LYS A 10 10.24 6.67 -1.42
N SER A 11 9.03 6.24 -1.11
CA SER A 11 8.06 5.59 -1.99
C SER A 11 6.65 5.72 -1.38
N ARG A 12 5.60 5.47 -2.17
CA ARG A 12 4.19 5.70 -1.82
C ARG A 12 3.27 4.61 -2.40
N LEU A 13 2.47 4.02 -1.51
CA LEU A 13 1.54 2.92 -1.73
C LEU A 13 0.11 3.38 -1.42
N PHE A 14 -0.79 3.31 -2.39
CA PHE A 14 -2.21 3.60 -2.19
C PHE A 14 -3.05 2.33 -2.34
N ILE A 15 -3.83 2.02 -1.30
CA ILE A 15 -4.83 0.95 -1.32
C ILE A 15 -6.10 1.47 -1.99
N GLY A 16 -6.77 0.64 -2.80
CA GLY A 16 -8.11 0.90 -3.32
C GLY A 16 -9.19 0.91 -2.23
N ASN A 17 -10.45 0.80 -2.62
CA ASN A 17 -11.62 0.88 -1.73
C ASN A 17 -11.85 -0.38 -0.84
N LEU A 18 -10.78 -0.94 -0.30
CA LEU A 18 -10.74 -2.22 0.43
C LEU A 18 -10.79 -2.06 1.97
N PRO A 19 -10.02 -1.17 2.63
CA PRO A 19 -10.00 -1.04 4.09
C PRO A 19 -11.17 -0.17 4.60
N LEU A 20 -12.37 -0.75 4.56
CA LEU A 20 -13.57 -0.25 5.26
C LEU A 20 -13.54 -0.62 6.76
N LYS A 21 -12.66 -1.54 7.16
CA LYS A 21 -12.37 -1.93 8.54
C LYS A 21 -11.38 -0.99 9.23
N ASN A 22 -11.50 -0.84 10.55
CA ASN A 22 -10.48 -0.21 11.39
C ASN A 22 -9.13 -0.98 11.30
N VAL A 23 -8.01 -0.29 11.52
CA VAL A 23 -6.65 -0.83 11.29
C VAL A 23 -5.58 0.03 11.98
N SER A 24 -4.38 -0.50 12.21
CA SER A 24 -3.22 0.24 12.76
C SER A 24 -1.97 0.12 11.86
N LYS A 25 -0.94 0.95 12.12
CA LYS A 25 0.40 0.77 11.55
C LYS A 25 0.96 -0.64 11.78
N GLU A 26 0.63 -1.27 12.91
CA GLU A 26 1.04 -2.65 13.20
C GLU A 26 0.53 -3.65 12.15
N ASP A 27 -0.67 -3.45 11.61
CA ASP A 27 -1.33 -4.40 10.70
C ASP A 27 -0.76 -4.30 9.29
N LEU A 28 -0.71 -3.10 8.73
CA LEU A 28 -0.06 -2.89 7.43
C LEU A 28 1.43 -3.27 7.47
N PHE A 29 2.12 -3.01 8.58
CA PHE A 29 3.53 -3.37 8.71
C PHE A 29 3.72 -4.88 8.86
N ARG A 30 2.90 -5.60 9.65
CA ARG A 30 3.00 -7.07 9.75
C ARG A 30 2.67 -7.75 8.42
N ILE A 31 1.62 -7.32 7.72
CA ILE A 31 1.18 -8.00 6.50
C ILE A 31 2.02 -7.64 5.27
N PHE A 32 2.59 -6.42 5.19
CA PHE A 32 3.47 -6.02 4.08
C PHE A 32 4.98 -6.25 4.30
N SER A 33 5.46 -6.50 5.53
CA SER A 33 6.88 -6.75 5.82
C SER A 33 7.60 -7.73 4.85
N PRO A 34 7.05 -8.92 4.54
CA PRO A 34 7.70 -9.84 3.61
C PRO A 34 7.59 -9.43 2.13
N TYR A 35 6.87 -8.35 1.79
CA TYR A 35 6.71 -7.83 0.42
C TYR A 35 7.51 -6.55 0.16
N GLY A 36 7.79 -5.75 1.20
CA GLY A 36 8.44 -4.45 1.07
C GLY A 36 9.03 -3.87 2.37
N HIS A 37 9.69 -2.72 2.25
CA HIS A 37 10.56 -2.15 3.29
C HIS A 37 9.89 -1.09 4.19
N ILE A 38 8.76 -0.49 3.79
CA ILE A 38 7.93 0.47 4.54
C ILE A 38 8.66 1.78 4.99
N MET A 39 7.92 2.86 5.27
CA MET A 39 8.41 4.13 5.84
C MET A 39 7.45 4.72 6.88
N GLN A 40 6.22 5.08 6.49
CA GLN A 40 5.26 5.86 7.30
C GLN A 40 3.80 5.57 6.87
N ILE A 41 2.80 6.02 7.63
CA ILE A 41 1.39 5.65 7.43
C ILE A 41 0.45 6.87 7.43
N ASN A 42 -0.66 6.77 6.69
CA ASN A 42 -1.79 7.69 6.76
C ASN A 42 -3.04 6.96 6.25
N ILE A 43 -4.17 7.01 6.97
CA ILE A 43 -5.34 6.16 6.68
C ILE A 43 -6.63 6.94 6.94
N LYS A 44 -7.46 7.08 5.89
CA LYS A 44 -8.69 7.89 5.86
C LYS A 44 -9.71 7.25 4.91
N ASN A 45 -10.98 7.61 5.06
CA ASN A 45 -12.08 7.19 4.20
C ASN A 45 -12.14 5.65 4.01
N ALA A 46 -12.39 5.14 2.79
CA ALA A 46 -12.43 3.72 2.45
C ALA A 46 -11.06 3.16 1.97
N PHE A 47 -9.97 3.91 2.16
CA PHE A 47 -8.69 3.75 1.47
C PHE A 47 -7.51 3.74 2.46
N GLY A 48 -6.28 3.74 1.95
CA GLY A 48 -5.04 3.90 2.75
C GLY A 48 -3.91 4.53 1.94
N PHE A 49 -3.19 5.48 2.53
CA PHE A 49 -2.21 6.37 1.89
C PHE A 49 -0.83 6.16 2.54
N ILE A 50 -0.28 4.96 2.36
CA ILE A 50 0.88 4.45 3.09
C ILE A 50 2.18 4.84 2.36
N GLN A 51 3.24 5.13 3.10
CA GLN A 51 4.56 5.48 2.57
C GLN A 51 5.56 4.34 2.83
N PHE A 52 6.45 4.13 1.86
CA PHE A 52 7.34 2.97 1.79
C PHE A 52 8.79 3.36 1.46
N ASP A 53 9.69 2.43 1.66
CA ASP A 53 11.05 2.45 1.12
C ASP A 53 11.12 1.53 -0.12
N ASN A 54 11.78 2.01 -1.18
CA ASN A 54 11.88 1.44 -2.54
C ASN A 54 10.53 1.24 -3.31
N PRO A 55 10.53 1.26 -4.66
CA PRO A 55 9.30 1.19 -5.47
C PRO A 55 8.83 -0.24 -5.76
N GLN A 56 9.74 -1.21 -5.86
CA GLN A 56 9.41 -2.63 -6.06
C GLN A 56 8.68 -3.20 -4.83
N SER A 57 9.16 -2.81 -3.66
CA SER A 57 8.55 -2.96 -2.33
C SER A 57 7.09 -2.49 -2.28
N VAL A 58 6.76 -1.37 -2.93
CA VAL A 58 5.37 -0.91 -3.04
C VAL A 58 4.55 -1.80 -3.96
N ARG A 59 4.96 -1.95 -5.22
CA ARG A 59 4.14 -2.66 -6.21
C ARG A 59 3.92 -4.12 -5.82
N ASP A 60 4.91 -4.82 -5.27
CA ASP A 60 4.73 -6.21 -4.84
C ASP A 60 3.77 -6.36 -3.66
N ALA A 61 3.84 -5.44 -2.70
CA ALA A 61 2.92 -5.38 -1.56
C ALA A 61 1.46 -5.23 -2.02
N ILE A 62 1.17 -4.34 -2.97
CA ILE A 62 -0.19 -4.19 -3.48
C ILE A 62 -0.59 -5.37 -4.39
N GLU A 63 0.21 -5.66 -5.42
CA GLU A 63 -0.12 -6.59 -6.49
C GLU A 63 -0.32 -8.02 -6.00
N CYS A 64 0.29 -8.39 -4.87
CA CYS A 64 0.22 -9.72 -4.28
C CYS A 64 -0.67 -9.81 -3.03
N GLU A 65 -0.85 -8.74 -2.23
CA GLU A 65 -1.57 -8.81 -0.94
C GLU A 65 -2.80 -7.88 -0.84
N SER A 66 -2.91 -6.85 -1.69
CA SER A 66 -4.10 -5.97 -1.81
C SER A 66 -4.66 -5.92 -3.24
N GLN A 67 -4.50 -7.02 -3.95
CA GLN A 67 -5.09 -7.31 -5.26
C GLN A 67 -5.29 -8.84 -5.40
N GLU A 68 -6.32 -9.26 -6.14
CA GLU A 68 -6.57 -10.67 -6.50
C GLU A 68 -5.64 -11.15 -7.64
N MET A 69 -4.33 -10.95 -7.47
CA MET A 69 -3.28 -11.23 -8.47
C MET A 69 -3.51 -10.54 -9.82
N ASN A 70 -2.76 -10.93 -10.85
CA ASN A 70 -3.01 -10.51 -12.24
C ASN A 70 -4.38 -10.95 -12.80
N PHE A 71 -5.11 -11.82 -12.08
CA PHE A 71 -6.49 -12.20 -12.37
C PHE A 71 -7.50 -11.07 -12.06
N GLY A 72 -7.11 -10.05 -11.29
CA GLY A 72 -7.96 -8.93 -10.91
C GLY A 72 -8.51 -8.12 -12.10
N LYS A 73 -9.77 -7.70 -11.98
CA LYS A 73 -10.54 -6.95 -13.01
C LYS A 73 -11.21 -5.68 -12.47
N LYS A 74 -11.34 -5.52 -11.14
CA LYS A 74 -12.07 -4.42 -10.50
C LYS A 74 -11.30 -3.68 -9.39
N LEU A 75 -10.17 -4.21 -8.92
CA LEU A 75 -9.35 -3.57 -7.87
C LEU A 75 -8.75 -2.24 -8.37
N ILE A 76 -8.48 -1.32 -7.45
CA ILE A 76 -7.74 -0.08 -7.68
C ILE A 76 -6.54 -0.03 -6.72
N LEU A 77 -5.50 0.71 -7.15
CA LEU A 77 -4.34 1.10 -6.36
C LEU A 77 -3.62 2.30 -7.01
N GLU A 78 -2.56 2.79 -6.35
CA GLU A 78 -1.50 3.57 -7.01
C GLU A 78 -0.12 3.27 -6.41
N VAL A 79 0.91 3.30 -7.26
CA VAL A 79 2.33 3.17 -6.91
C VAL A 79 3.11 4.38 -7.44
N SER A 80 3.85 5.04 -6.56
CA SER A 80 4.77 6.14 -6.90
C SER A 80 6.03 6.07 -6.05
N SER A 81 7.17 6.50 -6.59
CA SER A 81 8.41 6.76 -5.84
C SER A 81 8.37 8.11 -5.13
N SER A 82 9.51 8.60 -4.61
CA SER A 82 9.61 9.93 -4.01
C SER A 82 9.17 11.05 -4.96
N ASN A 83 8.43 12.03 -4.44
CA ASN A 83 8.20 13.32 -5.09
C ASN A 83 7.99 14.45 -4.05
N ALA A 84 7.93 15.70 -4.51
CA ALA A 84 7.66 16.89 -3.71
C ALA A 84 6.30 17.53 -4.08
N ARG A 85 5.83 18.48 -3.27
CA ARG A 85 4.58 19.24 -3.44
C ARG A 85 4.63 20.61 -2.77
N PRO A 9 14.68 5.29 0.61
CA PRO A 9 13.77 6.10 -0.24
C PRO A 9 12.39 6.34 0.39
N LYS A 10 11.72 7.44 0.02
CA LYS A 10 10.35 7.82 0.42
C LYS A 10 9.35 7.44 -0.68
N SER A 11 9.18 6.14 -0.91
CA SER A 11 8.23 5.57 -1.86
C SER A 11 6.78 5.71 -1.36
N ARG A 12 5.77 5.69 -2.25
CA ARG A 12 4.35 5.96 -1.91
C ARG A 12 3.39 4.92 -2.50
N LEU A 13 2.46 4.46 -1.67
CA LEU A 13 1.56 3.32 -1.88
C LEU A 13 0.11 3.78 -1.67
N PHE A 14 -0.67 3.82 -2.75
CA PHE A 14 -2.07 4.24 -2.73
C PHE A 14 -2.99 3.03 -2.93
N ILE A 15 -3.94 2.80 -2.02
CA ILE A 15 -4.92 1.70 -2.10
C ILE A 15 -6.33 2.28 -2.27
N GLY A 16 -7.12 1.65 -3.13
CA GLY A 16 -8.57 1.86 -3.23
C GLY A 16 -9.35 1.28 -2.03
N ASN A 17 -10.55 0.78 -2.31
CA ASN A 17 -11.49 0.28 -1.30
C ASN A 17 -11.09 -1.11 -0.75
N LEU A 18 -10.03 -1.16 0.06
CA LEU A 18 -9.58 -2.39 0.73
C LEU A 18 -9.32 -2.24 2.25
N PRO A 19 -8.51 -1.28 2.75
CA PRO A 19 -8.25 -1.13 4.18
C PRO A 19 -9.39 -0.38 4.90
N LEU A 20 -10.63 -0.87 4.73
CA LEU A 20 -11.84 -0.33 5.35
C LEU A 20 -11.97 -0.74 6.82
N LYS A 21 -11.31 -1.83 7.22
CA LYS A 21 -11.15 -2.30 8.60
C LYS A 21 -10.29 -1.34 9.43
N ASN A 22 -10.31 -1.48 10.76
CA ASN A 22 -9.32 -0.88 11.66
C ASN A 22 -7.88 -1.32 11.29
N VAL A 23 -6.96 -0.37 11.18
CA VAL A 23 -5.53 -0.62 10.88
C VAL A 23 -4.65 0.38 11.63
N SER A 24 -3.63 -0.11 12.36
CA SER A 24 -2.50 0.70 12.87
C SER A 24 -1.25 0.56 11.99
N LYS A 25 -0.21 1.39 12.22
CA LYS A 25 1.08 1.24 11.54
C LYS A 25 1.68 -0.15 11.73
N GLU A 26 1.48 -0.79 12.88
CA GLU A 26 1.92 -2.15 13.15
C GLU A 26 1.10 -3.21 12.38
N ASP A 27 -0.19 -2.96 12.15
CA ASP A 27 -1.06 -3.92 11.46
C ASP A 27 -0.78 -4.04 9.97
N LEU A 28 -0.44 -2.93 9.32
CA LEU A 28 0.08 -2.94 7.94
C LEU A 28 1.55 -3.38 7.87
N PHE A 29 2.36 -3.06 8.90
CA PHE A 29 3.75 -3.51 9.00
C PHE A 29 3.84 -5.03 9.07
N ARG A 30 3.03 -5.71 9.89
CA ARG A 30 3.05 -7.18 9.99
C ARG A 30 2.60 -7.87 8.70
N ILE A 31 1.50 -7.42 8.09
CA ILE A 31 0.95 -8.09 6.88
C ILE A 31 1.78 -7.83 5.61
N PHE A 32 2.51 -6.72 5.51
CA PHE A 32 3.44 -6.45 4.39
C PHE A 32 4.93 -6.73 4.68
N SER A 33 5.30 -7.18 5.89
CA SER A 33 6.70 -7.34 6.31
C SER A 33 7.61 -8.07 5.31
N PRO A 34 7.28 -9.27 4.80
CA PRO A 34 8.14 -9.95 3.81
C PRO A 34 7.91 -9.48 2.36
N TYR A 35 6.89 -8.65 2.10
CA TYR A 35 6.56 -8.11 0.77
C TYR A 35 7.40 -6.87 0.42
N GLY A 36 7.92 -6.15 1.42
CA GLY A 36 8.66 -4.91 1.22
C GLY A 36 9.18 -4.24 2.49
N HIS A 37 9.74 -3.05 2.35
CA HIS A 37 10.69 -2.48 3.33
C HIS A 37 10.17 -1.34 4.24
N ILE A 38 8.98 -0.77 3.97
CA ILE A 38 8.21 0.18 4.82
C ILE A 38 8.90 1.55 5.14
N MET A 39 8.10 2.58 5.42
CA MET A 39 8.56 3.89 5.94
C MET A 39 7.56 4.52 6.95
N GLN A 40 6.35 4.88 6.52
CA GLN A 40 5.34 5.61 7.31
C GLN A 40 3.93 5.48 6.73
N ILE A 41 2.89 6.01 7.38
CA ILE A 41 1.49 5.64 7.10
C ILE A 41 0.55 6.85 7.03
N ASN A 42 -0.60 6.73 6.34
CA ASN A 42 -1.73 7.67 6.42
C ASN A 42 -3.05 6.98 6.00
N ILE A 43 -3.92 6.63 6.94
CA ILE A 43 -5.14 5.84 6.69
C ILE A 43 -6.39 6.65 7.04
N LYS A 44 -7.22 6.94 6.03
CA LYS A 44 -8.35 7.88 6.07
C LYS A 44 -9.47 7.43 5.12
N ASN A 45 -10.72 7.75 5.46
CA ASN A 45 -11.92 7.49 4.63
C ASN A 45 -12.10 5.97 4.31
N ALA A 46 -12.93 5.60 3.33
CA ALA A 46 -13.04 4.23 2.79
C ALA A 46 -11.79 3.74 2.01
N PHE A 47 -10.61 4.23 2.37
CA PHE A 47 -9.34 4.11 1.66
C PHE A 47 -8.19 3.98 2.67
N GLY A 48 -6.96 3.83 2.18
CA GLY A 48 -5.76 3.88 3.02
C GLY A 48 -4.48 3.99 2.21
N PHE A 49 -3.51 4.72 2.76
CA PHE A 49 -2.29 5.10 2.07
C PHE A 49 -1.07 4.79 2.95
N ILE A 50 0.03 4.39 2.33
CA ILE A 50 1.24 3.97 3.02
C ILE A 50 2.45 4.55 2.28
N GLN A 51 3.55 4.77 2.99
CA GLN A 51 4.83 5.13 2.42
C GLN A 51 5.84 4.04 2.75
N PHE A 52 6.71 3.76 1.80
CA PHE A 52 7.57 2.58 1.80
C PHE A 52 9.01 2.96 1.46
N ASP A 53 9.96 2.13 1.90
CA ASP A 53 11.27 2.10 1.30
C ASP A 53 11.26 1.20 0.05
N ASN A 54 11.87 1.67 -1.04
CA ASN A 54 11.87 1.12 -2.40
C ASN A 54 10.49 1.01 -3.12
N PRO A 55 10.40 1.32 -4.43
CA PRO A 55 9.17 1.15 -5.21
C PRO A 55 8.85 -0.33 -5.47
N GLN A 56 9.87 -1.20 -5.45
CA GLN A 56 9.71 -2.64 -5.60
C GLN A 56 8.88 -3.24 -4.45
N SER A 57 9.02 -2.65 -3.25
CA SER A 57 8.14 -2.92 -2.11
C SER A 57 6.72 -2.46 -2.36
N VAL A 58 6.54 -1.26 -2.93
CA VAL A 58 5.22 -0.69 -3.21
C VAL A 58 4.45 -1.55 -4.19
N ARG A 59 5.05 -1.94 -5.33
CA ARG A 59 4.38 -2.85 -6.26
C ARG A 59 4.07 -4.20 -5.61
N ASP A 60 5.06 -4.87 -5.02
CA ASP A 60 4.87 -6.25 -4.55
C ASP A 60 3.97 -6.36 -3.32
N ALA A 61 3.85 -5.30 -2.51
CA ALA A 61 2.83 -5.22 -1.47
C ALA A 61 1.41 -5.28 -2.08
N ILE A 62 1.05 -4.33 -2.96
CA ILE A 62 -0.32 -4.21 -3.45
C ILE A 62 -0.65 -5.31 -4.48
N GLU A 63 0.28 -5.57 -5.41
CA GLU A 63 0.11 -6.50 -6.53
C GLU A 63 0.07 -7.97 -6.07
N CYS A 64 0.53 -8.26 -4.86
CA CYS A 64 0.48 -9.60 -4.26
C CYS A 64 -0.61 -9.71 -3.16
N GLU A 65 -1.41 -8.66 -2.95
CA GLU A 65 -2.43 -8.60 -1.89
C GLU A 65 -3.80 -8.14 -2.41
N SER A 66 -3.91 -6.91 -2.91
CA SER A 66 -5.15 -6.39 -3.53
C SER A 66 -5.49 -7.14 -4.83
N GLN A 67 -4.48 -7.50 -5.62
CA GLN A 67 -4.60 -8.38 -6.78
C GLN A 67 -4.39 -9.87 -6.43
N GLU A 68 -4.09 -10.18 -5.16
CA GLU A 68 -3.84 -11.52 -4.63
C GLU A 68 -2.73 -12.26 -5.41
N MET A 69 -2.98 -13.47 -5.92
CA MET A 69 -1.97 -14.34 -6.55
C MET A 69 -2.11 -14.39 -8.08
N ASN A 70 -2.87 -13.47 -8.68
CA ASN A 70 -3.08 -13.37 -10.12
C ASN A 70 -2.90 -11.93 -10.61
N PHE A 71 -2.94 -11.72 -11.93
CA PHE A 71 -2.70 -10.43 -12.57
C PHE A 71 -3.98 -9.75 -13.10
N GLY A 72 -5.16 -10.31 -12.84
CA GLY A 72 -6.44 -9.68 -13.18
C GLY A 72 -6.81 -8.52 -12.25
N LYS A 73 -7.69 -7.63 -12.71
CA LYS A 73 -8.20 -6.49 -11.92
C LYS A 73 -9.32 -6.93 -10.98
N LYS A 74 -9.21 -6.52 -9.72
CA LYS A 74 -10.19 -6.69 -8.63
C LYS A 74 -10.47 -5.37 -7.90
N LEU A 75 -9.49 -4.46 -7.89
CA LEU A 75 -9.44 -3.21 -7.10
C LEU A 75 -8.70 -2.10 -7.86
N ILE A 76 -8.66 -0.91 -7.26
CA ILE A 76 -7.85 0.24 -7.73
C ILE A 76 -6.64 0.41 -6.81
N LEU A 77 -5.49 0.77 -7.41
CA LEU A 77 -4.26 1.10 -6.68
C LEU A 77 -3.34 2.03 -7.48
N GLU A 78 -2.34 2.62 -6.81
CA GLU A 78 -1.22 3.29 -7.47
C GLU A 78 0.12 3.05 -6.77
N VAL A 79 1.12 2.67 -7.57
CA VAL A 79 2.55 2.65 -7.21
C VAL A 79 3.14 4.03 -7.52
N SER A 80 3.78 4.67 -6.55
CA SER A 80 4.36 6.02 -6.70
C SER A 80 5.65 6.19 -5.88
N SER A 81 6.35 7.31 -6.07
CA SER A 81 7.60 7.64 -5.40
C SER A 81 7.67 9.14 -5.09
N SER A 82 8.38 9.52 -4.02
CA SER A 82 8.50 10.91 -3.57
C SER A 82 9.83 11.22 -2.91
N ASN A 83 10.09 12.50 -2.63
CA ASN A 83 11.27 12.99 -1.90
C ASN A 83 10.88 13.80 -0.65
N ALA A 84 9.78 14.55 -0.71
CA ALA A 84 9.31 15.46 0.34
C ALA A 84 7.77 15.55 0.46
N ARG A 85 6.99 14.91 -0.44
CA ARG A 85 5.52 14.92 -0.45
C ARG A 85 4.92 13.54 -0.70
N PRO A 9 14.79 5.23 0.32
CA PRO A 9 13.79 6.04 -0.40
C PRO A 9 12.49 6.29 0.40
N LYS A 10 11.56 7.08 -0.18
CA LYS A 10 10.22 7.42 0.36
C LYS A 10 9.11 7.21 -0.68
N SER A 11 9.12 6.03 -1.30
CA SER A 11 8.13 5.58 -2.30
C SER A 11 6.71 5.57 -1.74
N ARG A 12 5.70 5.57 -2.61
CA ARG A 12 4.31 5.84 -2.27
C ARG A 12 3.38 4.70 -2.71
N LEU A 13 2.59 4.17 -1.76
CA LEU A 13 1.59 3.13 -1.96
C LEU A 13 0.21 3.68 -1.56
N PHE A 14 -0.76 3.65 -2.46
CA PHE A 14 -2.16 4.00 -2.19
C PHE A 14 -3.08 2.80 -2.41
N ILE A 15 -4.16 2.69 -1.62
CA ILE A 15 -5.20 1.67 -1.73
C ILE A 15 -6.59 2.31 -1.60
N GLY A 16 -7.56 1.86 -2.40
CA GLY A 16 -8.95 2.28 -2.35
C GLY A 16 -9.95 1.12 -2.28
N ASN A 17 -11.07 1.36 -1.62
CA ASN A 17 -12.17 0.39 -1.47
C ASN A 17 -11.73 -0.93 -0.81
N LEU A 18 -10.80 -0.86 0.15
CA LEU A 18 -10.25 -2.00 0.91
C LEU A 18 -10.17 -1.70 2.43
N PRO A 19 -9.49 -0.64 2.91
CA PRO A 19 -9.42 -0.35 4.35
C PRO A 19 -10.74 0.23 4.88
N LEU A 20 -11.53 -0.65 5.51
CA LEU A 20 -12.89 -0.43 6.05
C LEU A 20 -13.04 -1.05 7.46
N LYS A 21 -11.92 -1.24 8.15
CA LYS A 21 -11.76 -1.78 9.51
C LYS A 21 -10.73 -0.95 10.27
N ASN A 22 -10.70 -1.01 11.60
CA ASN A 22 -9.60 -0.44 12.38
C ASN A 22 -8.26 -1.04 11.92
N VAL A 23 -7.28 -0.17 11.68
CA VAL A 23 -5.93 -0.52 11.25
C VAL A 23 -4.95 0.51 11.81
N SER A 24 -3.82 0.03 12.35
CA SER A 24 -2.69 0.83 12.81
C SER A 24 -1.43 0.46 12.00
N LYS A 25 -0.36 1.26 12.10
CA LYS A 25 0.90 1.00 11.37
C LYS A 25 1.47 -0.39 11.63
N GLU A 26 1.25 -0.94 12.83
CA GLU A 26 1.68 -2.28 13.23
C GLU A 26 0.99 -3.41 12.45
N ASP A 27 -0.28 -3.24 12.04
CA ASP A 27 -1.04 -4.25 11.30
C ASP A 27 -0.59 -4.33 9.84
N LEU A 28 -0.54 -3.18 9.16
CA LEU A 28 -0.02 -3.10 7.79
C LEU A 28 1.48 -3.43 7.72
N PHE A 29 2.24 -3.12 8.77
CA PHE A 29 3.64 -3.52 8.85
C PHE A 29 3.81 -5.04 9.03
N ARG A 30 3.03 -5.68 9.92
CA ARG A 30 3.14 -7.15 10.09
C ARG A 30 2.74 -7.92 8.85
N ILE A 31 1.68 -7.47 8.14
CA ILE A 31 1.22 -8.17 6.93
C ILE A 31 2.10 -7.90 5.72
N PHE A 32 2.63 -6.68 5.52
CA PHE A 32 3.52 -6.37 4.39
C PHE A 32 5.02 -6.59 4.65
N SER A 33 5.46 -6.95 5.86
CA SER A 33 6.90 -7.11 6.18
C SER A 33 7.72 -7.96 5.18
N PRO A 34 7.30 -9.18 4.76
CA PRO A 34 8.02 -9.93 3.72
C PRO A 34 7.80 -9.39 2.30
N TYR A 35 6.74 -8.61 2.07
CA TYR A 35 6.43 -8.00 0.78
C TYR A 35 7.31 -6.76 0.51
N GLY A 36 7.71 -6.03 1.56
CA GLY A 36 8.57 -4.86 1.41
C GLY A 36 8.96 -4.10 2.69
N HIS A 37 9.67 -2.99 2.49
CA HIS A 37 10.51 -2.35 3.54
C HIS A 37 9.83 -1.29 4.41
N ILE A 38 8.69 -0.72 4.00
CA ILE A 38 7.83 0.25 4.76
C ILE A 38 8.52 1.59 5.11
N MET A 39 7.73 2.66 5.33
CA MET A 39 8.15 3.93 5.94
C MET A 39 7.10 4.49 6.91
N GLN A 40 5.97 5.02 6.41
CA GLN A 40 4.96 5.82 7.16
C GLN A 40 3.52 5.51 6.71
N ILE A 41 2.49 6.02 7.40
CA ILE A 41 1.07 5.74 7.12
C ILE A 41 0.20 7.02 7.07
N ASN A 42 -0.88 6.98 6.28
CA ASN A 42 -1.97 7.97 6.26
C ASN A 42 -3.29 7.30 5.80
N ILE A 43 -4.16 6.87 6.72
CA ILE A 43 -5.37 6.06 6.43
C ILE A 43 -6.65 6.71 6.96
N LYS A 44 -7.69 6.80 6.10
CA LYS A 44 -8.97 7.44 6.38
C LYS A 44 -10.07 7.05 5.38
N ASN A 45 -11.31 6.85 5.86
CA ASN A 45 -12.56 6.79 5.10
C ASN A 45 -12.49 6.01 3.77
N ALA A 46 -12.64 4.67 3.82
CA ALA A 46 -12.64 3.72 2.69
C ALA A 46 -11.34 3.61 1.85
N PHE A 47 -10.36 4.49 2.08
CA PHE A 47 -9.09 4.57 1.36
C PHE A 47 -7.92 4.58 2.36
N GLY A 48 -6.71 4.34 1.86
CA GLY A 48 -5.50 4.28 2.66
C GLY A 48 -4.25 4.62 1.84
N PHE A 49 -3.24 5.14 2.53
CA PHE A 49 -1.93 5.43 1.98
C PHE A 49 -0.85 4.94 2.94
N ILE A 50 0.21 4.39 2.37
CA ILE A 50 1.40 3.90 3.07
C ILE A 50 2.61 4.41 2.30
N GLN A 51 3.44 5.23 2.93
CA GLN A 51 4.78 5.51 2.41
C GLN A 51 5.67 4.31 2.69
N PHE A 52 6.52 3.97 1.73
CA PHE A 52 7.41 2.81 1.76
C PHE A 52 8.85 3.23 1.51
N ASP A 53 9.77 2.43 2.01
CA ASP A 53 11.08 2.34 1.38
C ASP A 53 11.01 1.33 0.21
N ASN A 54 11.78 1.61 -0.85
CA ASN A 54 11.80 0.95 -2.17
C ASN A 54 10.47 0.96 -2.98
N PRO A 55 10.50 1.26 -4.30
CA PRO A 55 9.33 1.07 -5.16
C PRO A 55 9.02 -0.40 -5.45
N GLN A 56 10.04 -1.27 -5.50
CA GLN A 56 9.83 -2.70 -5.71
C GLN A 56 9.09 -3.34 -4.52
N SER A 57 9.27 -2.78 -3.32
CA SER A 57 8.44 -3.07 -2.14
C SER A 57 6.99 -2.58 -2.28
N VAL A 58 6.77 -1.34 -2.75
CA VAL A 58 5.42 -0.78 -2.97
C VAL A 58 4.58 -1.67 -3.88
N ARG A 59 5.14 -2.03 -5.04
CA ARG A 59 4.43 -2.86 -6.03
C ARG A 59 4.27 -4.30 -5.55
N ASP A 60 5.32 -4.94 -5.03
CA ASP A 60 5.24 -6.35 -4.59
C ASP A 60 4.32 -6.55 -3.38
N ALA A 61 3.92 -5.49 -2.68
CA ALA A 61 2.82 -5.45 -1.71
C ALA A 61 1.45 -5.52 -2.41
N ILE A 62 0.94 -4.43 -2.99
CA ILE A 62 -0.45 -4.40 -3.51
C ILE A 62 -0.68 -5.27 -4.75
N GLU A 63 0.30 -5.43 -5.64
CA GLU A 63 0.20 -6.32 -6.81
C GLU A 63 0.15 -7.81 -6.43
N CYS A 64 0.46 -8.13 -5.18
CA CYS A 64 0.33 -9.46 -4.59
C CYS A 64 -0.88 -9.56 -3.62
N GLU A 65 -1.33 -8.45 -3.04
CA GLU A 65 -2.39 -8.41 -2.02
C GLU A 65 -3.77 -8.04 -2.57
N SER A 66 -3.91 -6.86 -3.18
CA SER A 66 -5.11 -6.52 -3.95
C SER A 66 -5.17 -7.39 -5.21
N GLN A 67 -4.06 -7.41 -5.96
CA GLN A 67 -3.91 -8.09 -7.26
C GLN A 67 -4.99 -7.66 -8.29
N GLU A 68 -5.57 -6.48 -8.07
CA GLU A 68 -6.52 -5.79 -8.95
C GLU A 68 -5.80 -4.70 -9.76
N MET A 69 -6.41 -4.22 -10.84
CA MET A 69 -5.80 -3.30 -11.80
C MET A 69 -6.58 -1.99 -11.91
N ASN A 70 -5.98 -1.01 -12.60
CA ASN A 70 -6.57 0.30 -12.84
C ASN A 70 -7.98 0.22 -13.46
N PHE A 71 -8.76 1.29 -13.27
CA PHE A 71 -10.18 1.37 -13.61
C PHE A 71 -11.05 0.30 -12.90
N GLY A 72 -10.55 -0.31 -11.82
CA GLY A 72 -11.24 -1.36 -11.06
C GLY A 72 -12.35 -0.82 -10.17
N LYS A 73 -13.38 -1.63 -9.95
CA LYS A 73 -14.50 -1.28 -9.07
C LYS A 73 -14.11 -1.30 -7.59
N LYS A 74 -13.22 -2.21 -7.15
CA LYS A 74 -12.75 -2.33 -5.76
C LYS A 74 -11.27 -2.72 -5.65
N LEU A 75 -10.69 -2.57 -4.45
CA LEU A 75 -9.29 -2.90 -4.10
C LEU A 75 -8.21 -2.17 -4.93
N ILE A 76 -8.56 -1.04 -5.57
CA ILE A 76 -7.69 -0.30 -6.48
C ILE A 76 -6.45 0.27 -5.79
N LEU A 77 -5.40 0.54 -6.56
CA LEU A 77 -4.08 0.90 -6.05
C LEU A 77 -3.38 2.02 -6.84
N GLU A 78 -2.36 2.64 -6.25
CA GLU A 78 -1.38 3.43 -7.00
C GLU A 78 0.03 3.31 -6.41
N VAL A 79 0.99 2.98 -7.29
CA VAL A 79 2.43 2.82 -7.02
C VAL A 79 3.21 3.99 -7.61
N SER A 80 4.04 4.67 -6.80
CA SER A 80 4.93 5.72 -7.29
C SER A 80 6.30 5.71 -6.62
N SER A 81 7.37 5.79 -7.41
CA SER A 81 8.75 5.64 -6.94
C SER A 81 9.40 6.93 -6.40
N SER A 82 8.60 7.94 -6.03
CA SER A 82 9.06 9.22 -5.52
C SER A 82 9.98 9.14 -4.30
N ASN A 83 10.82 10.16 -4.10
CA ASN A 83 11.78 10.27 -3.00
C ASN A 83 11.30 11.20 -1.86
N ALA A 84 10.10 11.77 -1.97
CA ALA A 84 9.54 12.71 -1.02
C ALA A 84 8.00 12.60 -0.92
N ARG A 85 7.43 13.16 0.16
CA ARG A 85 5.99 13.20 0.43
C ARG A 85 5.24 14.21 -0.44
N PRO A 9 15.25 5.07 -0.82
CA PRO A 9 14.44 5.56 -1.96
C PRO A 9 12.96 5.73 -1.56
N LYS A 10 12.55 6.96 -1.20
CA LYS A 10 11.19 7.27 -0.78
C LYS A 10 10.15 6.96 -1.86
N SER A 11 9.07 6.33 -1.43
CA SER A 11 8.08 5.61 -2.23
C SER A 11 6.68 5.76 -1.60
N ARG A 12 5.61 5.43 -2.32
CA ARG A 12 4.24 5.55 -1.81
C ARG A 12 3.28 4.50 -2.36
N LEU A 13 2.57 3.85 -1.45
CA LEU A 13 1.57 2.80 -1.64
C LEU A 13 0.18 3.38 -1.35
N PHE A 14 -0.64 3.51 -2.38
CA PHE A 14 -2.01 4.03 -2.31
C PHE A 14 -3.02 2.90 -2.56
N ILE A 15 -4.07 2.80 -1.73
CA ILE A 15 -5.10 1.75 -1.80
C ILE A 15 -6.51 2.37 -1.74
N GLY A 16 -7.43 1.82 -2.51
CA GLY A 16 -8.88 2.02 -2.39
C GLY A 16 -9.50 1.32 -1.18
N ASN A 17 -10.66 0.71 -1.37
CA ASN A 17 -11.46 0.12 -0.30
C ASN A 17 -10.92 -1.26 0.12
N LEU A 18 -9.85 -1.28 0.92
CA LEU A 18 -9.40 -2.46 1.67
C LEU A 18 -8.95 -2.10 3.09
N PRO A 19 -7.99 -1.18 3.34
CA PRO A 19 -7.58 -0.80 4.70
C PRO A 19 -8.59 0.09 5.44
N LEU A 20 -9.88 0.06 5.08
CA LEU A 20 -10.88 1.08 5.43
C LEU A 20 -11.20 1.10 6.93
N LYS A 21 -11.34 -0.07 7.58
CA LYS A 21 -11.65 -0.20 9.02
C LYS A 21 -10.96 -1.38 9.73
N ASN A 22 -10.56 -2.43 9.00
CA ASN A 22 -9.92 -3.63 9.55
C ASN A 22 -8.37 -3.61 9.47
N VAL A 23 -7.77 -2.43 9.32
CA VAL A 23 -6.30 -2.26 9.22
C VAL A 23 -5.81 -1.10 10.06
N SER A 24 -4.87 -1.37 10.96
CA SER A 24 -4.04 -0.36 11.64
C SER A 24 -2.58 -0.47 11.17
N LYS A 25 -1.69 0.43 11.62
CA LYS A 25 -0.27 0.44 11.22
C LYS A 25 0.45 -0.88 11.51
N GLU A 26 0.15 -1.53 12.62
CA GLU A 26 0.67 -2.86 12.95
C GLU A 26 0.18 -3.97 12.00
N ASP A 27 -1.01 -3.81 11.40
CA ASP A 27 -1.58 -4.77 10.44
C ASP A 27 -0.99 -4.58 9.05
N LEU A 28 -1.02 -3.36 8.50
CA LEU A 28 -0.39 -3.09 7.20
C LEU A 28 1.11 -3.39 7.24
N PHE A 29 1.79 -3.11 8.36
CA PHE A 29 3.21 -3.42 8.47
C PHE A 29 3.48 -4.93 8.53
N ARG A 30 2.77 -5.71 9.36
CA ARG A 30 3.01 -7.17 9.44
C ARG A 30 2.65 -7.89 8.14
N ILE A 31 1.61 -7.47 7.41
CA ILE A 31 1.19 -8.12 6.16
C ILE A 31 2.01 -7.68 4.94
N PHE A 32 2.49 -6.42 4.87
CA PHE A 32 3.36 -5.96 3.76
C PHE A 32 4.86 -6.17 4.02
N SER A 33 5.31 -6.38 5.26
CA SER A 33 6.72 -6.63 5.62
C SER A 33 7.50 -7.61 4.72
N PRO A 34 6.98 -8.80 4.36
CA PRO A 34 7.74 -9.73 3.51
C PRO A 34 7.87 -9.27 2.05
N TYR A 35 7.10 -8.27 1.63
CA TYR A 35 7.11 -7.72 0.27
C TYR A 35 7.80 -6.36 0.18
N GLY A 36 7.84 -5.58 1.27
CA GLY A 36 8.33 -4.20 1.22
C GLY A 36 8.99 -3.62 2.47
N HIS A 37 9.77 -2.57 2.21
CA HIS A 37 10.77 -1.99 3.13
C HIS A 37 10.20 -0.91 4.07
N ILE A 38 9.07 -0.27 3.70
CA ILE A 38 8.25 0.71 4.47
C ILE A 38 8.94 2.04 4.87
N MET A 39 8.14 3.08 5.11
CA MET A 39 8.52 4.32 5.81
C MET A 39 7.50 4.68 6.92
N GLN A 40 6.28 5.10 6.55
CA GLN A 40 5.30 5.75 7.45
C GLN A 40 3.85 5.46 6.99
N ILE A 41 2.87 5.66 7.87
CA ILE A 41 1.45 5.32 7.62
C ILE A 41 0.52 6.53 7.66
N ASN A 42 -0.51 6.51 6.82
CA ASN A 42 -1.73 7.31 6.97
C ASN A 42 -2.94 6.51 6.42
N ILE A 43 -4.08 6.54 7.11
CA ILE A 43 -5.34 5.92 6.67
C ILE A 43 -6.49 6.88 7.02
N LYS A 44 -7.27 7.28 6.01
CA LYS A 44 -8.38 8.24 6.10
C LYS A 44 -9.34 8.04 4.93
N ASN A 45 -10.60 8.43 5.11
CA ASN A 45 -11.66 8.24 4.10
C ASN A 45 -11.84 6.75 3.73
N ALA A 46 -12.29 6.44 2.50
CA ALA A 46 -12.45 5.08 1.99
C ALA A 46 -11.13 4.48 1.42
N PHE A 47 -9.97 4.95 1.87
CA PHE A 47 -8.66 4.75 1.21
C PHE A 47 -7.52 4.57 2.25
N GLY A 48 -6.34 4.18 1.76
CA GLY A 48 -5.08 4.16 2.54
C GLY A 48 -3.93 4.82 1.78
N PHE A 49 -3.08 5.56 2.49
CA PHE A 49 -2.04 6.43 1.93
C PHE A 49 -0.68 6.19 2.61
N ILE A 50 -0.05 5.05 2.32
CA ILE A 50 1.10 4.55 3.07
C ILE A 50 2.41 4.98 2.38
N GLN A 51 3.34 5.56 3.14
CA GLN A 51 4.67 5.94 2.69
C GLN A 51 5.62 4.73 2.82
N PHE A 52 6.45 4.50 1.81
CA PHE A 52 7.30 3.32 1.68
C PHE A 52 8.74 3.67 1.31
N ASP A 53 9.60 2.66 1.38
CA ASP A 53 10.91 2.65 0.73
C ASP A 53 10.92 1.60 -0.39
N ASN A 54 11.64 1.85 -1.49
CA ASN A 54 11.70 1.06 -2.73
C ASN A 54 10.36 0.88 -3.48
N PRO A 55 10.25 1.28 -4.77
CA PRO A 55 9.00 1.13 -5.56
C PRO A 55 8.68 -0.34 -5.87
N GLN A 56 9.71 -1.17 -6.10
CA GLN A 56 9.56 -2.63 -6.23
C GLN A 56 8.94 -3.28 -4.98
N SER A 57 9.09 -2.62 -3.83
CA SER A 57 8.55 -3.00 -2.53
C SER A 57 7.09 -2.57 -2.37
N VAL A 58 6.74 -1.37 -2.86
CA VAL A 58 5.34 -0.91 -2.98
C VAL A 58 4.53 -1.82 -3.89
N ARG A 59 4.98 -2.05 -5.13
CA ARG A 59 4.24 -2.87 -6.10
C ARG A 59 4.10 -4.31 -5.63
N ASP A 60 5.14 -4.93 -5.06
CA ASP A 60 4.98 -6.28 -4.51
C ASP A 60 4.00 -6.32 -3.33
N ALA A 61 4.01 -5.33 -2.45
CA ALA A 61 3.06 -5.25 -1.34
C ALA A 61 1.60 -5.20 -1.84
N ILE A 62 1.27 -4.37 -2.83
CA ILE A 62 -0.10 -4.30 -3.37
C ILE A 62 -0.43 -5.55 -4.19
N GLU A 63 0.41 -5.90 -5.17
CA GLU A 63 0.10 -6.93 -6.16
C GLU A 63 0.13 -8.35 -5.59
N CYS A 64 0.80 -8.54 -4.44
CA CYS A 64 0.97 -9.84 -3.78
C CYS A 64 0.27 -9.95 -2.41
N GLU A 65 -0.26 -8.86 -1.84
CA GLU A 65 -1.02 -8.91 -0.57
C GLU A 65 -2.28 -8.03 -0.52
N SER A 66 -2.47 -7.08 -1.43
CA SER A 66 -3.81 -6.57 -1.77
C SER A 66 -4.39 -7.24 -3.03
N GLN A 67 -3.65 -8.18 -3.61
CA GLN A 67 -4.02 -9.09 -4.70
C GLN A 67 -4.59 -8.42 -5.96
N GLU A 68 -4.10 -7.22 -6.30
CA GLU A 68 -4.54 -6.49 -7.50
C GLU A 68 -3.34 -5.89 -8.25
N MET A 69 -3.23 -6.21 -9.55
CA MET A 69 -2.16 -5.80 -10.46
C MET A 69 -2.48 -4.54 -11.27
N ASN A 70 -3.57 -3.82 -10.93
CA ASN A 70 -4.11 -2.71 -11.72
C ASN A 70 -4.56 -3.16 -13.13
N PHE A 71 -4.99 -4.43 -13.22
CA PHE A 71 -5.41 -5.14 -14.45
C PHE A 71 -6.59 -6.10 -14.20
N GLY A 72 -6.91 -6.37 -12.93
CA GLY A 72 -8.14 -7.00 -12.48
C GLY A 72 -9.15 -5.96 -11.99
N LYS A 73 -10.25 -6.44 -11.40
CA LYS A 73 -11.39 -5.59 -10.99
C LYS A 73 -11.81 -5.83 -9.54
N LYS A 74 -10.90 -6.30 -8.68
CA LYS A 74 -11.19 -6.57 -7.25
C LYS A 74 -10.85 -5.40 -6.35
N LEU A 75 -9.94 -4.51 -6.77
CA LEU A 75 -9.52 -3.36 -5.97
C LEU A 75 -9.10 -2.18 -6.86
N ILE A 76 -8.90 -1.02 -6.23
CA ILE A 76 -8.25 0.18 -6.78
C ILE A 76 -6.94 0.43 -6.04
N LEU A 77 -5.89 0.84 -6.76
CA LEU A 77 -4.56 1.09 -6.20
C LEU A 77 -3.75 2.11 -7.01
N GLU A 78 -2.66 2.60 -6.43
CA GLU A 78 -1.60 3.29 -7.15
C GLU A 78 -0.22 3.06 -6.50
N VAL A 79 0.78 2.75 -7.34
CA VAL A 79 2.21 2.72 -6.98
C VAL A 79 2.89 4.01 -7.40
N SER A 80 3.69 4.61 -6.52
CA SER A 80 4.33 5.91 -6.77
C SER A 80 5.66 6.10 -6.06
N SER A 81 6.40 7.14 -6.47
CA SER A 81 7.71 7.52 -5.93
C SER A 81 7.69 8.97 -5.44
N SER A 82 8.53 9.27 -4.45
CA SER A 82 8.49 10.53 -3.70
C SER A 82 9.87 11.16 -3.49
N ASN A 83 9.92 12.47 -3.24
CA ASN A 83 11.15 13.21 -3.01
C ASN A 83 11.62 13.12 -1.54
N ALA A 84 12.94 13.10 -1.35
CA ALA A 84 13.60 13.08 -0.05
C ALA A 84 14.35 14.41 0.26
N ARG A 85 14.28 15.40 -0.63
CA ARG A 85 14.77 16.77 -0.43
C ARG A 85 13.80 17.82 -0.95
N PRO A 9 15.49 4.70 0.62
CA PRO A 9 14.83 5.77 -0.13
C PRO A 9 13.39 6.03 0.32
N LYS A 10 12.61 6.79 -0.46
CA LYS A 10 11.18 7.08 -0.25
C LYS A 10 10.34 6.70 -1.46
N SER A 11 9.23 6.02 -1.18
CA SER A 11 8.22 5.55 -2.15
C SER A 11 6.82 5.71 -1.55
N ARG A 12 5.76 5.48 -2.33
CA ARG A 12 4.37 5.80 -1.95
C ARG A 12 3.40 4.74 -2.49
N LEU A 13 2.43 4.34 -1.67
CA LEU A 13 1.47 3.26 -1.92
C LEU A 13 0.07 3.71 -1.49
N PHE A 14 -0.91 3.61 -2.40
CA PHE A 14 -2.32 3.90 -2.12
C PHE A 14 -3.20 2.66 -2.30
N ILE A 15 -4.23 2.51 -1.47
CA ILE A 15 -5.29 1.50 -1.63
C ILE A 15 -6.66 2.19 -1.54
N GLY A 16 -7.41 2.20 -2.65
CA GLY A 16 -8.66 2.96 -2.75
C GLY A 16 -9.82 2.33 -1.98
N ASN A 17 -9.93 1.00 -1.97
CA ASN A 17 -11.02 0.27 -1.33
C ASN A 17 -10.56 -1.12 -0.84
N LEU A 18 -9.88 -1.16 0.32
CA LEU A 18 -9.54 -2.39 1.06
C LEU A 18 -9.38 -2.14 2.58
N PRO A 19 -8.63 -1.11 3.05
CA PRO A 19 -8.42 -0.86 4.49
C PRO A 19 -9.59 -0.09 5.16
N LEU A 20 -10.83 -0.45 4.84
CA LEU A 20 -12.05 0.16 5.40
C LEU A 20 -12.19 -0.06 6.91
N LYS A 21 -11.56 -1.10 7.47
CA LYS A 21 -11.42 -1.38 8.90
C LYS A 21 -10.46 -0.43 9.63
N ASN A 22 -9.85 0.54 8.93
CA ASN A 22 -8.87 1.49 9.47
C ASN A 22 -7.73 0.78 10.22
N VAL A 23 -7.05 -0.12 9.52
CA VAL A 23 -5.96 -0.96 10.04
C VAL A 23 -4.80 -0.11 10.60
N SER A 24 -4.18 -0.52 11.71
CA SER A 24 -3.12 0.25 12.37
C SER A 24 -1.75 0.11 11.69
N LYS A 25 -0.75 0.87 12.16
CA LYS A 25 0.64 0.85 11.67
C LYS A 25 1.23 -0.56 11.62
N GLU A 26 1.04 -1.34 12.69
CA GLU A 26 1.48 -2.73 12.78
C GLU A 26 0.60 -3.68 11.95
N ASP A 27 -0.65 -3.35 11.66
CA ASP A 27 -1.57 -4.21 10.91
C ASP A 27 -1.32 -4.15 9.40
N LEU A 28 -1.05 -2.96 8.87
CA LEU A 28 -0.53 -2.81 7.50
C LEU A 28 0.92 -3.29 7.40
N PHE A 29 1.74 -3.09 8.43
CA PHE A 29 3.14 -3.53 8.37
C PHE A 29 3.29 -5.04 8.52
N ARG A 30 2.51 -5.75 9.35
CA ARG A 30 2.63 -7.21 9.50
C ARG A 30 2.23 -7.98 8.24
N ILE A 31 1.36 -7.40 7.41
CA ILE A 31 0.92 -7.97 6.13
C ILE A 31 1.84 -7.57 4.97
N PHE A 32 2.36 -6.32 4.91
CA PHE A 32 3.30 -5.91 3.85
C PHE A 32 4.78 -6.20 4.15
N SER A 33 5.17 -6.51 5.39
CA SER A 33 6.55 -6.87 5.79
C SER A 33 7.22 -7.91 4.87
N PRO A 34 6.60 -9.07 4.56
CA PRO A 34 7.21 -10.05 3.67
C PRO A 34 7.18 -9.68 2.18
N TYR A 35 6.75 -8.47 1.80
CA TYR A 35 6.63 -8.00 0.42
C TYR A 35 7.43 -6.72 0.11
N GLY A 36 7.76 -5.91 1.12
CA GLY A 36 8.45 -4.63 0.91
C GLY A 36 9.19 -4.09 2.14
N HIS A 37 9.64 -2.83 2.08
CA HIS A 37 10.58 -2.24 3.06
C HIS A 37 9.99 -1.13 3.96
N ILE A 38 8.84 -0.53 3.60
CA ILE A 38 8.04 0.42 4.42
C ILE A 38 8.73 1.73 4.88
N MET A 39 7.95 2.76 5.17
CA MET A 39 8.37 3.99 5.87
C MET A 39 7.34 4.46 6.91
N GLN A 40 6.16 4.91 6.46
CA GLN A 40 5.20 5.71 7.25
C GLN A 40 3.75 5.55 6.72
N ILE A 41 2.75 6.09 7.40
CA ILE A 41 1.32 5.81 7.13
C ILE A 41 0.46 7.09 7.00
N ASN A 42 -0.71 6.99 6.38
CA ASN A 42 -1.84 7.93 6.55
C ASN A 42 -3.15 7.24 6.13
N ILE A 43 -4.09 7.01 7.07
CA ILE A 43 -5.34 6.29 6.79
C ILE A 43 -6.51 7.15 7.28
N LYS A 44 -7.36 7.59 6.35
CA LYS A 44 -8.50 8.48 6.60
C LYS A 44 -9.57 8.30 5.52
N ASN A 45 -10.80 8.72 5.83
CA ASN A 45 -11.98 8.53 4.98
C ASN A 45 -12.12 7.04 4.54
N ALA A 46 -12.64 6.74 3.35
CA ALA A 46 -12.90 5.36 2.90
C ALA A 46 -11.67 4.61 2.34
N PHE A 47 -10.46 5.17 2.43
CA PHE A 47 -9.25 4.67 1.77
C PHE A 47 -8.09 4.42 2.76
N GLY A 48 -6.91 4.06 2.25
CA GLY A 48 -5.65 4.06 2.99
C GLY A 48 -4.45 4.44 2.12
N PHE A 49 -3.47 5.11 2.71
CA PHE A 49 -2.22 5.52 2.08
C PHE A 49 -1.03 5.17 2.98
N ILE A 50 0.09 4.78 2.36
CA ILE A 50 1.29 4.29 3.05
C ILE A 50 2.51 4.82 2.30
N GLN A 51 3.39 5.51 2.99
CA GLN A 51 4.71 5.86 2.47
C GLN A 51 5.66 4.69 2.74
N PHE A 52 6.52 4.39 1.77
CA PHE A 52 7.33 3.18 1.71
C PHE A 52 8.81 3.52 1.54
N ASP A 53 9.64 2.49 1.69
CA ASP A 53 10.97 2.45 1.10
C ASP A 53 10.92 1.49 -0.11
N ASN A 54 11.67 1.83 -1.17
CA ASN A 54 11.79 1.16 -2.47
C ASN A 54 10.49 0.93 -3.30
N PRO A 55 10.44 1.33 -4.59
CA PRO A 55 9.24 1.19 -5.43
C PRO A 55 8.94 -0.24 -5.88
N GLN A 56 9.95 -1.10 -6.08
CA GLN A 56 9.68 -2.52 -6.38
C GLN A 56 9.01 -3.22 -5.18
N SER A 57 9.40 -2.83 -3.97
CA SER A 57 8.77 -3.16 -2.69
C SER A 57 7.30 -2.68 -2.62
N VAL A 58 6.98 -1.47 -3.11
CA VAL A 58 5.58 -1.00 -3.22
C VAL A 58 4.75 -1.87 -4.15
N ARG A 59 5.21 -2.13 -5.38
CA ARG A 59 4.44 -2.92 -6.36
C ARG A 59 4.35 -4.39 -5.97
N ASP A 60 5.28 -4.92 -5.19
CA ASP A 60 5.14 -6.26 -4.61
C ASP A 60 4.16 -6.26 -3.43
N ALA A 61 4.17 -5.22 -2.59
CA ALA A 61 3.23 -5.08 -1.49
C ALA A 61 1.76 -5.12 -1.96
N ILE A 62 1.30 -4.20 -2.79
CA ILE A 62 -0.12 -4.22 -3.22
C ILE A 62 -0.44 -5.33 -4.21
N GLU A 63 0.35 -5.59 -5.26
CA GLU A 63 -0.05 -6.56 -6.29
C GLU A 63 -0.07 -8.02 -5.77
N CYS A 64 0.81 -8.35 -4.81
CA CYS A 64 1.02 -9.71 -4.33
C CYS A 64 0.39 -10.00 -2.95
N GLU A 65 0.25 -9.02 -2.05
CA GLU A 65 -0.56 -9.16 -0.83
C GLU A 65 -2.03 -8.85 -1.10
N SER A 66 -2.31 -7.69 -1.71
CA SER A 66 -3.63 -7.08 -1.83
C SER A 66 -4.26 -7.33 -3.20
N GLN A 67 -4.18 -6.37 -4.12
CA GLN A 67 -4.78 -6.44 -5.45
C GLN A 67 -3.95 -5.64 -6.50
N GLU A 68 -4.02 -6.08 -7.75
CA GLU A 68 -3.48 -5.36 -8.91
C GLU A 68 -4.42 -4.24 -9.39
N MET A 69 -4.04 -3.46 -10.40
CA MET A 69 -4.87 -2.38 -10.96
C MET A 69 -6.21 -2.87 -11.54
N ASN A 70 -6.25 -4.14 -11.96
CA ASN A 70 -7.43 -4.91 -12.35
C ASN A 70 -8.39 -4.14 -13.31
N PHE A 71 -9.70 -4.37 -13.21
CA PHE A 71 -10.75 -3.67 -13.96
C PHE A 71 -11.21 -2.36 -13.29
N GLY A 72 -10.82 -2.11 -12.03
CA GLY A 72 -11.21 -0.94 -11.23
C GLY A 72 -12.68 -0.91 -10.79
N LYS A 73 -13.40 -2.03 -10.91
CA LYS A 73 -14.85 -2.14 -10.71
C LYS A 73 -15.28 -2.16 -9.23
N LYS A 74 -14.45 -2.73 -8.36
CA LYS A 74 -14.55 -2.71 -6.91
C LYS A 74 -13.44 -1.86 -6.29
N LEU A 75 -12.18 -2.05 -6.69
CA LEU A 75 -11.03 -1.42 -6.04
C LEU A 75 -9.87 -1.12 -7.00
N ILE A 76 -9.09 -0.08 -6.66
CA ILE A 76 -7.78 0.21 -7.26
C ILE A 76 -6.68 0.39 -6.20
N LEU A 77 -5.44 0.37 -6.66
CA LEU A 77 -4.24 0.81 -5.95
C LEU A 77 -3.53 1.91 -6.73
N GLU A 78 -2.59 2.62 -6.12
CA GLU A 78 -1.61 3.44 -6.86
C GLU A 78 -0.19 3.21 -6.35
N VAL A 79 0.71 2.76 -7.22
CA VAL A 79 2.16 2.67 -6.96
C VAL A 79 2.84 3.97 -7.35
N SER A 80 3.74 4.46 -6.49
CA SER A 80 4.49 5.69 -6.74
C SER A 80 5.83 5.73 -5.99
N SER A 81 6.70 6.66 -6.37
CA SER A 81 8.11 6.77 -5.94
C SER A 81 8.44 8.17 -5.40
N SER A 82 9.72 8.54 -5.36
CA SER A 82 10.17 9.91 -5.04
C SER A 82 9.87 10.95 -6.16
N ASN A 83 9.07 10.59 -7.17
CA ASN A 83 8.61 11.51 -8.23
C ASN A 83 7.98 12.80 -7.66
N ALA A 84 8.08 13.91 -8.40
CA ALA A 84 7.53 15.22 -8.06
C ALA A 84 5.98 15.26 -7.97
N ARG A 85 5.27 14.19 -8.39
CA ARG A 85 3.81 14.03 -8.29
C ARG A 85 3.43 12.79 -7.49
N PRO A 9 15.03 4.52 0.11
CA PRO A 9 14.46 5.69 -0.57
C PRO A 9 13.03 5.97 -0.10
N LYS A 10 12.42 7.10 -0.48
CA LYS A 10 11.00 7.38 -0.19
C LYS A 10 10.07 6.97 -1.33
N SER A 11 8.89 6.46 -0.97
CA SER A 11 7.88 5.87 -1.86
C SER A 11 6.47 6.01 -1.26
N ARG A 12 5.43 5.76 -2.04
CA ARG A 12 4.01 5.78 -1.60
C ARG A 12 3.22 4.61 -2.20
N LEU A 13 2.49 3.92 -1.32
CA LEU A 13 1.55 2.84 -1.58
C LEU A 13 0.13 3.34 -1.28
N PHE A 14 -0.84 3.06 -2.16
CA PHE A 14 -2.22 3.54 -2.04
C PHE A 14 -3.23 2.39 -2.25
N ILE A 15 -4.21 2.29 -1.36
CA ILE A 15 -5.20 1.19 -1.35
C ILE A 15 -6.57 1.71 -1.78
N GLY A 16 -7.05 1.27 -2.94
CA GLY A 16 -8.41 1.53 -3.42
C GLY A 16 -9.44 0.48 -3.04
N ASN A 17 -9.05 -0.57 -2.31
CA ASN A 17 -9.93 -1.64 -1.81
C ASN A 17 -11.00 -1.19 -0.78
N LEU A 18 -11.13 0.11 -0.53
CA LEU A 18 -11.96 0.73 0.52
C LEU A 18 -11.75 0.15 1.94
N PRO A 19 -10.52 0.12 2.48
CA PRO A 19 -10.30 -0.12 3.91
C PRO A 19 -10.98 0.98 4.74
N LEU A 20 -11.98 0.60 5.54
CA LEU A 20 -12.82 1.50 6.34
C LEU A 20 -13.09 1.02 7.77
N LYS A 21 -12.67 -0.21 8.10
CA LYS A 21 -12.65 -0.74 9.46
C LYS A 21 -11.34 -0.40 10.17
N ASN A 22 -11.33 -0.55 11.50
CA ASN A 22 -10.18 -0.25 12.33
C ASN A 22 -8.93 -1.07 11.96
N VAL A 23 -7.81 -0.41 11.76
CA VAL A 23 -6.46 -0.98 11.54
C VAL A 23 -5.39 -0.02 12.07
N SER A 24 -4.24 -0.53 12.51
CA SER A 24 -3.11 0.30 12.97
C SER A 24 -1.87 0.13 12.09
N LYS A 25 -0.87 1.00 12.31
CA LYS A 25 0.45 0.95 11.69
C LYS A 25 1.18 -0.39 11.87
N GLU A 26 0.93 -1.11 12.95
CA GLU A 26 1.49 -2.46 13.16
C GLU A 26 0.78 -3.55 12.31
N ASP A 27 -0.51 -3.40 11.97
CA ASP A 27 -1.25 -4.35 11.14
C ASP A 27 -0.70 -4.37 9.71
N LEU A 28 -0.74 -3.21 9.06
CA LEU A 28 -0.22 -3.01 7.70
C LEU A 28 1.29 -3.32 7.62
N PHE A 29 2.04 -3.06 8.70
CA PHE A 29 3.47 -3.39 8.72
C PHE A 29 3.69 -4.90 8.82
N ARG A 30 2.98 -5.66 9.67
CA ARG A 30 3.18 -7.11 9.74
C ARG A 30 2.73 -7.81 8.45
N ILE A 31 1.60 -7.39 7.85
CA ILE A 31 1.05 -8.04 6.65
C ILE A 31 1.79 -7.65 5.35
N PHE A 32 2.57 -6.56 5.34
CA PHE A 32 3.45 -6.20 4.22
C PHE A 32 4.96 -6.39 4.49
N SER A 33 5.41 -6.69 5.71
CA SER A 33 6.83 -6.91 6.04
C SER A 33 7.59 -7.86 5.08
N PRO A 34 7.06 -9.06 4.74
CA PRO A 34 7.71 -9.95 3.78
C PRO A 34 7.53 -9.52 2.30
N TYR A 35 6.70 -8.52 2.02
CA TYR A 35 6.43 -8.01 0.67
C TYR A 35 7.26 -6.75 0.34
N GLY A 36 7.54 -5.90 1.34
CA GLY A 36 8.32 -4.67 1.13
C GLY A 36 8.83 -3.97 2.40
N HIS A 37 9.52 -2.85 2.18
CA HIS A 37 10.46 -2.27 3.14
C HIS A 37 9.88 -1.20 4.10
N ILE A 38 8.73 -0.58 3.80
CA ILE A 38 7.97 0.38 4.66
C ILE A 38 8.72 1.69 5.03
N MET A 39 7.97 2.77 5.27
CA MET A 39 8.46 4.02 5.89
C MET A 39 7.51 4.53 6.99
N GLN A 40 6.30 5.00 6.61
CA GLN A 40 5.38 5.77 7.45
C GLN A 40 3.91 5.55 7.03
N ILE A 41 2.92 6.02 7.79
CA ILE A 41 1.51 5.68 7.58
C ILE A 41 0.62 6.93 7.55
N ASN A 42 -0.34 7.00 6.61
CA ASN A 42 -1.39 8.03 6.54
C ASN A 42 -2.73 7.40 6.12
N ILE A 43 -3.37 6.64 7.02
CA ILE A 43 -4.71 6.12 6.78
C ILE A 43 -5.73 7.24 7.06
N LYS A 44 -6.31 7.75 5.97
CA LYS A 44 -7.37 8.76 5.94
C LYS A 44 -8.50 8.29 5.02
N ASN A 45 -9.75 8.50 5.44
CA ASN A 45 -10.96 8.12 4.68
C ASN A 45 -10.95 6.64 4.23
N ALA A 46 -11.58 6.29 3.09
CA ALA A 46 -11.54 4.94 2.52
C ALA A 46 -10.24 4.69 1.72
N PHE A 47 -9.76 5.71 1.02
CA PHE A 47 -8.53 5.66 0.22
C PHE A 47 -7.28 5.90 1.09
N GLY A 48 -7.03 4.98 2.02
CA GLY A 48 -5.85 5.02 2.89
C GLY A 48 -4.56 4.81 2.10
N PHE A 49 -3.48 5.49 2.52
CA PHE A 49 -2.16 5.36 1.90
C PHE A 49 -1.04 5.19 2.95
N ILE A 50 0.06 4.59 2.51
CA ILE A 50 1.19 4.17 3.34
C ILE A 50 2.46 4.60 2.62
N GLN A 51 3.32 5.33 3.31
CA GLN A 51 4.65 5.70 2.82
C GLN A 51 5.59 4.51 2.94
N PHE A 52 6.40 4.26 1.93
CA PHE A 52 7.22 3.06 1.82
C PHE A 52 8.69 3.37 1.49
N ASP A 53 9.53 2.36 1.69
CA ASP A 53 10.87 2.27 1.13
C ASP A 53 10.85 1.32 -0.07
N ASN A 54 11.66 1.60 -1.10
CA ASN A 54 11.76 0.95 -2.42
C ASN A 54 10.43 0.83 -3.22
N PRO A 55 10.36 1.34 -4.47
CA PRO A 55 9.13 1.32 -5.26
C PRO A 55 8.75 -0.08 -5.74
N GLN A 56 9.73 -0.97 -5.96
CA GLN A 56 9.50 -2.39 -6.26
C GLN A 56 8.80 -3.10 -5.09
N SER A 57 9.05 -2.63 -3.87
CA SER A 57 8.46 -3.12 -2.63
C SER A 57 7.05 -2.57 -2.39
N VAL A 58 6.78 -1.32 -2.82
CA VAL A 58 5.41 -0.81 -2.94
C VAL A 58 4.60 -1.69 -3.88
N ARG A 59 5.05 -1.85 -5.13
CA ARG A 59 4.24 -2.58 -6.13
C ARG A 59 4.07 -4.02 -5.74
N ASP A 60 5.09 -4.76 -5.30
CA ASP A 60 4.91 -6.15 -4.90
C ASP A 60 3.95 -6.34 -3.70
N ALA A 61 3.85 -5.37 -2.79
CA ALA A 61 2.91 -5.43 -1.68
C ALA A 61 1.45 -5.47 -2.16
N ILE A 62 0.97 -4.45 -2.89
CA ILE A 62 -0.42 -4.46 -3.40
C ILE A 62 -0.62 -5.24 -4.71
N GLU A 63 0.43 -5.56 -5.47
CA GLU A 63 0.30 -6.41 -6.67
C GLU A 63 0.29 -7.90 -6.34
N CYS A 64 0.82 -8.31 -5.18
CA CYS A 64 0.68 -9.68 -4.67
C CYS A 64 -0.46 -9.80 -3.64
N GLU A 65 -0.92 -8.72 -3.00
CA GLU A 65 -2.10 -8.70 -2.12
C GLU A 65 -3.40 -8.44 -2.90
N SER A 66 -3.52 -7.33 -3.64
CA SER A 66 -4.57 -7.08 -4.65
C SER A 66 -4.22 -7.68 -6.02
N GLN A 67 -3.64 -8.88 -6.02
CA GLN A 67 -3.26 -9.65 -7.20
C GLN A 67 -4.49 -10.11 -7.99
N GLU A 68 -5.50 -10.60 -7.27
CA GLU A 68 -6.74 -11.14 -7.80
C GLU A 68 -7.92 -10.98 -6.82
N MET A 69 -7.80 -11.47 -5.57
CA MET A 69 -8.84 -11.47 -4.53
C MET A 69 -10.28 -11.71 -5.06
N ASN A 70 -10.49 -12.79 -5.83
CA ASN A 70 -11.69 -13.02 -6.66
C ASN A 70 -13.00 -12.96 -5.82
N PHE A 71 -13.72 -11.85 -5.90
CA PHE A 71 -14.93 -11.58 -5.09
C PHE A 71 -15.77 -10.45 -5.68
N GLY A 72 -15.13 -9.43 -6.26
CA GLY A 72 -15.75 -8.27 -6.89
C GLY A 72 -14.70 -7.32 -7.49
N LYS A 73 -15.13 -6.37 -8.32
CA LYS A 73 -14.30 -5.32 -8.94
C LYS A 73 -14.07 -4.11 -8.00
N LYS A 74 -14.25 -4.29 -6.69
CA LYS A 74 -13.99 -3.29 -5.63
C LYS A 74 -12.51 -2.94 -5.49
N LEU A 75 -11.62 -3.93 -5.67
CA LEU A 75 -10.16 -3.75 -5.53
C LEU A 75 -9.56 -2.84 -6.62
N ILE A 76 -8.55 -2.08 -6.23
CA ILE A 76 -7.60 -1.37 -7.10
C ILE A 76 -6.43 -0.88 -6.23
N LEU A 77 -5.25 -0.72 -6.83
CA LEU A 77 -4.05 -0.18 -6.19
C LEU A 77 -3.48 1.02 -6.95
N GLU A 78 -2.64 1.79 -6.27
CA GLU A 78 -1.72 2.73 -6.91
C GLU A 78 -0.34 2.68 -6.24
N VAL A 79 0.69 2.81 -7.08
CA VAL A 79 2.10 2.93 -6.72
C VAL A 79 2.60 4.31 -7.15
N SER A 80 3.40 4.95 -6.29
CA SER A 80 4.04 6.23 -6.57
C SER A 80 5.48 6.20 -6.04
N SER A 81 6.48 6.26 -6.93
CA SER A 81 7.90 6.06 -6.60
C SER A 81 8.59 7.28 -5.93
N SER A 82 7.83 8.15 -5.25
CA SER A 82 8.34 9.25 -4.41
C SER A 82 7.29 9.71 -3.39
N ASN A 83 7.63 10.68 -2.53
CA ASN A 83 6.73 11.28 -1.53
C ASN A 83 7.09 12.75 -1.26
N ALA A 84 6.10 13.52 -0.77
CA ALA A 84 6.21 14.92 -0.36
C ALA A 84 6.61 15.90 -1.49
N ARG A 85 6.57 17.21 -1.21
CA ARG A 85 6.87 18.31 -2.15
C ARG A 85 7.90 19.28 -1.61
N PRO A 9 15.79 4.51 0.35
CA PRO A 9 14.99 5.27 -0.63
C PRO A 9 13.70 5.84 -0.02
N LYS A 10 12.83 6.41 -0.85
CA LYS A 10 11.49 6.90 -0.48
C LYS A 10 10.45 6.48 -1.52
N SER A 11 9.23 6.18 -1.10
CA SER A 11 8.18 5.62 -1.97
C SER A 11 6.79 5.75 -1.32
N ARG A 12 5.72 5.51 -2.08
CA ARG A 12 4.33 5.71 -1.63
C ARG A 12 3.34 4.76 -2.33
N LEU A 13 2.60 4.02 -1.52
CA LEU A 13 1.56 3.05 -1.86
C LEU A 13 0.17 3.65 -1.56
N PHE A 14 -0.83 3.36 -2.40
CA PHE A 14 -2.23 3.64 -2.10
C PHE A 14 -3.16 2.47 -2.49
N ILE A 15 -4.20 2.24 -1.68
CA ILE A 15 -5.27 1.28 -1.94
C ILE A 15 -6.61 2.01 -1.96
N GLY A 16 -7.33 1.96 -3.08
CA GLY A 16 -8.60 2.66 -3.28
C GLY A 16 -9.85 1.87 -2.89
N ASN A 17 -9.73 0.57 -2.58
CA ASN A 17 -10.80 -0.22 -1.94
C ASN A 17 -10.23 -1.52 -1.34
N LEU A 18 -9.85 -1.52 -0.07
CA LEU A 18 -9.58 -2.74 0.71
C LEU A 18 -9.71 -2.51 2.23
N PRO A 19 -9.10 -1.46 2.84
CA PRO A 19 -9.08 -1.31 4.30
C PRO A 19 -10.38 -0.65 4.83
N LEU A 20 -11.51 -1.34 4.72
CA LEU A 20 -12.84 -0.81 5.10
C LEU A 20 -13.16 -0.95 6.60
N LYS A 21 -12.30 -1.63 7.36
CA LYS A 21 -12.43 -1.85 8.82
C LYS A 21 -11.36 -1.11 9.63
N ASN A 22 -10.62 -0.21 8.97
CA ASN A 22 -9.46 0.55 9.46
C ASN A 22 -8.29 -0.36 9.93
N VAL A 23 -7.06 0.03 9.59
CA VAL A 23 -5.84 -0.75 9.83
C VAL A 23 -4.82 0.11 10.59
N SER A 24 -4.19 -0.47 11.61
CA SER A 24 -3.16 0.19 12.41
C SER A 24 -1.76 0.02 11.83
N LYS A 25 -0.84 0.93 12.17
CA LYS A 25 0.56 0.94 11.75
C LYS A 25 1.25 -0.41 11.91
N GLU A 26 1.11 -1.06 13.07
CA GLU A 26 1.72 -2.36 13.35
C GLU A 26 1.07 -3.52 12.56
N ASP A 27 -0.20 -3.40 12.17
CA ASP A 27 -0.94 -4.42 11.42
C ASP A 27 -0.65 -4.38 9.91
N LEU A 28 -0.64 -3.18 9.31
CA LEU A 28 -0.18 -3.04 7.92
C LEU A 28 1.33 -3.31 7.82
N PHE A 29 2.12 -2.95 8.83
CA PHE A 29 3.54 -3.28 8.88
C PHE A 29 3.75 -4.80 8.95
N ARG A 30 3.07 -5.54 9.84
CA ARG A 30 3.26 -7.00 9.95
C ARG A 30 2.84 -7.76 8.69
N ILE A 31 1.70 -7.42 8.08
CA ILE A 31 1.21 -8.12 6.89
C ILE A 31 2.03 -7.78 5.63
N PHE A 32 2.63 -6.59 5.54
CA PHE A 32 3.54 -6.24 4.43
C PHE A 32 5.04 -6.44 4.73
N SER A 33 5.44 -6.81 5.94
CA SER A 33 6.85 -6.95 6.34
C SER A 33 7.73 -7.77 5.37
N PRO A 34 7.30 -8.93 4.83
CA PRO A 34 8.09 -9.68 3.85
C PRO A 34 7.89 -9.18 2.40
N TYR A 35 6.84 -8.41 2.11
CA TYR A 35 6.53 -7.89 0.77
C TYR A 35 7.37 -6.67 0.41
N GLY A 36 7.87 -5.93 1.41
CA GLY A 36 8.71 -4.76 1.17
C GLY A 36 9.28 -4.04 2.40
N HIS A 37 9.89 -2.88 2.16
CA HIS A 37 10.77 -2.21 3.13
C HIS A 37 10.14 -1.13 4.03
N ILE A 38 8.95 -0.60 3.71
CA ILE A 38 8.10 0.29 4.54
C ILE A 38 8.72 1.66 4.99
N MET A 39 7.89 2.68 5.26
CA MET A 39 8.29 3.94 5.91
C MET A 39 7.27 4.45 6.95
N GLN A 40 6.05 4.83 6.53
CA GLN A 40 5.09 5.59 7.36
C GLN A 40 3.64 5.46 6.84
N ILE A 41 2.62 6.01 7.53
CA ILE A 41 1.20 5.76 7.19
C ILE A 41 0.33 7.03 7.15
N ASN A 42 -0.77 7.00 6.40
CA ASN A 42 -1.90 7.94 6.52
C ASN A 42 -3.22 7.29 6.03
N ILE A 43 -4.24 7.18 6.89
CA ILE A 43 -5.44 6.36 6.61
C ILE A 43 -6.74 7.12 6.90
N LYS A 44 -7.65 7.16 5.91
CA LYS A 44 -8.95 7.85 5.97
C LYS A 44 -9.96 7.25 4.97
N ASN A 45 -11.24 7.27 5.34
CA ASN A 45 -12.37 6.77 4.53
C ASN A 45 -12.16 5.31 4.06
N ALA A 46 -12.73 4.89 2.94
CA ALA A 46 -12.62 3.53 2.38
C ALA A 46 -11.22 3.18 1.83
N PHE A 47 -10.31 4.15 1.84
CA PHE A 47 -9.00 4.08 1.17
C PHE A 47 -7.86 3.99 2.21
N GLY A 48 -6.60 4.02 1.75
CA GLY A 48 -5.46 4.26 2.62
C GLY A 48 -4.17 4.54 1.85
N PHE A 49 -3.29 5.34 2.44
CA PHE A 49 -1.94 5.62 1.95
C PHE A 49 -0.90 5.00 2.90
N ILE A 50 0.11 4.36 2.34
CA ILE A 50 1.26 3.82 3.10
C ILE A 50 2.53 4.30 2.40
N GLN A 51 3.31 5.13 3.06
CA GLN A 51 4.64 5.51 2.61
C GLN A 51 5.58 4.33 2.84
N PHE A 52 6.46 4.08 1.88
CA PHE A 52 7.31 2.91 1.80
C PHE A 52 8.76 3.31 1.53
N ASP A 53 9.68 2.43 1.90
CA ASP A 53 10.99 2.40 1.27
C ASP A 53 10.94 1.42 0.09
N ASN A 54 11.71 1.72 -0.96
CA ASN A 54 11.76 1.08 -2.29
C ASN A 54 10.44 1.09 -3.13
N PRO A 55 10.53 1.35 -4.45
CA PRO A 55 9.37 1.29 -5.35
C PRO A 55 8.95 -0.16 -5.69
N GLN A 56 9.91 -1.08 -5.82
CA GLN A 56 9.59 -2.50 -6.02
C GLN A 56 8.80 -3.07 -4.83
N SER A 57 9.09 -2.61 -3.61
CA SER A 57 8.33 -2.91 -2.39
C SER A 57 6.89 -2.40 -2.44
N VAL A 58 6.66 -1.16 -2.91
CA VAL A 58 5.30 -0.62 -3.09
C VAL A 58 4.47 -1.48 -4.04
N ARG A 59 5.02 -1.76 -5.23
CA ARG A 59 4.30 -2.53 -6.25
C ARG A 59 4.13 -3.99 -5.82
N ASP A 60 5.13 -4.63 -5.22
CA ASP A 60 5.00 -6.03 -4.78
C ASP A 60 4.01 -6.18 -3.60
N ALA A 61 3.85 -5.14 -2.76
CA ALA A 61 2.84 -5.13 -1.72
C ALA A 61 1.41 -5.22 -2.30
N ILE A 62 0.96 -4.23 -3.08
CA ILE A 62 -0.44 -4.24 -3.60
C ILE A 62 -0.67 -5.16 -4.81
N GLU A 63 0.34 -5.44 -5.64
CA GLU A 63 0.20 -6.42 -6.72
C GLU A 63 0.04 -7.85 -6.20
N CYS A 64 0.55 -8.14 -4.99
CA CYS A 64 0.48 -9.45 -4.36
C CYS A 64 -0.57 -9.53 -3.22
N GLU A 65 -1.09 -8.41 -2.71
CA GLU A 65 -2.13 -8.38 -1.66
C GLU A 65 -3.51 -7.96 -2.17
N SER A 66 -3.61 -6.90 -2.97
CA SER A 66 -4.87 -6.50 -3.61
C SER A 66 -5.12 -7.29 -4.90
N GLN A 67 -4.06 -7.51 -5.68
CA GLN A 67 -4.04 -8.38 -6.87
C GLN A 67 -5.08 -8.03 -7.94
N GLU A 68 -5.19 -8.88 -8.96
CA GLU A 68 -6.28 -8.94 -9.94
C GLU A 68 -6.51 -7.63 -10.72
N MET A 69 -5.56 -6.69 -10.73
CA MET A 69 -5.67 -5.46 -11.53
C MET A 69 -5.82 -5.79 -13.01
N ASN A 70 -5.19 -6.87 -13.47
CA ASN A 70 -5.27 -7.41 -14.83
C ASN A 70 -6.42 -8.46 -15.01
N PHE A 71 -7.27 -8.66 -13.99
CA PHE A 71 -8.38 -9.65 -13.99
C PHE A 71 -9.75 -9.07 -13.56
N GLY A 72 -9.79 -7.86 -13.01
CA GLY A 72 -10.99 -7.23 -12.47
C GLY A 72 -10.77 -5.79 -12.01
N LYS A 73 -11.81 -5.18 -11.46
CA LYS A 73 -11.83 -3.78 -10.99
C LYS A 73 -12.70 -3.54 -9.75
N LYS A 74 -12.95 -4.58 -8.94
CA LYS A 74 -13.58 -4.44 -7.61
C LYS A 74 -12.77 -3.51 -6.71
N LEU A 75 -11.45 -3.46 -6.91
CA LEU A 75 -10.54 -2.51 -6.27
C LEU A 75 -9.60 -1.82 -7.27
N ILE A 76 -8.93 -0.77 -6.80
CA ILE A 76 -7.88 -0.04 -7.51
C ILE A 76 -6.70 0.20 -6.55
N LEU A 77 -5.50 0.34 -7.09
CA LEU A 77 -4.26 0.60 -6.37
C LEU A 77 -3.40 1.63 -7.10
N GLU A 78 -2.39 2.17 -6.42
CA GLU A 78 -1.36 3.03 -7.01
C GLU A 78 0.04 2.79 -6.42
N VAL A 79 1.03 2.81 -7.32
CA VAL A 79 2.46 2.91 -7.02
C VAL A 79 2.97 4.34 -7.31
N SER A 80 3.84 4.87 -6.45
CA SER A 80 4.44 6.21 -6.57
C SER A 80 5.80 6.23 -5.87
N SER A 81 6.76 7.00 -6.40
CA SER A 81 8.10 7.14 -5.78
C SER A 81 8.26 8.42 -4.95
N SER A 82 7.20 9.23 -4.86
CA SER A 82 7.18 10.55 -4.23
C SER A 82 5.82 10.84 -3.56
N ASN A 83 5.71 11.87 -2.74
CA ASN A 83 4.45 12.31 -2.11
C ASN A 83 3.78 13.48 -2.88
N ALA A 84 4.47 14.13 -3.81
CA ALA A 84 3.92 15.23 -4.62
C ALA A 84 4.43 15.29 -6.07
N ARG A 85 5.71 15.00 -6.31
CA ARG A 85 6.34 15.13 -7.62
C ARG A 85 7.47 14.12 -7.84
N PRO A 9 15.53 4.72 0.74
CA PRO A 9 14.76 5.66 -0.10
C PRO A 9 13.39 6.03 0.48
N LYS A 10 12.60 6.81 -0.28
CA LYS A 10 11.18 7.11 -0.05
C LYS A 10 10.34 6.65 -1.24
N SER A 11 9.08 6.32 -1.01
CA SER A 11 8.14 5.73 -1.97
C SER A 11 6.70 5.89 -1.46
N ARG A 12 5.69 5.70 -2.30
CA ARG A 12 4.26 5.96 -2.00
C ARG A 12 3.37 4.83 -2.53
N LEU A 13 2.62 4.22 -1.60
CA LEU A 13 1.61 3.17 -1.80
C LEU A 13 0.20 3.74 -1.59
N PHE A 14 -0.73 3.43 -2.48
CA PHE A 14 -2.15 3.73 -2.29
C PHE A 14 -3.03 2.48 -2.48
N ILE A 15 -4.03 2.30 -1.62
CA ILE A 15 -5.13 1.34 -1.77
C ILE A 15 -6.45 2.11 -1.65
N GLY A 16 -7.39 1.90 -2.56
CA GLY A 16 -8.77 2.41 -2.48
C GLY A 16 -9.62 1.73 -1.40
N ASN A 17 -10.93 1.69 -1.60
CA ASN A 17 -11.92 1.10 -0.69
C ASN A 17 -11.70 -0.40 -0.44
N LEU A 18 -10.84 -0.74 0.52
CA LEU A 18 -10.53 -2.10 0.95
C LEU A 18 -10.06 -2.17 2.43
N PRO A 19 -8.97 -1.48 2.86
CA PRO A 19 -8.42 -1.68 4.20
C PRO A 19 -9.33 -1.10 5.29
N LEU A 20 -9.99 0.03 5.00
CA LEU A 20 -10.80 0.81 5.95
C LEU A 20 -10.01 1.22 7.21
N LYS A 21 -10.66 1.96 8.11
CA LYS A 21 -10.14 2.36 9.43
C LYS A 21 -10.03 1.19 10.43
N ASN A 22 -10.05 -0.05 9.94
CA ASN A 22 -9.79 -1.28 10.69
C ASN A 22 -8.33 -1.76 10.58
N VAL A 23 -7.55 -1.19 9.66
CA VAL A 23 -6.10 -1.44 9.55
C VAL A 23 -5.34 -0.37 10.33
N SER A 24 -4.45 -0.80 11.24
CA SER A 24 -3.54 0.06 12.01
C SER A 24 -2.08 -0.13 11.54
N LYS A 25 -1.14 0.70 12.02
CA LYS A 25 0.25 0.69 11.54
C LYS A 25 1.00 -0.63 11.78
N GLU A 26 0.58 -1.42 12.77
CA GLU A 26 1.11 -2.76 13.04
C GLU A 26 0.59 -3.79 12.03
N ASP A 27 -0.64 -3.60 11.54
CA ASP A 27 -1.32 -4.49 10.60
C ASP A 27 -0.86 -4.26 9.17
N LEU A 28 -0.88 -3.02 8.68
CA LEU A 28 -0.33 -2.71 7.34
C LEU A 28 1.15 -3.08 7.25
N PHE A 29 1.91 -2.95 8.35
CA PHE A 29 3.29 -3.39 8.40
C PHE A 29 3.40 -4.92 8.30
N ARG A 30 2.72 -5.70 9.16
CA ARG A 30 2.85 -7.17 9.16
C ARG A 30 2.36 -7.85 7.88
N ILE A 31 1.35 -7.29 7.22
CA ILE A 31 0.80 -7.83 5.97
C ILE A 31 1.65 -7.47 4.74
N PHE A 32 2.26 -6.28 4.67
CA PHE A 32 3.18 -5.93 3.58
C PHE A 32 4.67 -6.28 3.84
N SER A 33 5.04 -6.64 5.07
CA SER A 33 6.42 -7.02 5.48
C SER A 33 7.15 -8.00 4.55
N PRO A 34 6.57 -9.13 4.08
CA PRO A 34 7.31 -10.08 3.24
C PRO A 34 7.50 -9.59 1.78
N TYR A 35 6.93 -8.44 1.42
CA TYR A 35 6.90 -7.91 0.06
C TYR A 35 7.71 -6.62 -0.12
N GLY A 36 7.97 -5.87 0.95
CA GLY A 36 8.65 -4.57 0.86
C GLY A 36 9.28 -4.07 2.15
N HIS A 37 9.95 -2.91 2.07
CA HIS A 37 10.76 -2.36 3.16
C HIS A 37 10.04 -1.34 4.07
N ILE A 38 8.89 -0.77 3.66
CA ILE A 38 8.04 0.15 4.46
C ILE A 38 8.70 1.48 4.90
N MET A 39 7.88 2.51 5.19
CA MET A 39 8.27 3.74 5.90
C MET A 39 7.23 4.15 6.96
N GLN A 40 6.12 4.79 6.57
CA GLN A 40 5.22 5.56 7.45
C GLN A 40 3.76 5.54 6.95
N ILE A 41 2.79 6.03 7.74
CA ILE A 41 1.36 5.69 7.55
C ILE A 41 0.41 6.89 7.45
N ASN A 42 -0.64 6.74 6.64
CA ASN A 42 -1.84 7.57 6.60
C ASN A 42 -3.03 6.69 6.16
N ILE A 43 -4.19 6.76 6.85
CA ILE A 43 -5.43 6.06 6.50
C ILE A 43 -6.61 7.02 6.70
N LYS A 44 -7.55 7.06 5.73
CA LYS A 44 -8.65 8.04 5.68
C LYS A 44 -9.88 7.44 4.98
N ASN A 45 -11.07 7.83 5.41
CA ASN A 45 -12.37 7.38 4.87
C ASN A 45 -12.50 5.83 4.82
N ALA A 46 -12.21 5.20 3.68
CA ALA A 46 -12.16 3.76 3.49
C ALA A 46 -10.82 3.26 2.88
N PHE A 47 -9.87 4.17 2.65
CA PHE A 47 -8.68 3.98 1.81
C PHE A 47 -7.36 4.16 2.60
N GLY A 48 -6.26 3.66 2.04
CA GLY A 48 -4.93 3.73 2.65
C GLY A 48 -3.91 4.48 1.78
N PHE A 49 -3.12 5.35 2.39
CA PHE A 49 -2.04 6.12 1.77
C PHE A 49 -0.77 5.92 2.60
N ILE A 50 0.08 4.97 2.20
CA ILE A 50 1.19 4.48 3.02
C ILE A 50 2.52 4.82 2.35
N GLN A 51 3.43 5.43 3.10
CA GLN A 51 4.78 5.75 2.65
C GLN A 51 5.68 4.51 2.80
N PHE A 52 6.58 4.32 1.84
CA PHE A 52 7.40 3.12 1.69
C PHE A 52 8.86 3.44 1.40
N ASP A 53 9.69 2.40 1.37
CA ASP A 53 11.08 2.43 0.92
C ASP A 53 11.23 1.48 -0.29
N ASN A 54 11.79 1.98 -1.40
CA ASN A 54 11.79 1.40 -2.76
C ASN A 54 10.41 1.33 -3.46
N PRO A 55 10.33 1.40 -4.81
CA PRO A 55 9.06 1.25 -5.54
C PRO A 55 8.66 -0.22 -5.72
N GLN A 56 9.64 -1.12 -5.81
CA GLN A 56 9.42 -2.56 -5.91
C GLN A 56 8.72 -3.07 -4.64
N SER A 57 9.08 -2.52 -3.48
CA SER A 57 8.38 -2.72 -2.21
C SER A 57 6.92 -2.29 -2.23
N VAL A 58 6.54 -1.32 -3.08
CA VAL A 58 5.17 -0.83 -3.19
C VAL A 58 4.36 -1.70 -4.13
N ARG A 59 4.85 -1.96 -5.36
CA ARG A 59 4.16 -2.87 -6.27
C ARG A 59 4.01 -4.25 -5.64
N ASP A 60 5.08 -4.85 -5.14
CA ASP A 60 5.01 -6.18 -4.51
C ASP A 60 4.05 -6.21 -3.32
N ALA A 61 4.02 -5.16 -2.49
CA ALA A 61 3.08 -5.05 -1.38
C ALA A 61 1.63 -5.11 -1.85
N ILE A 62 1.19 -4.21 -2.73
CA ILE A 62 -0.22 -4.17 -3.13
C ILE A 62 -0.56 -5.35 -4.05
N GLU A 63 0.30 -5.68 -5.01
CA GLU A 63 0.06 -6.71 -6.02
C GLU A 63 0.04 -8.12 -5.43
N CYS A 64 0.84 -8.39 -4.39
CA CYS A 64 1.00 -9.72 -3.83
C CYS A 64 0.19 -9.94 -2.53
N GLU A 65 0.00 -8.92 -1.69
CA GLU A 65 -0.88 -9.02 -0.51
C GLU A 65 -2.33 -8.68 -0.82
N SER A 66 -2.60 -7.55 -1.48
CA SER A 66 -3.97 -7.07 -1.69
C SER A 66 -4.59 -7.60 -2.99
N GLN A 67 -3.89 -7.51 -4.12
CA GLN A 67 -4.29 -8.05 -5.43
C GLN A 67 -5.72 -7.59 -5.81
N GLU A 68 -6.51 -8.44 -6.49
CA GLU A 68 -7.95 -8.26 -6.77
C GLU A 68 -8.38 -6.94 -7.46
N MET A 69 -7.43 -6.21 -8.06
CA MET A 69 -7.73 -5.12 -8.99
C MET A 69 -8.17 -5.66 -10.36
N ASN A 70 -7.67 -6.83 -10.74
CA ASN A 70 -8.08 -7.59 -11.91
C ASN A 70 -8.84 -8.88 -11.50
N PHE A 71 -9.49 -9.54 -12.46
CA PHE A 71 -10.27 -10.77 -12.27
C PHE A 71 -11.30 -10.69 -11.12
N GLY A 72 -11.90 -9.52 -10.92
CA GLY A 72 -12.93 -9.28 -9.90
C GLY A 72 -13.09 -7.82 -9.45
N LYS A 73 -12.15 -6.93 -9.83
CA LYS A 73 -12.15 -5.48 -9.62
C LYS A 73 -12.61 -4.99 -8.23
N LYS A 74 -12.30 -5.75 -7.17
CA LYS A 74 -12.73 -5.46 -5.79
C LYS A 74 -12.18 -4.12 -5.29
N LEU A 75 -10.97 -3.76 -5.71
CA LEU A 75 -10.30 -2.52 -5.33
C LEU A 75 -9.52 -1.90 -6.49
N ILE A 76 -9.12 -0.65 -6.30
CA ILE A 76 -8.13 0.08 -7.11
C ILE A 76 -6.90 0.37 -6.23
N LEU A 77 -5.72 0.46 -6.85
CA LEU A 77 -4.47 0.85 -6.19
C LEU A 77 -3.68 1.89 -6.99
N GLU A 78 -2.63 2.43 -6.39
CA GLU A 78 -1.59 3.17 -7.11
C GLU A 78 -0.21 2.93 -6.50
N VAL A 79 0.81 2.88 -7.37
CA VAL A 79 2.24 2.83 -7.01
C VAL A 79 2.91 4.10 -7.51
N SER A 80 3.70 4.76 -6.65
CA SER A 80 4.44 5.97 -6.99
C SER A 80 5.81 5.96 -6.28
N SER A 81 6.90 6.22 -7.01
CA SER A 81 8.26 6.22 -6.47
C SER A 81 8.61 7.44 -5.62
N SER A 82 7.64 8.27 -5.21
CA SER A 82 7.84 9.62 -4.65
C SER A 82 8.80 10.50 -5.48
N ASN A 83 8.84 10.27 -6.80
CA ASN A 83 9.79 10.83 -7.75
C ASN A 83 9.17 11.97 -8.58
N ALA A 84 8.18 12.64 -8.01
CA ALA A 84 7.45 13.78 -8.56
C ALA A 84 7.17 14.82 -7.46
N ARG A 85 6.65 15.99 -7.88
CA ARG A 85 6.49 17.21 -7.06
C ARG A 85 7.79 17.58 -6.33
N PRO A 9 14.83 4.77 -0.66
CA PRO A 9 14.20 5.98 -1.23
C PRO A 9 12.72 6.09 -0.85
N LYS A 10 12.19 7.32 -0.79
CA LYS A 10 10.76 7.59 -0.54
C LYS A 10 9.89 6.90 -1.59
N SER A 11 8.79 6.28 -1.15
CA SER A 11 7.87 5.50 -1.98
C SER A 11 6.45 5.59 -1.44
N ARG A 12 5.43 5.34 -2.27
CA ARG A 12 4.02 5.61 -1.95
C ARG A 12 3.12 4.46 -2.40
N LEU A 13 2.43 3.85 -1.44
CA LEU A 13 1.52 2.72 -1.57
C LEU A 13 0.08 3.18 -1.31
N PHE A 14 -0.69 3.40 -2.38
CA PHE A 14 -2.09 3.81 -2.27
C PHE A 14 -3.08 2.65 -2.52
N ILE A 15 -4.13 2.56 -1.70
CA ILE A 15 -5.27 1.65 -1.91
C ILE A 15 -6.59 2.42 -1.91
N GLY A 16 -7.34 2.32 -3.01
CA GLY A 16 -8.51 3.15 -3.28
C GLY A 16 -9.86 2.61 -2.76
N ASN A 17 -10.01 1.30 -2.52
CA ASN A 17 -11.33 0.68 -2.26
C ASN A 17 -11.33 -0.56 -1.33
N LEU A 18 -10.34 -0.68 -0.44
CA LEU A 18 -10.28 -1.77 0.57
C LEU A 18 -10.13 -1.28 2.04
N PRO A 19 -9.43 -0.17 2.35
CA PRO A 19 -9.33 0.37 3.73
C PRO A 19 -10.61 1.04 4.26
N LEU A 20 -11.76 0.38 4.09
CA LEU A 20 -13.09 0.84 4.50
C LEU A 20 -13.40 0.59 5.99
N LYS A 21 -12.48 -0.09 6.69
CA LYS A 21 -12.51 -0.36 8.13
C LYS A 21 -11.24 0.16 8.81
N ASN A 22 -11.21 0.13 10.14
CA ASN A 22 -10.09 0.70 10.91
C ASN A 22 -8.79 -0.10 10.72
N VAL A 23 -7.66 0.62 10.68
CA VAL A 23 -6.30 0.04 10.53
C VAL A 23 -5.29 0.84 11.35
N SER A 24 -4.43 0.14 12.08
CA SER A 24 -3.29 0.67 12.86
C SER A 24 -1.94 0.47 12.14
N LYS A 25 -0.89 1.16 12.59
CA LYS A 25 0.47 1.07 12.02
C LYS A 25 1.00 -0.36 11.96
N GLU A 26 0.71 -1.18 12.96
CA GLU A 26 1.27 -2.53 13.08
C GLU A 26 0.56 -3.56 12.20
N ASP A 27 -0.75 -3.40 11.95
CA ASP A 27 -1.52 -4.29 11.09
C ASP A 27 -1.01 -4.26 9.64
N LEU A 28 -0.89 -3.06 9.07
CA LEU A 28 -0.34 -2.89 7.72
C LEU A 28 1.16 -3.24 7.66
N PHE A 29 1.92 -2.95 8.72
CA PHE A 29 3.34 -3.28 8.77
C PHE A 29 3.57 -4.79 8.81
N ARG A 30 2.83 -5.55 9.62
CA ARG A 30 3.02 -7.01 9.73
C ARG A 30 2.56 -7.74 8.47
N ILE A 31 1.44 -7.34 7.86
CA ILE A 31 0.97 -8.00 6.61
C ILE A 31 1.82 -7.64 5.38
N PHE A 32 2.46 -6.48 5.34
CA PHE A 32 3.42 -6.12 4.27
C PHE A 32 4.91 -6.37 4.62
N SER A 33 5.26 -6.77 5.85
CA SER A 33 6.64 -7.09 6.27
C SER A 33 7.38 -8.07 5.34
N PRO A 34 6.78 -9.18 4.87
CA PRO A 34 7.44 -10.08 3.92
C PRO A 34 7.37 -9.59 2.46
N TYR A 35 6.77 -8.43 2.18
CA TYR A 35 6.59 -7.89 0.81
C TYR A 35 7.41 -6.64 0.52
N GLY A 36 7.75 -5.81 1.51
CA GLY A 36 8.47 -4.57 1.24
C GLY A 36 9.07 -3.84 2.43
N HIS A 37 9.81 -2.76 2.15
CA HIS A 37 10.75 -2.15 3.10
C HIS A 37 10.17 -1.09 4.04
N ILE A 38 8.99 -0.51 3.73
CA ILE A 38 8.19 0.41 4.59
C ILE A 38 8.87 1.75 4.99
N MET A 39 8.07 2.79 5.26
CA MET A 39 8.49 4.06 5.85
C MET A 39 7.51 4.53 6.94
N GLN A 40 6.32 4.99 6.53
CA GLN A 40 5.35 5.71 7.38
C GLN A 40 3.91 5.38 6.96
N ILE A 41 2.91 5.77 7.75
CA ILE A 41 1.52 5.35 7.54
C ILE A 41 0.52 6.50 7.63
N ASN A 42 -0.50 6.47 6.77
CA ASN A 42 -1.65 7.37 6.81
C ASN A 42 -2.87 6.67 6.18
N ILE A 43 -4.00 6.60 6.88
CA ILE A 43 -5.24 5.91 6.45
C ILE A 43 -6.45 6.72 6.93
N LYS A 44 -7.42 6.97 6.04
CA LYS A 44 -8.57 7.86 6.31
C LYS A 44 -9.85 7.34 5.65
N ASN A 45 -10.93 7.20 6.43
CA ASN A 45 -12.30 6.80 6.03
C ASN A 45 -12.43 5.47 5.26
N ALA A 46 -11.97 5.47 4.01
CA ALA A 46 -12.12 4.42 3.00
C ALA A 46 -10.89 4.25 2.10
N PHE A 47 -9.78 4.94 2.42
CA PHE A 47 -8.59 5.09 1.57
C PHE A 47 -7.31 4.90 2.38
N GLY A 48 -6.32 4.22 1.80
CA GLY A 48 -5.00 4.00 2.42
C GLY A 48 -3.90 4.74 1.68
N PHE A 49 -3.17 5.60 2.38
CA PHE A 49 -2.09 6.47 1.90
C PHE A 49 -0.77 6.04 2.56
N ILE A 50 -0.37 4.79 2.38
CA ILE A 50 0.75 4.19 3.12
C ILE A 50 2.07 4.57 2.46
N GLN A 51 3.10 4.88 3.24
CA GLN A 51 4.39 5.35 2.75
C GLN A 51 5.47 4.27 2.94
N PHE A 52 6.31 4.11 1.93
CA PHE A 52 7.23 2.99 1.81
C PHE A 52 8.66 3.44 1.54
N ASP A 53 9.59 2.52 1.75
CA ASP A 53 10.90 2.54 1.12
C ASP A 53 10.90 1.56 -0.06
N ASN A 54 11.65 1.86 -1.13
CA ASN A 54 11.73 1.21 -2.45
C ASN A 54 10.43 1.22 -3.30
N PRO A 55 10.52 1.33 -4.64
CA PRO A 55 9.37 1.22 -5.54
C PRO A 55 8.92 -0.24 -5.69
N GLN A 56 9.87 -1.17 -5.80
CA GLN A 56 9.60 -2.60 -5.98
C GLN A 56 8.83 -3.18 -4.78
N SER A 57 9.23 -2.78 -3.57
CA SER A 57 8.50 -3.05 -2.32
C SER A 57 7.04 -2.60 -2.33
N VAL A 58 6.70 -1.49 -3.01
CA VAL A 58 5.32 -1.03 -3.13
C VAL A 58 4.54 -1.94 -4.07
N ARG A 59 4.97 -2.08 -5.33
CA ARG A 59 4.19 -2.84 -6.31
C ARG A 59 4.14 -4.34 -6.01
N ASP A 60 5.12 -4.90 -5.31
CA ASP A 60 5.03 -6.29 -4.85
C ASP A 60 4.08 -6.44 -3.65
N ALA A 61 4.04 -5.48 -2.72
CA ALA A 61 3.07 -5.47 -1.62
C ALA A 61 1.62 -5.33 -2.11
N ILE A 62 1.34 -4.42 -3.05
CA ILE A 62 -0.01 -4.29 -3.57
C ILE A 62 -0.36 -5.44 -4.51
N GLU A 63 0.47 -5.69 -5.53
CA GLU A 63 0.10 -6.61 -6.62
C GLU A 63 0.18 -8.10 -6.24
N CYS A 64 0.79 -8.45 -5.09
CA CYS A 64 0.86 -9.82 -4.59
C CYS A 64 0.00 -10.09 -3.34
N GLU A 65 -0.20 -9.11 -2.44
CA GLU A 65 -1.02 -9.29 -1.21
C GLU A 65 -2.37 -8.57 -1.25
N SER A 66 -2.47 -7.41 -1.91
CA SER A 66 -3.71 -6.62 -1.93
C SER A 66 -4.66 -7.06 -3.06
N GLN A 67 -5.07 -8.33 -3.06
CA GLN A 67 -6.08 -8.93 -3.96
C GLN A 67 -5.86 -8.79 -5.48
N GLU A 68 -4.74 -8.24 -5.91
CA GLU A 68 -4.38 -8.01 -7.32
C GLU A 68 -3.63 -9.20 -7.95
N MET A 69 -3.33 -10.23 -7.14
CA MET A 69 -2.68 -11.48 -7.54
C MET A 69 -3.66 -12.47 -8.22
N ASN A 70 -4.56 -11.95 -9.05
CA ASN A 70 -5.70 -12.64 -9.65
C ASN A 70 -5.85 -12.24 -11.13
N PHE A 71 -6.43 -13.13 -11.94
CA PHE A 71 -6.85 -12.82 -13.31
C PHE A 71 -8.09 -11.91 -13.33
N GLY A 72 -8.97 -12.05 -12.32
CA GLY A 72 -10.08 -11.14 -12.07
C GLY A 72 -9.62 -9.79 -11.53
N LYS A 73 -10.58 -8.90 -11.31
CA LYS A 73 -10.36 -7.54 -10.75
C LYS A 73 -11.36 -7.23 -9.65
N LYS A 74 -10.89 -6.50 -8.64
CA LYS A 74 -11.70 -5.86 -7.60
C LYS A 74 -11.00 -4.66 -6.96
N LEU A 75 -9.69 -4.74 -6.72
CA LEU A 75 -8.95 -3.71 -5.99
C LEU A 75 -8.36 -2.62 -6.91
N ILE A 76 -8.53 -1.37 -6.51
CA ILE A 76 -7.97 -0.17 -7.16
C ILE A 76 -6.78 0.34 -6.34
N LEU A 77 -5.68 0.70 -7.02
CA LEU A 77 -4.42 1.11 -6.39
C LEU A 77 -3.64 2.16 -7.17
N GLU A 78 -2.64 2.78 -6.51
CA GLU A 78 -1.61 3.57 -7.17
C GLU A 78 -0.24 3.39 -6.50
N VAL A 79 0.76 3.02 -7.30
CA VAL A 79 2.18 3.05 -6.93
C VAL A 79 2.84 4.31 -7.49
N SER A 80 3.51 5.06 -6.62
CA SER A 80 4.37 6.21 -6.98
C SER A 80 5.61 6.29 -6.09
N SER A 81 6.63 7.02 -6.54
CA SER A 81 7.96 7.06 -5.91
C SER A 81 8.31 8.45 -5.36
N SER A 82 9.60 8.69 -5.09
CA SER A 82 10.11 9.91 -4.45
C SER A 82 9.85 11.24 -5.19
N ASN A 83 9.19 11.21 -6.36
CA ASN A 83 8.65 12.38 -7.04
C ASN A 83 7.57 13.12 -6.22
N ALA A 84 6.90 12.42 -5.29
CA ALA A 84 5.86 12.98 -4.44
C ALA A 84 5.96 12.47 -2.99
N ARG A 85 5.08 13.01 -2.14
CA ARG A 85 4.86 12.64 -0.73
C ARG A 85 3.37 12.58 -0.41
N PRO A 9 14.63 5.24 0.20
CA PRO A 9 13.75 5.98 -0.72
C PRO A 9 12.39 6.35 -0.11
N LYS A 10 11.75 7.40 -0.65
CA LYS A 10 10.42 7.93 -0.27
C LYS A 10 9.34 7.43 -1.25
N SER A 11 9.12 6.13 -1.25
CA SER A 11 8.08 5.47 -2.05
C SER A 11 6.70 5.56 -1.39
N ARG A 12 5.63 5.42 -2.18
CA ARG A 12 4.25 5.78 -1.83
C ARG A 12 3.26 4.78 -2.42
N LEU A 13 2.51 4.12 -1.53
CA LEU A 13 1.55 3.04 -1.78
C LEU A 13 0.13 3.58 -1.52
N PHE A 14 -0.77 3.45 -2.49
CA PHE A 14 -2.19 3.79 -2.35
C PHE A 14 -3.10 2.58 -2.54
N ILE A 15 -4.16 2.50 -1.74
CA ILE A 15 -5.23 1.48 -1.82
C ILE A 15 -6.60 2.14 -1.77
N GLY A 16 -7.56 1.68 -2.57
CA GLY A 16 -9.00 1.96 -2.41
C GLY A 16 -9.82 0.69 -2.18
N ASN A 17 -11.07 0.83 -1.74
CA ASN A 17 -12.09 -0.24 -1.65
C ASN A 17 -11.72 -1.47 -0.77
N LEU A 18 -10.65 -1.38 0.03
CA LEU A 18 -10.12 -2.43 0.92
C LEU A 18 -9.84 -1.95 2.36
N PRO A 19 -9.20 -0.79 2.60
CA PRO A 19 -9.03 -0.22 3.96
C PRO A 19 -10.32 0.38 4.55
N LEU A 20 -11.50 -0.10 4.12
CA LEU A 20 -12.83 0.37 4.56
C LEU A 20 -13.11 0.03 6.02
N LYS A 21 -12.40 -0.98 6.55
CA LYS A 21 -12.39 -1.41 7.96
C LYS A 21 -11.21 -0.86 8.75
N ASN A 22 -10.48 0.12 8.19
CA ASN A 22 -9.22 0.71 8.65
C ASN A 22 -8.09 -0.32 8.91
N VAL A 23 -6.84 0.12 9.02
CA VAL A 23 -5.68 -0.73 9.29
C VAL A 23 -4.72 -0.02 10.24
N SER A 24 -4.31 -0.69 11.33
CA SER A 24 -3.31 -0.18 12.28
C SER A 24 -1.93 -0.05 11.65
N LYS A 25 -1.11 0.89 12.18
CA LYS A 25 0.34 0.97 11.95
C LYS A 25 1.05 -0.38 12.05
N GLU A 26 0.58 -1.26 12.93
CA GLU A 26 1.21 -2.57 13.19
C GLU A 26 0.66 -3.67 12.28
N ASP A 27 -0.65 -3.65 11.97
CA ASP A 27 -1.25 -4.61 11.04
C ASP A 27 -0.64 -4.46 9.64
N LEU A 28 -0.59 -3.24 9.10
CA LEU A 28 0.01 -3.00 7.77
C LEU A 28 1.52 -3.26 7.77
N PHE A 29 2.24 -2.88 8.83
CA PHE A 29 3.68 -3.10 8.95
C PHE A 29 4.00 -4.59 8.99
N ARG A 30 3.23 -5.41 9.72
CA ARG A 30 3.48 -6.86 9.80
C ARG A 30 3.00 -7.61 8.58
N ILE A 31 1.79 -7.37 8.05
CA ILE A 31 1.30 -8.12 6.88
C ILE A 31 2.09 -7.79 5.61
N PHE A 32 2.72 -6.60 5.53
CA PHE A 32 3.67 -6.25 4.47
C PHE A 32 5.16 -6.34 4.89
N SER A 33 5.50 -6.89 6.07
CA SER A 33 6.90 -7.04 6.52
C SER A 33 7.78 -7.82 5.51
N PRO A 34 7.43 -9.06 5.11
CA PRO A 34 8.17 -9.78 4.07
C PRO A 34 7.96 -9.22 2.66
N TYR A 35 6.92 -8.42 2.42
CA TYR A 35 6.56 -7.90 1.09
C TYR A 35 7.39 -6.69 0.64
N GLY A 36 8.14 -6.07 1.56
CA GLY A 36 8.91 -4.86 1.27
C GLY A 36 9.69 -4.34 2.48
N HIS A 37 10.03 -3.04 2.49
CA HIS A 37 10.85 -2.43 3.55
C HIS A 37 10.20 -1.28 4.36
N ILE A 38 9.04 -0.75 3.91
CA ILE A 38 8.14 0.23 4.57
C ILE A 38 8.79 1.55 5.06
N MET A 39 8.01 2.60 5.34
CA MET A 39 8.46 3.87 5.95
C MET A 39 7.42 4.46 6.94
N GLN A 40 6.27 4.94 6.47
CA GLN A 40 5.28 5.73 7.26
C GLN A 40 3.83 5.41 6.84
N ILE A 41 2.82 6.01 7.47
CA ILE A 41 1.39 5.67 7.22
C ILE A 41 0.48 6.92 7.27
N ASN A 42 -0.63 6.88 6.52
CA ASN A 42 -1.82 7.71 6.76
C ASN A 42 -3.07 7.12 6.07
N ILE A 43 -4.03 6.62 6.85
CA ILE A 43 -5.23 5.92 6.35
C ILE A 43 -6.50 6.65 6.80
N LYS A 44 -7.33 7.04 5.83
CA LYS A 44 -8.52 7.89 6.01
C LYS A 44 -9.45 7.75 4.80
N ASN A 45 -10.75 7.92 5.01
CA ASN A 45 -11.82 7.74 4.02
C ASN A 45 -11.86 6.30 3.45
N ALA A 46 -12.53 6.08 2.32
CA ALA A 46 -12.63 4.79 1.61
C ALA A 46 -11.30 4.28 0.99
N PHE A 47 -10.18 4.84 1.46
CA PHE A 47 -8.84 4.73 0.88
C PHE A 47 -7.78 4.62 1.99
N GLY A 48 -6.53 4.38 1.60
CA GLY A 48 -5.39 4.44 2.51
C GLY A 48 -4.09 4.71 1.78
N PHE A 49 -3.15 5.36 2.47
CA PHE A 49 -1.78 5.55 2.02
C PHE A 49 -0.79 4.92 3.00
N ILE A 50 0.23 4.29 2.46
CA ILE A 50 1.40 3.79 3.19
C ILE A 50 2.64 4.29 2.45
N GLN A 51 3.59 4.87 3.16
CA GLN A 51 4.87 5.27 2.60
C GLN A 51 5.88 4.15 2.83
N PHE A 52 6.81 3.98 1.90
CA PHE A 52 7.61 2.78 1.73
C PHE A 52 9.06 3.08 1.38
N ASP A 53 9.95 2.16 1.75
CA ASP A 53 11.30 2.08 1.20
C ASP A 53 11.35 1.05 0.05
N ASN A 54 12.07 1.42 -1.02
CA ASN A 54 12.04 0.87 -2.38
C ASN A 54 10.65 0.86 -3.09
N PRO A 55 10.53 1.33 -4.35
CA PRO A 55 9.27 1.30 -5.10
C PRO A 55 8.83 -0.12 -5.44
N GLN A 56 9.78 -1.05 -5.55
CA GLN A 56 9.49 -2.48 -5.74
C GLN A 56 8.66 -3.05 -4.57
N SER A 57 8.90 -2.58 -3.35
CA SER A 57 8.11 -2.94 -2.16
C SER A 57 6.66 -2.51 -2.26
N VAL A 58 6.38 -1.37 -2.91
CA VAL A 58 5.03 -0.83 -3.07
C VAL A 58 4.21 -1.73 -4.00
N ARG A 59 4.72 -1.96 -5.21
CA ARG A 59 4.07 -2.85 -6.17
C ARG A 59 4.01 -4.30 -5.66
N ASP A 60 5.06 -4.80 -5.00
CA ASP A 60 5.06 -6.16 -4.46
C ASP A 60 4.08 -6.36 -3.31
N ALA A 61 3.73 -5.31 -2.57
CA ALA A 61 2.63 -5.33 -1.61
C ALA A 61 1.26 -5.36 -2.31
N ILE A 62 0.95 -4.37 -3.17
CA ILE A 62 -0.42 -4.21 -3.70
C ILE A 62 -0.77 -5.23 -4.79
N GLU A 63 0.18 -5.60 -5.66
CA GLU A 63 -0.04 -6.59 -6.72
C GLU A 63 -0.15 -8.00 -6.12
N CYS A 64 0.62 -8.33 -5.07
CA CYS A 64 0.65 -9.69 -4.50
C CYS A 64 -0.44 -9.96 -3.45
N GLU A 65 -0.86 -8.97 -2.66
CA GLU A 65 -1.80 -9.18 -1.53
C GLU A 65 -3.17 -8.52 -1.73
N SER A 66 -3.21 -7.26 -2.15
CA SER A 66 -4.46 -6.53 -2.40
C SER A 66 -5.10 -6.89 -3.75
N GLN A 67 -4.39 -7.65 -4.59
CA GLN A 67 -4.79 -8.14 -5.90
C GLN A 67 -4.32 -9.60 -6.09
N GLU A 68 -4.81 -10.27 -7.12
CA GLU A 68 -4.59 -11.72 -7.36
C GLU A 68 -3.80 -12.01 -8.66
N MET A 69 -3.86 -11.12 -9.66
CA MET A 69 -3.25 -11.31 -10.97
C MET A 69 -2.83 -9.99 -11.64
N ASN A 70 -1.61 -9.92 -12.18
CA ASN A 70 -1.03 -8.73 -12.85
C ASN A 70 -1.76 -8.29 -14.13
N PHE A 71 -2.79 -9.03 -14.56
CA PHE A 71 -3.59 -8.82 -15.76
C PHE A 71 -5.11 -8.90 -15.49
N GLY A 72 -5.54 -8.92 -14.23
CA GLY A 72 -6.93 -9.06 -13.82
C GLY A 72 -7.36 -8.03 -12.75
N LYS A 73 -8.53 -7.41 -12.95
CA LYS A 73 -9.09 -6.39 -12.04
C LYS A 73 -9.69 -7.04 -10.80
N LYS A 74 -9.29 -6.54 -9.64
CA LYS A 74 -9.82 -6.89 -8.31
C LYS A 74 -9.94 -5.67 -7.39
N LEU A 75 -9.00 -4.72 -7.52
CA LEU A 75 -8.91 -3.51 -6.71
C LEU A 75 -8.29 -2.32 -7.45
N ILE A 76 -8.58 -1.09 -7.00
CA ILE A 76 -7.89 0.14 -7.40
C ILE A 76 -6.71 0.48 -6.47
N LEU A 77 -5.64 1.02 -7.06
CA LEU A 77 -4.37 1.31 -6.39
C LEU A 77 -3.53 2.36 -7.10
N GLU A 78 -2.40 2.72 -6.50
CA GLU A 78 -1.27 3.37 -7.20
C GLU A 78 0.06 2.98 -6.56
N VAL A 79 1.09 2.87 -7.40
CA VAL A 79 2.50 2.75 -7.02
C VAL A 79 3.25 4.02 -7.47
N SER A 80 3.83 4.74 -6.51
CA SER A 80 4.42 6.07 -6.72
C SER A 80 5.70 6.28 -5.89
N SER A 81 6.49 7.28 -6.26
CA SER A 81 7.55 7.87 -5.42
C SER A 81 7.52 9.40 -5.38
N SER A 82 6.40 10.01 -5.81
CA SER A 82 6.26 11.46 -5.98
C SER A 82 4.85 12.04 -5.75
N ASN A 83 3.81 11.22 -5.57
CA ASN A 83 2.46 11.72 -5.30
C ASN A 83 2.36 12.44 -3.93
N ALA A 84 1.30 13.20 -3.73
CA ALA A 84 1.00 13.88 -2.47
C ALA A 84 0.75 12.90 -1.30
N ARG A 85 0.92 13.38 -0.07
CA ARG A 85 0.64 12.63 1.17
C ARG A 85 -0.81 12.15 1.22
N PRO A 9 15.27 5.04 0.52
CA PRO A 9 14.46 5.67 -0.54
C PRO A 9 13.04 6.03 -0.09
N LYS A 10 12.36 6.94 -0.78
CA LYS A 10 11.00 7.42 -0.49
C LYS A 10 10.00 6.94 -1.54
N SER A 11 8.94 6.29 -1.07
CA SER A 11 7.88 5.70 -1.89
C SER A 11 6.49 5.87 -1.26
N ARG A 12 5.44 5.86 -2.10
CA ARG A 12 4.03 5.94 -1.68
C ARG A 12 3.20 4.83 -2.32
N LEU A 13 2.39 4.18 -1.50
CA LEU A 13 1.54 3.03 -1.75
C LEU A 13 0.08 3.47 -1.59
N PHE A 14 -0.64 3.66 -2.70
CA PHE A 14 -2.05 3.99 -2.69
C PHE A 14 -2.89 2.71 -2.89
N ILE A 15 -3.83 2.45 -1.98
CA ILE A 15 -4.86 1.41 -2.13
C ILE A 15 -6.23 2.08 -2.21
N GLY A 16 -7.08 1.58 -3.10
CA GLY A 16 -8.51 1.87 -3.14
C GLY A 16 -9.28 1.28 -1.93
N ASN A 17 -10.55 0.98 -2.15
CA ASN A 17 -11.51 0.68 -1.09
C ASN A 17 -11.39 -0.77 -0.54
N LEU A 18 -10.29 -1.06 0.16
CA LEU A 18 -9.98 -2.36 0.76
C LEU A 18 -9.59 -2.30 2.25
N PRO A 19 -8.60 -1.49 2.71
CA PRO A 19 -8.30 -1.33 4.13
C PRO A 19 -9.28 -0.35 4.79
N LEU A 20 -10.34 -0.87 5.41
CA LEU A 20 -11.41 -0.08 6.04
C LEU A 20 -11.35 -0.08 7.57
N LYS A 21 -10.99 -1.20 8.21
CA LYS A 21 -11.07 -1.38 9.69
C LYS A 21 -9.98 -2.30 10.22
N ASN A 22 -9.82 -2.34 11.55
CA ASN A 22 -8.83 -3.16 12.26
C ASN A 22 -7.40 -2.97 11.72
N VAL A 23 -7.00 -1.71 11.51
CA VAL A 23 -5.70 -1.31 10.96
C VAL A 23 -5.03 -0.26 11.84
N SER A 24 -3.73 -0.41 12.02
CA SER A 24 -2.84 0.48 12.77
C SER A 24 -1.42 0.32 12.20
N LYS A 25 -0.44 1.12 12.65
CA LYS A 25 0.92 1.11 12.09
C LYS A 25 1.58 -0.28 12.15
N GLU A 26 1.40 -1.02 13.24
CA GLU A 26 1.92 -2.37 13.38
C GLU A 26 1.13 -3.39 12.54
N ASP A 27 -0.18 -3.20 12.38
CA ASP A 27 -1.01 -4.14 11.63
C ASP A 27 -0.74 -4.09 10.14
N LEU A 28 -0.60 -2.89 9.55
CA LEU A 28 -0.15 -2.75 8.16
C LEU A 28 1.33 -3.13 8.00
N PHE A 29 2.18 -2.85 9.00
CA PHE A 29 3.57 -3.27 8.98
C PHE A 29 3.72 -4.79 8.89
N ARG A 30 2.99 -5.56 9.72
CA ARG A 30 3.13 -7.03 9.73
C ARG A 30 2.53 -7.71 8.51
N ILE A 31 1.44 -7.20 7.93
CA ILE A 31 0.82 -7.83 6.75
C ILE A 31 1.54 -7.51 5.43
N PHE A 32 2.25 -6.38 5.31
CA PHE A 32 3.12 -6.09 4.16
C PHE A 32 4.61 -6.31 4.43
N SER A 33 5.02 -6.67 5.65
CA SER A 33 6.41 -7.00 6.02
C SER A 33 7.11 -7.95 5.03
N PRO A 34 6.56 -9.13 4.70
CA PRO A 34 7.21 -10.05 3.76
C PRO A 34 7.15 -9.60 2.29
N TYR A 35 6.55 -8.44 2.00
CA TYR A 35 6.43 -7.86 0.65
C TYR A 35 7.31 -6.62 0.45
N GLY A 36 7.86 -5.99 1.50
CA GLY A 36 8.66 -4.78 1.32
C GLY A 36 9.24 -4.10 2.58
N HIS A 37 9.88 -2.94 2.38
CA HIS A 37 10.81 -2.32 3.36
C HIS A 37 10.29 -1.17 4.24
N ILE A 38 9.09 -0.61 3.96
CA ILE A 38 8.32 0.33 4.82
C ILE A 38 8.95 1.71 5.16
N MET A 39 8.11 2.73 5.41
CA MET A 39 8.49 4.02 6.03
C MET A 39 7.44 4.48 7.07
N GLN A 40 6.26 4.96 6.62
CA GLN A 40 5.23 5.63 7.44
C GLN A 40 3.82 5.48 6.84
N ILE A 41 2.77 6.09 7.40
CA ILE A 41 1.37 5.74 7.06
C ILE A 41 0.48 6.96 6.75
N ASN A 42 -0.61 6.76 6.00
CA ASN A 42 -1.65 7.78 5.74
C ASN A 42 -3.03 7.11 5.60
N ILE A 43 -3.89 7.13 6.62
CA ILE A 43 -5.18 6.41 6.61
C ILE A 43 -6.33 7.37 6.93
N LYS A 44 -7.17 7.63 5.92
CA LYS A 44 -8.30 8.57 5.98
C LYS A 44 -9.46 8.10 5.10
N ASN A 45 -10.69 8.49 5.46
CA ASN A 45 -11.93 8.15 4.74
C ASN A 45 -12.11 6.61 4.56
N ALA A 46 -12.93 6.17 3.61
CA ALA A 46 -13.17 4.77 3.22
C ALA A 46 -11.98 4.11 2.48
N PHE A 47 -10.75 4.53 2.79
CA PHE A 47 -9.50 4.19 2.09
C PHE A 47 -8.33 4.07 3.08
N GLY A 48 -7.15 3.67 2.61
CA GLY A 48 -5.94 3.61 3.41
C GLY A 48 -4.69 3.50 2.55
N PHE A 49 -3.66 4.28 2.91
CA PHE A 49 -2.44 4.47 2.13
C PHE A 49 -1.21 4.34 3.04
N ILE A 50 -0.06 4.03 2.45
CA ILE A 50 1.18 3.78 3.18
C ILE A 50 2.35 4.44 2.42
N GLN A 51 3.42 4.81 3.12
CA GLN A 51 4.69 5.22 2.54
C GLN A 51 5.77 4.20 2.87
N PHE A 52 6.68 3.99 1.94
CA PHE A 52 7.58 2.85 1.88
C PHE A 52 9.02 3.25 1.57
N ASP A 53 9.95 2.41 2.00
CA ASP A 53 11.26 2.33 1.39
C ASP A 53 11.19 1.39 0.16
N ASN A 54 11.88 1.76 -0.91
CA ASN A 54 11.88 1.15 -2.26
C ASN A 54 10.51 1.13 -3.01
N PRO A 55 10.47 1.40 -4.32
CA PRO A 55 9.24 1.28 -5.12
C PRO A 55 8.86 -0.18 -5.42
N GLN A 56 9.84 -1.08 -5.53
CA GLN A 56 9.62 -2.51 -5.78
C GLN A 56 8.85 -3.17 -4.62
N SER A 57 9.11 -2.70 -3.39
CA SER A 57 8.32 -3.01 -2.20
C SER A 57 6.86 -2.56 -2.29
N VAL A 58 6.62 -1.36 -2.83
CA VAL A 58 5.25 -0.81 -3.00
C VAL A 58 4.44 -1.67 -3.97
N ARG A 59 4.95 -1.85 -5.19
CA ARG A 59 4.27 -2.65 -6.21
C ARG A 59 4.09 -4.10 -5.76
N ASP A 60 5.11 -4.75 -5.19
CA ASP A 60 4.99 -6.15 -4.76
C ASP A 60 3.95 -6.32 -3.63
N ALA A 61 3.80 -5.36 -2.72
CA ALA A 61 2.75 -5.42 -1.71
C ALA A 61 1.34 -5.36 -2.32
N ILE A 62 1.04 -4.35 -3.15
CA ILE A 62 -0.33 -4.19 -3.67
C ILE A 62 -0.66 -5.25 -4.74
N GLU A 63 0.32 -5.64 -5.56
CA GLU A 63 0.12 -6.54 -6.72
C GLU A 63 0.13 -8.03 -6.33
N CYS A 64 0.54 -8.36 -5.10
CA CYS A 64 0.65 -9.73 -4.61
C CYS A 64 -0.25 -9.98 -3.38
N GLU A 65 -0.35 -9.04 -2.44
CA GLU A 65 -1.21 -9.16 -1.25
C GLU A 65 -2.61 -8.57 -1.53
N SER A 66 -2.69 -7.35 -2.06
CA SER A 66 -3.95 -6.70 -2.47
C SER A 66 -4.40 -7.08 -3.90
N GLN A 67 -3.88 -8.17 -4.45
CA GLN A 67 -4.15 -8.66 -5.81
C GLN A 67 -5.66 -8.83 -6.06
N GLU A 68 -6.14 -8.44 -7.23
CA GLU A 68 -7.55 -8.54 -7.65
C GLU A 68 -7.87 -9.77 -8.53
N MET A 69 -6.86 -10.60 -8.81
CA MET A 69 -6.88 -11.80 -9.65
C MET A 69 -7.03 -11.50 -11.16
N ASN A 70 -6.45 -12.35 -12.02
CA ASN A 70 -6.41 -12.18 -13.48
C ASN A 70 -7.74 -12.49 -14.19
N PHE A 71 -8.88 -12.16 -13.55
CA PHE A 71 -10.24 -12.38 -14.06
C PHE A 71 -11.22 -11.24 -13.73
N GLY A 72 -10.87 -10.28 -12.86
CA GLY A 72 -11.76 -9.19 -12.48
C GLY A 72 -11.07 -8.09 -11.68
N LYS A 73 -11.71 -6.92 -11.55
CA LYS A 73 -11.21 -5.78 -10.76
C LYS A 73 -12.37 -4.90 -10.33
N LYS A 74 -12.46 -4.58 -9.03
CA LYS A 74 -13.51 -3.72 -8.45
C LYS A 74 -12.97 -2.56 -7.61
N LEU A 75 -11.65 -2.45 -7.47
CA LEU A 75 -10.92 -1.34 -6.83
C LEU A 75 -9.75 -0.88 -7.70
N ILE A 76 -9.09 0.22 -7.33
CA ILE A 76 -7.86 0.72 -7.97
C ILE A 76 -6.68 0.79 -7.00
N LEU A 77 -5.48 0.96 -7.55
CA LEU A 77 -4.25 1.21 -6.79
C LEU A 77 -3.32 2.19 -7.51
N GLU A 78 -2.29 2.69 -6.81
CA GLU A 78 -1.17 3.39 -7.45
C GLU A 78 0.15 3.23 -6.69
N VAL A 79 1.17 2.71 -7.38
CA VAL A 79 2.58 2.74 -6.94
C VAL A 79 3.21 4.07 -7.31
N SER A 80 3.93 4.70 -6.39
CA SER A 80 4.63 5.97 -6.60
C SER A 80 5.91 6.06 -5.78
N SER A 81 6.82 6.96 -6.18
CA SER A 81 8.09 7.20 -5.49
C SER A 81 8.70 8.56 -5.76
N SER A 82 9.89 8.79 -5.22
CA SER A 82 10.77 9.89 -5.59
C SER A 82 11.08 9.95 -7.10
N ASN A 83 11.03 8.82 -7.83
CA ASN A 83 11.13 8.78 -9.30
C ASN A 83 9.84 9.21 -10.01
N ALA A 84 8.69 9.16 -9.33
CA ALA A 84 7.43 9.74 -9.82
C ALA A 84 7.31 11.25 -9.49
N ARG A 85 8.29 11.85 -8.80
CA ARG A 85 8.27 13.27 -8.43
C ARG A 85 8.55 14.14 -9.64
N PRO A 9 14.40 5.49 0.01
CA PRO A 9 13.62 6.40 -0.86
C PRO A 9 12.19 6.65 -0.35
N LYS A 10 11.59 7.81 -0.67
CA LYS A 10 10.23 8.18 -0.22
C LYS A 10 9.14 7.70 -1.19
N SER A 11 9.08 6.40 -1.42
CA SER A 11 8.02 5.75 -2.20
C SER A 11 6.67 5.82 -1.47
N ARG A 12 5.56 5.65 -2.19
CA ARG A 12 4.19 5.73 -1.64
C ARG A 12 3.27 4.68 -2.25
N LEU A 13 2.36 4.18 -1.43
CA LEU A 13 1.48 3.04 -1.64
C LEU A 13 0.04 3.45 -1.36
N PHE A 14 -0.86 3.24 -2.31
CA PHE A 14 -2.30 3.45 -2.14
C PHE A 14 -3.06 2.21 -2.55
N ILE A 15 -4.10 1.88 -1.78
CA ILE A 15 -5.06 0.81 -2.05
C ILE A 15 -6.45 1.45 -2.14
N GLY A 16 -7.27 0.96 -3.08
CA GLY A 16 -8.69 1.27 -3.22
C GLY A 16 -9.55 0.86 -2.01
N ASN A 17 -10.83 0.57 -2.22
CA ASN A 17 -11.82 0.29 -1.17
C ASN A 17 -11.70 -1.11 -0.52
N LEU A 18 -10.47 -1.56 -0.26
CA LEU A 18 -10.10 -2.88 0.26
C LEU A 18 -9.70 -2.89 1.75
N PRO A 19 -8.75 -2.05 2.23
CA PRO A 19 -8.26 -2.16 3.61
C PRO A 19 -9.23 -1.57 4.64
N LEU A 20 -9.97 -0.53 4.25
CA LEU A 20 -10.79 0.33 5.11
C LEU A 20 -9.96 0.99 6.24
N LYS A 21 -10.59 1.84 7.05
CA LYS A 21 -9.96 2.41 8.25
C LYS A 21 -9.85 1.40 9.40
N ASN A 22 -10.28 0.15 9.18
CA ASN A 22 -10.17 -0.99 10.09
C ASN A 22 -8.76 -1.64 10.09
N VAL A 23 -7.73 -0.80 10.02
CA VAL A 23 -6.31 -1.15 9.92
C VAL A 23 -5.51 -0.13 10.73
N SER A 24 -4.51 -0.60 11.47
CA SER A 24 -3.61 0.21 12.29
C SER A 24 -2.13 -0.02 11.90
N LYS A 25 -1.19 0.66 12.58
CA LYS A 25 0.23 0.68 12.19
C LYS A 25 0.89 -0.69 12.17
N GLU A 26 0.52 -1.58 13.08
CA GLU A 26 1.02 -2.96 13.10
C GLU A 26 0.29 -3.84 12.08
N ASP A 27 -1.01 -3.65 11.90
CA ASP A 27 -1.84 -4.43 10.97
C ASP A 27 -1.39 -4.27 9.51
N LEU A 28 -1.06 -3.05 9.09
CA LEU A 28 -0.50 -2.79 7.75
C LEU A 28 0.97 -3.19 7.65
N PHE A 29 1.76 -2.95 8.70
CA PHE A 29 3.20 -3.23 8.67
C PHE A 29 3.46 -4.73 8.61
N ARG A 30 2.75 -5.54 9.40
CA ARG A 30 2.93 -6.99 9.41
C ARG A 30 2.52 -7.63 8.10
N ILE A 31 1.40 -7.21 7.50
CA ILE A 31 0.90 -7.83 6.26
C ILE A 31 1.78 -7.46 5.05
N PHE A 32 2.34 -6.25 4.99
CA PHE A 32 3.24 -5.86 3.89
C PHE A 32 4.73 -6.21 4.13
N SER A 33 5.17 -6.46 5.37
CA SER A 33 6.58 -6.76 5.73
C SER A 33 7.27 -7.75 4.78
N PRO A 34 6.73 -8.95 4.48
CA PRO A 34 7.42 -9.93 3.62
C PRO A 34 7.43 -9.54 2.14
N TYR A 35 6.73 -8.48 1.72
CA TYR A 35 6.65 -8.00 0.34
C TYR A 35 7.47 -6.73 0.07
N GLY A 36 7.76 -5.92 1.09
CA GLY A 36 8.43 -4.64 0.90
C GLY A 36 8.98 -3.97 2.18
N HIS A 37 9.85 -2.98 1.99
CA HIS A 37 10.70 -2.42 3.06
C HIS A 37 10.03 -1.41 4.00
N ILE A 38 8.89 -0.79 3.61
CA ILE A 38 8.11 0.20 4.41
C ILE A 38 8.86 1.51 4.73
N MET A 39 8.13 2.59 5.08
CA MET A 39 8.69 3.85 5.61
C MET A 39 7.82 4.46 6.72
N GLN A 40 6.62 4.95 6.38
CA GLN A 40 5.68 5.66 7.26
C GLN A 40 4.22 5.32 6.87
N ILE A 41 3.21 5.88 7.55
CA ILE A 41 1.79 5.51 7.34
C ILE A 41 0.86 6.72 7.25
N ASN A 42 -0.29 6.54 6.59
CA ASN A 42 -1.51 7.33 6.75
C ASN A 42 -2.70 6.50 6.21
N ILE A 43 -3.90 6.61 6.81
CA ILE A 43 -5.15 5.95 6.39
C ILE A 43 -6.30 6.92 6.61
N LYS A 44 -7.27 7.01 5.68
CA LYS A 44 -8.43 7.93 5.77
C LYS A 44 -9.63 7.35 5.03
N ASN A 45 -10.85 7.68 5.47
CA ASN A 45 -12.12 7.27 4.86
C ASN A 45 -12.31 5.74 4.79
N ALA A 46 -11.88 5.11 3.69
CA ALA A 46 -11.87 3.67 3.43
C ALA A 46 -10.57 3.21 2.71
N PHE A 47 -9.57 4.10 2.62
CA PHE A 47 -8.41 3.99 1.73
C PHE A 47 -7.09 4.15 2.48
N GLY A 48 -6.04 3.46 2.01
CA GLY A 48 -4.69 3.53 2.57
C GLY A 48 -3.79 4.51 1.81
N PHE A 49 -2.95 5.26 2.52
CA PHE A 49 -2.05 6.30 2.01
C PHE A 49 -0.65 6.15 2.62
N ILE A 50 -0.08 4.95 2.45
CA ILE A 50 1.07 4.46 3.21
C ILE A 50 2.38 4.80 2.46
N GLN A 51 3.48 5.00 3.18
CA GLN A 51 4.77 5.40 2.62
C GLN A 51 5.78 4.27 2.76
N PHE A 52 6.62 4.05 1.74
CA PHE A 52 7.48 2.88 1.58
C PHE A 52 8.91 3.27 1.20
N ASP A 53 9.88 2.52 1.70
CA ASP A 53 11.18 2.42 1.05
C ASP A 53 11.07 1.47 -0.16
N ASN A 54 11.66 1.88 -1.29
CA ASN A 54 11.66 1.30 -2.63
C ASN A 54 10.29 1.16 -3.36
N PRO A 55 10.17 1.55 -4.65
CA PRO A 55 8.94 1.39 -5.44
C PRO A 55 8.65 -0.06 -5.84
N GLN A 56 9.67 -0.92 -5.97
CA GLN A 56 9.44 -2.35 -6.23
C GLN A 56 8.83 -3.04 -4.99
N SER A 57 9.21 -2.57 -3.80
CA SER A 57 8.60 -2.91 -2.51
C SER A 57 7.18 -2.35 -2.35
N VAL A 58 6.81 -1.27 -3.04
CA VAL A 58 5.41 -0.82 -3.14
C VAL A 58 4.60 -1.76 -4.02
N ARG A 59 4.98 -1.96 -5.29
CA ARG A 59 4.18 -2.76 -6.22
C ARG A 59 4.00 -4.19 -5.73
N ASP A 60 5.05 -4.87 -5.27
CA ASP A 60 4.91 -6.25 -4.77
C ASP A 60 4.04 -6.36 -3.50
N ALA A 61 3.98 -5.30 -2.68
CA ALA A 61 3.07 -5.23 -1.54
C ALA A 61 1.59 -5.15 -1.97
N ILE A 62 1.24 -4.23 -2.88
CA ILE A 62 -0.17 -4.09 -3.32
C ILE A 62 -0.59 -5.28 -4.20
N GLU A 63 0.25 -5.65 -5.17
CA GLU A 63 -0.10 -6.61 -6.23
C GLU A 63 -0.18 -8.05 -5.72
N CYS A 64 0.47 -8.34 -4.59
CA CYS A 64 0.55 -9.69 -4.03
C CYS A 64 -0.08 -9.85 -2.63
N GLU A 65 -0.30 -8.78 -1.86
CA GLU A 65 -1.13 -8.81 -0.65
C GLU A 65 -2.53 -8.25 -0.91
N SER A 66 -2.65 -7.02 -1.45
CA SER A 66 -3.92 -6.30 -1.54
C SER A 66 -4.85 -6.80 -2.66
N GLN A 67 -4.38 -6.82 -3.92
CA GLN A 67 -5.17 -7.30 -5.07
C GLN A 67 -4.28 -7.61 -6.29
N GLU A 68 -4.52 -8.77 -6.91
CA GLU A 68 -3.88 -9.18 -8.17
C GLU A 68 -4.79 -8.97 -9.39
N MET A 69 -4.19 -8.80 -10.58
CA MET A 69 -4.88 -8.60 -11.86
C MET A 69 -5.86 -7.40 -11.83
N ASN A 70 -5.39 -6.24 -11.35
CA ASN A 70 -6.14 -4.98 -11.35
C ASN A 70 -6.66 -4.55 -12.74
N PHE A 71 -6.13 -5.10 -13.84
CA PHE A 71 -6.60 -4.89 -15.22
C PHE A 71 -8.10 -5.23 -15.45
N GLY A 72 -8.75 -5.91 -14.50
CA GLY A 72 -10.21 -6.13 -14.48
C GLY A 72 -11.07 -4.86 -14.34
N LYS A 73 -10.48 -3.69 -14.06
CA LYS A 73 -11.14 -2.37 -13.96
C LYS A 73 -12.35 -2.32 -12.99
N LYS A 74 -12.27 -3.05 -11.88
CA LYS A 74 -13.28 -3.13 -10.80
C LYS A 74 -12.71 -2.83 -9.41
N LEU A 75 -11.38 -2.76 -9.28
CA LEU A 75 -10.60 -2.41 -8.10
C LEU A 75 -9.43 -1.50 -8.50
N ILE A 76 -9.03 -0.59 -7.61
CA ILE A 76 -8.04 0.47 -7.90
C ILE A 76 -6.87 0.43 -6.91
N LEU A 77 -5.68 0.81 -7.36
CA LEU A 77 -4.51 1.06 -6.52
C LEU A 77 -3.61 2.16 -7.09
N GLU A 78 -2.59 2.60 -6.34
CA GLU A 78 -1.53 3.45 -6.89
C GLU A 78 -0.15 3.13 -6.29
N VAL A 79 0.77 2.68 -7.15
CA VAL A 79 2.20 2.60 -6.86
C VAL A 79 2.87 3.92 -7.23
N SER A 80 3.58 4.52 -6.28
CA SER A 80 4.27 5.80 -6.43
C SER A 80 5.73 5.73 -5.95
N SER A 81 6.61 6.46 -6.61
CA SER A 81 8.02 6.64 -6.28
C SER A 81 8.29 7.99 -5.59
N SER A 82 7.38 8.95 -5.76
CA SER A 82 7.32 10.27 -5.11
C SER A 82 5.90 10.84 -5.22
N ASN A 83 5.57 11.84 -4.40
CA ASN A 83 4.37 12.68 -4.54
C ASN A 83 4.69 14.14 -4.89
N ALA A 84 5.96 14.45 -5.10
CA ALA A 84 6.52 15.79 -5.22
C ALA A 84 7.62 15.82 -6.31
N ARG A 85 8.36 16.93 -6.41
CA ARG A 85 9.49 17.14 -7.32
C ARG A 85 9.13 16.88 -8.79
N PRO A 9 14.78 5.06 -0.93
CA PRO A 9 13.92 6.14 -1.49
C PRO A 9 12.53 6.14 -0.85
N LYS A 10 11.99 7.32 -0.51
CA LYS A 10 10.67 7.53 0.14
C LYS A 10 9.49 7.32 -0.83
N SER A 11 9.34 6.07 -1.25
CA SER A 11 8.29 5.54 -2.11
C SER A 11 6.89 5.65 -1.51
N ARG A 12 5.83 5.45 -2.31
CA ARG A 12 4.44 5.70 -1.90
C ARG A 12 3.48 4.63 -2.45
N LEU A 13 2.58 4.13 -1.59
CA LEU A 13 1.62 3.06 -1.82
C LEU A 13 0.20 3.57 -1.55
N PHE A 14 -0.72 3.38 -2.49
CA PHE A 14 -2.14 3.67 -2.29
C PHE A 14 -3.01 2.45 -2.62
N ILE A 15 -3.96 2.13 -1.73
CA ILE A 15 -5.05 1.17 -2.00
C ILE A 15 -6.39 1.86 -1.81
N GLY A 16 -7.20 1.90 -2.86
CA GLY A 16 -8.57 2.41 -2.82
C GLY A 16 -9.55 1.51 -2.08
N ASN A 17 -9.20 0.24 -1.86
CA ASN A 17 -10.00 -0.75 -1.14
C ASN A 17 -9.11 -1.78 -0.40
N LEU A 18 -8.72 -1.48 0.84
CA LEU A 18 -8.20 -2.47 1.79
C LEU A 18 -8.44 -2.07 3.27
N PRO A 19 -7.96 -0.91 3.76
CA PRO A 19 -8.22 -0.47 5.13
C PRO A 19 -9.60 0.21 5.22
N LEU A 20 -10.65 -0.58 5.41
CA LEU A 20 -12.04 -0.12 5.42
C LEU A 20 -12.44 0.46 6.78
N LYS A 21 -11.93 -0.10 7.88
CA LYS A 21 -12.11 0.44 9.25
C LYS A 21 -11.08 -0.04 10.28
N ASN A 22 -10.45 -1.21 10.09
CA ASN A 22 -9.63 -1.90 11.08
C ASN A 22 -8.24 -2.27 10.51
N VAL A 23 -7.47 -1.25 10.13
CA VAL A 23 -6.03 -1.35 9.86
C VAL A 23 -5.29 -0.20 10.57
N SER A 24 -4.26 -0.55 11.34
CA SER A 24 -3.36 0.36 12.05
C SER A 24 -1.89 0.05 11.69
N LYS A 25 -0.93 0.86 12.19
CA LYS A 25 0.52 0.75 11.91
C LYS A 25 1.07 -0.67 12.00
N GLU A 26 0.77 -1.38 13.07
CA GLU A 26 1.26 -2.74 13.32
C GLU A 26 0.49 -3.82 12.53
N ASP A 27 -0.65 -3.48 11.92
CA ASP A 27 -1.39 -4.34 10.98
C ASP A 27 -0.78 -4.21 9.58
N LEU A 28 -0.71 -2.98 9.06
CA LEU A 28 -0.17 -2.72 7.73
C LEU A 28 1.32 -3.07 7.64
N PHE A 29 2.10 -2.89 8.71
CA PHE A 29 3.49 -3.31 8.72
C PHE A 29 3.63 -4.83 8.71
N ARG A 30 2.88 -5.59 9.52
CA ARG A 30 3.02 -7.06 9.53
C ARG A 30 2.54 -7.69 8.22
N ILE A 31 1.44 -7.20 7.64
CA ILE A 31 0.88 -7.79 6.41
C ILE A 31 1.71 -7.46 5.16
N PHE A 32 2.41 -6.32 5.13
CA PHE A 32 3.32 -5.97 4.02
C PHE A 32 4.80 -6.28 4.27
N SER A 33 5.22 -6.63 5.50
CA SER A 33 6.62 -6.94 5.83
C SER A 33 7.32 -7.95 4.89
N PRO A 34 6.74 -9.13 4.60
CA PRO A 34 7.35 -10.08 3.67
C PRO A 34 7.15 -9.70 2.19
N TYR A 35 6.67 -8.49 1.88
CA TYR A 35 6.50 -7.97 0.51
C TYR A 35 7.30 -6.70 0.24
N GLY A 36 7.56 -5.87 1.26
CA GLY A 36 8.30 -4.62 1.10
C GLY A 36 8.89 -4.02 2.38
N HIS A 37 9.67 -2.96 2.18
CA HIS A 37 10.58 -2.38 3.19
C HIS A 37 9.93 -1.34 4.13
N ILE A 38 8.79 -0.73 3.75
CA ILE A 38 7.99 0.23 4.55
C ILE A 38 8.71 1.55 4.95
N MET A 39 7.95 2.63 5.22
CA MET A 39 8.43 3.89 5.82
C MET A 39 7.41 4.50 6.81
N GLN A 40 6.31 5.09 6.34
CA GLN A 40 5.37 5.92 7.13
C GLN A 40 3.90 5.62 6.76
N ILE A 41 2.92 6.17 7.51
CA ILE A 41 1.50 5.77 7.43
C ILE A 41 0.53 6.97 7.28
N ASN A 42 -0.62 6.73 6.64
CA ASN A 42 -1.82 7.56 6.64
C ASN A 42 -3.04 6.71 6.19
N ILE A 43 -4.17 6.74 6.92
CA ILE A 43 -5.39 5.99 6.59
C ILE A 43 -6.62 6.88 6.82
N LYS A 44 -7.56 6.90 5.86
CA LYS A 44 -8.72 7.79 5.85
C LYS A 44 -9.88 7.25 4.99
N ASN A 45 -11.12 7.61 5.36
CA ASN A 45 -12.35 7.30 4.63
C ASN A 45 -12.59 5.79 4.45
N ALA A 46 -12.16 5.22 3.33
CA ALA A 46 -12.25 3.79 3.00
C ALA A 46 -10.97 3.27 2.31
N PHE A 47 -9.91 4.09 2.28
CA PHE A 47 -8.67 3.89 1.53
C PHE A 47 -7.44 4.12 2.42
N GLY A 48 -6.26 3.76 1.92
CA GLY A 48 -4.98 3.89 2.64
C GLY A 48 -3.89 4.50 1.78
N PHE A 49 -3.10 5.39 2.36
CA PHE A 49 -1.92 5.99 1.78
C PHE A 49 -0.72 5.70 2.69
N ILE A 50 0.09 4.72 2.31
CA ILE A 50 1.21 4.23 3.11
C ILE A 50 2.49 4.56 2.36
N GLN A 51 3.47 5.14 3.04
CA GLN A 51 4.77 5.45 2.44
C GLN A 51 5.75 4.33 2.74
N PHE A 52 6.60 4.02 1.77
CA PHE A 52 7.46 2.85 1.75
C PHE A 52 8.90 3.24 1.48
N ASP A 53 9.82 2.33 1.79
CA ASP A 53 11.11 2.30 1.10
C ASP A 53 11.03 1.36 -0.10
N ASN A 54 11.74 1.69 -1.18
CA ASN A 54 11.88 0.94 -2.43
C ASN A 54 10.58 0.70 -3.26
N PRO A 55 10.56 1.06 -4.57
CA PRO A 55 9.35 0.99 -5.41
C PRO A 55 8.88 -0.43 -5.74
N GLN A 56 9.81 -1.37 -5.91
CA GLN A 56 9.48 -2.79 -6.14
C GLN A 56 8.73 -3.38 -4.94
N SER A 57 9.13 -2.92 -3.75
CA SER A 57 8.53 -3.22 -2.46
C SER A 57 7.11 -2.66 -2.31
N VAL A 58 6.83 -1.49 -2.89
CA VAL A 58 5.45 -0.98 -3.05
C VAL A 58 4.61 -1.87 -3.95
N ARG A 59 5.03 -2.06 -5.21
CA ARG A 59 4.20 -2.79 -6.20
C ARG A 59 3.99 -4.24 -5.82
N ASP A 60 4.96 -4.91 -5.20
CA ASP A 60 4.79 -6.28 -4.69
C ASP A 60 3.80 -6.33 -3.51
N ALA A 61 3.83 -5.35 -2.60
CA ALA A 61 2.88 -5.25 -1.48
C ALA A 61 1.43 -5.01 -1.96
N ILE A 62 1.23 -4.17 -2.97
CA ILE A 62 -0.10 -4.02 -3.59
C ILE A 62 -0.48 -5.30 -4.34
N GLU A 63 0.30 -5.66 -5.36
CA GLU A 63 -0.12 -6.62 -6.39
C GLU A 63 -0.15 -8.07 -5.88
N CYS A 64 0.68 -8.41 -4.89
CA CYS A 64 0.77 -9.78 -4.38
C CYS A 64 -0.08 -10.02 -3.13
N GLU A 65 -0.38 -8.99 -2.33
CA GLU A 65 -1.17 -9.12 -1.09
C GLU A 65 -2.52 -8.38 -1.10
N SER A 66 -2.57 -7.15 -1.65
CA SER A 66 -3.81 -6.35 -1.76
C SER A 66 -4.67 -6.73 -2.97
N GLN A 67 -4.06 -7.38 -3.97
CA GLN A 67 -4.68 -7.86 -5.20
C GLN A 67 -4.52 -9.39 -5.32
N GLU A 68 -5.50 -10.07 -5.90
CA GLU A 68 -5.53 -11.56 -6.02
C GLU A 68 -5.65 -12.05 -7.47
N MET A 69 -5.94 -11.16 -8.43
CA MET A 69 -6.07 -11.45 -9.86
C MET A 69 -5.53 -10.30 -10.72
N ASN A 70 -5.10 -10.59 -11.95
CA ASN A 70 -4.68 -9.55 -12.90
C ASN A 70 -5.89 -8.74 -13.42
N PHE A 71 -5.84 -7.42 -13.24
CA PHE A 71 -6.98 -6.51 -13.45
C PHE A 71 -8.21 -6.93 -12.61
N GLY A 72 -7.99 -7.44 -11.39
CA GLY A 72 -9.02 -7.91 -10.47
C GLY A 72 -10.04 -6.84 -10.06
N LYS A 73 -11.22 -7.25 -9.60
CA LYS A 73 -12.40 -6.38 -9.47
C LYS A 73 -12.58 -5.82 -8.06
N LYS A 74 -13.31 -4.70 -8.00
CA LYS A 74 -13.55 -3.87 -6.79
C LYS A 74 -12.26 -3.32 -6.14
N LEU A 75 -11.12 -3.38 -6.83
CA LEU A 75 -9.80 -3.05 -6.29
C LEU A 75 -9.07 -2.10 -7.24
N ILE A 76 -8.95 -0.81 -6.86
CA ILE A 76 -8.11 0.18 -7.54
C ILE A 76 -6.97 0.60 -6.61
N LEU A 77 -5.83 0.98 -7.20
CA LEU A 77 -4.55 1.19 -6.53
C LEU A 77 -3.73 2.31 -7.20
N GLU A 78 -2.64 2.73 -6.55
CA GLU A 78 -1.56 3.51 -7.17
C GLU A 78 -0.20 3.14 -6.54
N VAL A 79 0.82 2.88 -7.37
CA VAL A 79 2.23 2.77 -6.95
C VAL A 79 2.97 4.03 -7.37
N SER A 80 3.60 4.71 -6.42
CA SER A 80 4.19 6.04 -6.60
C SER A 80 5.56 6.18 -5.93
N SER A 81 6.28 7.26 -6.21
CA SER A 81 7.63 7.52 -5.71
C SER A 81 7.71 8.74 -4.78
N SER A 82 8.91 9.16 -4.38
CA SER A 82 9.14 10.43 -3.69
C SER A 82 8.86 11.68 -4.55
N ASN A 83 8.51 11.52 -5.83
CA ASN A 83 7.98 12.59 -6.68
C ASN A 83 6.58 13.05 -6.20
N ALA A 84 6.11 14.20 -6.68
CA ALA A 84 4.77 14.74 -6.42
C ALA A 84 3.63 14.03 -7.17
N ARG A 85 3.93 13.03 -8.01
CA ARG A 85 3.01 12.32 -8.90
C ARG A 85 3.22 10.81 -8.83
N PRO A 9 15.34 5.18 -0.69
CA PRO A 9 14.41 5.45 -1.81
C PRO A 9 12.97 5.67 -1.32
N LYS A 10 12.59 6.90 -0.97
CA LYS A 10 11.24 7.24 -0.48
C LYS A 10 10.17 6.93 -1.52
N SER A 11 9.11 6.23 -1.13
CA SER A 11 8.06 5.71 -2.00
C SER A 11 6.66 5.83 -1.38
N ARG A 12 5.62 5.74 -2.20
CA ARG A 12 4.20 5.85 -1.80
C ARG A 12 3.39 4.67 -2.32
N LEU A 13 2.47 4.17 -1.49
CA LEU A 13 1.58 3.02 -1.69
C LEU A 13 0.15 3.44 -1.40
N PHE A 14 -0.71 3.52 -2.42
CA PHE A 14 -2.13 3.83 -2.27
C PHE A 14 -3.00 2.62 -2.66
N ILE A 15 -3.96 2.24 -1.80
CA ILE A 15 -5.05 1.33 -2.12
C ILE A 15 -6.37 2.09 -2.08
N GLY A 16 -7.23 1.89 -3.09
CA GLY A 16 -8.63 2.32 -3.08
C GLY A 16 -9.49 1.47 -2.15
N ASN A 17 -10.72 1.18 -2.57
CA ASN A 17 -11.77 0.52 -1.79
C ASN A 17 -11.41 -0.95 -1.45
N LEU A 18 -10.62 -1.14 -0.39
CA LEU A 18 -10.32 -2.45 0.22
C LEU A 18 -10.24 -2.34 1.76
N PRO A 19 -9.36 -1.51 2.36
CA PRO A 19 -9.40 -1.22 3.80
C PRO A 19 -10.53 -0.22 4.11
N LEU A 20 -11.64 -0.72 4.63
CA LEU A 20 -12.81 0.08 5.04
C LEU A 20 -12.97 0.16 6.56
N LYS A 21 -12.34 -0.77 7.29
CA LYS A 21 -12.25 -0.79 8.76
C LYS A 21 -10.97 -0.10 9.24
N ASN A 22 -10.88 0.24 10.52
CA ASN A 22 -9.69 0.87 11.09
C ASN A 22 -8.48 -0.10 11.10
N VAL A 23 -7.27 0.41 10.88
CA VAL A 23 -6.04 -0.39 10.75
C VAL A 23 -4.87 0.34 11.41
N SER A 24 -4.02 -0.40 12.15
CA SER A 24 -2.82 0.11 12.81
C SER A 24 -1.60 0.14 11.88
N LYS A 25 -0.68 1.06 12.16
CA LYS A 25 0.70 1.05 11.64
C LYS A 25 1.42 -0.28 11.85
N GLU A 26 0.99 -1.07 12.83
CA GLU A 26 1.54 -2.38 13.15
C GLU A 26 0.89 -3.48 12.33
N ASP A 27 -0.43 -3.40 12.10
CA ASP A 27 -1.17 -4.38 11.29
C ASP A 27 -0.64 -4.39 9.85
N LEU A 28 -0.54 -3.20 9.22
CA LEU A 28 -0.01 -3.07 7.87
C LEU A 28 1.49 -3.38 7.80
N PHE A 29 2.28 -3.03 8.83
CA PHE A 29 3.70 -3.34 8.87
C PHE A 29 3.96 -4.85 9.05
N ARG A 30 3.17 -5.54 9.88
CA ARG A 30 3.37 -6.98 10.12
C ARG A 30 2.90 -7.83 8.95
N ILE A 31 1.83 -7.45 8.24
CA ILE A 31 1.39 -8.17 7.04
C ILE A 31 2.25 -7.85 5.81
N PHE A 32 2.74 -6.61 5.65
CA PHE A 32 3.64 -6.25 4.53
C PHE A 32 5.14 -6.39 4.81
N SER A 33 5.57 -6.76 6.02
CA SER A 33 7.00 -7.00 6.34
C SER A 33 7.73 -7.89 5.31
N PRO A 34 7.22 -9.06 4.90
CA PRO A 34 7.87 -9.88 3.88
C PRO A 34 7.68 -9.35 2.44
N TYR A 35 6.80 -8.37 2.24
CA TYR A 35 6.55 -7.71 0.95
C TYR A 35 7.47 -6.49 0.75
N GLY A 36 7.91 -5.80 1.81
CA GLY A 36 8.79 -4.63 1.66
C GLY A 36 9.25 -3.89 2.92
N HIS A 37 9.98 -2.79 2.69
CA HIS A 37 10.86 -2.12 3.66
C HIS A 37 10.18 -1.07 4.57
N ILE A 38 9.02 -0.53 4.18
CA ILE A 38 8.16 0.47 4.89
C ILE A 38 8.79 1.85 5.19
N MET A 39 7.98 2.89 5.38
CA MET A 39 8.38 4.22 5.89
C MET A 39 7.36 4.82 6.87
N GLN A 40 6.12 5.10 6.46
CA GLN A 40 5.13 5.90 7.22
C GLN A 40 3.68 5.56 6.82
N ILE A 41 2.65 6.08 7.49
CA ILE A 41 1.23 5.73 7.25
C ILE A 41 0.27 6.92 7.22
N ASN A 42 -0.82 6.79 6.48
CA ASN A 42 -2.03 7.63 6.52
C ASN A 42 -3.23 6.76 6.10
N ILE A 43 -4.29 6.68 6.91
CA ILE A 43 -5.48 5.84 6.64
C ILE A 43 -6.76 6.60 7.01
N LYS A 44 -7.72 6.68 6.07
CA LYS A 44 -9.02 7.34 6.25
C LYS A 44 -10.11 6.66 5.40
N ASN A 45 -11.37 6.83 5.81
CA ASN A 45 -12.57 6.54 5.03
C ASN A 45 -12.60 5.10 4.45
N ALA A 46 -12.44 4.94 3.13
CA ALA A 46 -12.41 3.63 2.45
C ALA A 46 -11.09 3.35 1.72
N PHE A 47 -10.02 4.12 1.99
CA PHE A 47 -8.73 4.02 1.30
C PHE A 47 -7.56 3.87 2.30
N GLY A 48 -6.39 3.52 1.79
CA GLY A 48 -5.15 3.51 2.57
C GLY A 48 -3.99 4.14 1.80
N PHE A 49 -3.30 5.10 2.41
CA PHE A 49 -2.09 5.72 1.88
C PHE A 49 -0.90 5.37 2.79
N ILE A 50 -0.26 4.25 2.51
CA ILE A 50 0.97 3.82 3.17
C ILE A 50 2.17 4.43 2.42
N GLN A 51 3.26 4.67 3.11
CA GLN A 51 4.51 5.19 2.57
C GLN A 51 5.62 4.20 2.84
N PHE A 52 6.52 4.02 1.89
CA PHE A 52 7.48 2.92 1.83
C PHE A 52 8.90 3.39 1.54
N ASP A 53 9.87 2.52 1.78
CA ASP A 53 11.16 2.60 1.11
C ASP A 53 11.22 1.55 -0.02
N ASN A 54 11.82 1.95 -1.14
CA ASN A 54 11.86 1.30 -2.45
C ASN A 54 10.49 1.06 -3.14
N PRO A 55 10.41 1.18 -4.49
CA PRO A 55 9.15 1.01 -5.22
C PRO A 55 8.77 -0.46 -5.42
N GLN A 56 9.75 -1.36 -5.36
CA GLN A 56 9.53 -2.81 -5.50
C GLN A 56 8.69 -3.35 -4.35
N SER A 57 8.88 -2.80 -3.15
CA SER A 57 8.03 -2.97 -1.98
C SER A 57 6.59 -2.56 -2.24
N VAL A 58 6.37 -1.38 -2.84
CA VAL A 58 5.03 -0.86 -3.12
C VAL A 58 4.28 -1.78 -4.07
N ARG A 59 4.86 -2.06 -5.23
CA ARG A 59 4.24 -2.88 -6.27
C ARG A 59 4.10 -4.35 -5.84
N ASP A 60 5.07 -4.93 -5.12
CA ASP A 60 4.90 -6.29 -4.59
C ASP A 60 3.83 -6.34 -3.49
N ALA A 61 3.76 -5.36 -2.58
CA ALA A 61 2.73 -5.27 -1.55
C ALA A 61 1.33 -5.24 -2.18
N ILE A 62 1.07 -4.28 -3.08
CA ILE A 62 -0.27 -4.13 -3.65
C ILE A 62 -0.59 -5.24 -4.64
N GLU A 63 0.29 -5.55 -5.59
CA GLU A 63 0.00 -6.52 -6.66
C GLU A 63 -0.10 -7.97 -6.16
N CYS A 64 0.34 -8.27 -4.93
CA CYS A 64 0.25 -9.59 -4.30
C CYS A 64 -0.79 -9.68 -3.16
N GLU A 65 -1.17 -8.59 -2.48
CA GLU A 65 -2.26 -8.60 -1.48
C GLU A 65 -3.59 -8.11 -2.08
N SER A 66 -3.65 -6.87 -2.54
CA SER A 66 -4.84 -6.31 -3.21
C SER A 66 -5.06 -6.98 -4.57
N GLN A 67 -3.97 -7.34 -5.25
CA GLN A 67 -3.92 -8.01 -6.56
C GLN A 67 -4.71 -7.26 -7.64
N GLU A 68 -5.11 -7.95 -8.70
CA GLU A 68 -5.97 -7.43 -9.76
C GLU A 68 -7.23 -8.30 -9.87
N MET A 69 -8.37 -7.65 -10.09
CA MET A 69 -9.68 -8.28 -10.25
C MET A 69 -10.12 -8.30 -11.72
N ASN A 70 -11.05 -9.19 -12.07
CA ASN A 70 -11.58 -9.37 -13.42
C ASN A 70 -12.59 -8.29 -13.86
N PHE A 71 -12.41 -7.06 -13.38
CA PHE A 71 -13.25 -5.89 -13.66
C PHE A 71 -12.37 -4.65 -13.81
N GLY A 72 -12.65 -3.80 -14.81
CA GLY A 72 -11.99 -2.50 -14.99
C GLY A 72 -12.43 -1.51 -13.91
N LYS A 73 -11.57 -0.56 -13.52
CA LYS A 73 -11.86 0.45 -12.48
C LYS A 73 -12.44 -0.17 -11.19
N LYS A 74 -11.87 -1.30 -10.76
CA LYS A 74 -12.27 -2.08 -9.58
C LYS A 74 -11.04 -2.62 -8.87
N LEU A 75 -10.98 -2.50 -7.54
CA LEU A 75 -9.82 -2.89 -6.71
C LEU A 75 -8.53 -2.18 -7.16
N ILE A 76 -8.66 -0.90 -7.50
CA ILE A 76 -7.59 -0.07 -8.06
C ILE A 76 -6.67 0.54 -7.00
N LEU A 77 -5.48 0.96 -7.45
CA LEU A 77 -4.35 1.34 -6.64
C LEU A 77 -3.52 2.46 -7.29
N GLU A 78 -2.63 3.08 -6.53
CA GLU A 78 -1.60 3.96 -7.09
C GLU A 78 -0.24 3.67 -6.44
N VAL A 79 0.77 3.43 -7.28
CA VAL A 79 2.17 3.18 -6.89
C VAL A 79 3.04 4.37 -7.27
N SER A 80 3.98 4.73 -6.39
CA SER A 80 4.90 5.85 -6.60
C SER A 80 6.32 5.52 -6.11
N SER A 81 7.31 5.80 -6.95
CA SER A 81 8.76 5.74 -6.67
C SER A 81 9.27 6.99 -5.95
N SER A 82 8.40 7.98 -5.72
CA SER A 82 8.64 9.22 -4.98
C SER A 82 7.53 9.47 -3.95
N ASN A 83 7.82 10.16 -2.85
CA ASN A 83 6.86 10.38 -1.74
C ASN A 83 6.58 11.87 -1.47
N ALA A 84 5.34 12.19 -1.08
CA ALA A 84 4.91 13.52 -0.62
C ALA A 84 3.75 13.40 0.39
N ARG A 85 3.68 14.34 1.34
CA ARG A 85 2.78 14.34 2.51
C ARG A 85 2.86 13.08 3.35
#